data_9VDW
#
_entry.id   9VDW
#
_cell.length_a   62.210
_cell.length_b   70.893
_cell.length_c   130.330
_cell.angle_alpha   87.637
_cell.angle_beta   79.984
_cell.angle_gamma   89.929
#
_symmetry.space_group_name_H-M   'P 1'
#
loop_
_entity.id
_entity.type
_entity.pdbx_description
1 polymer 'Acarbose hydrolase'
2 water water
#
_entity_poly.entity_id   1
_entity_poly.type   'polypeptide(L)'
_entity_poly.pdbx_seq_one_letter_code
;MLKAWHLPVAPFIKEQQERLMITLWLSGDDLPPRVTLRAEEDNEELSLPMHRLRQAPHPGVVAWRGEINLVNGQPRRRYS
FKLLWADRQLWFTPQEFNRFPPARLEQFAVDLPDSGPQWVADQVFYQIFPDRFARSQSHDIVRKAWDEPLTAEAGGSTFY
GGDLDGISEKLPYLKQLGVTALYLNPVFVAPSVHKYDTEDYRRVDPQFGGDAALLRLRHNTQKEGMRLILDGVFNHSGDS
HYRSSTLIDEIYGGEDSVVRHWLKAPWSMDGWRLDVVHMLGEGGGARNNLRHIAGITQAAKLERPDAFVFGEHFGDARQW
LQADVEDSAMNYRGFTFPLWGFLANTDISYDPQKIDAQTCMAWMDNYRAGLSHQQQLRMFNQLDSHATARFKSLLGKDVA
RLPLAVVWLFSWPGVPCIYYGDEVGVDGNNDPFCRKPFPWDPALQDGDLLDLYKRMSKLRKAHQALRYGGCQVIYAEDNV
VVFVRVYKQQRVLVAINRGEACEVVIEDSPLLDVNGWQLKEGAGALHDGVLTLPAISASVWFSR
;
_entity_poly.pdbx_strand_id   A,B,C,D
#
# COMPACT_ATOMS: atom_id res chain seq x y z
N MET A 1 17.35 20.10 -7.08
CA MET A 1 17.65 18.81 -7.69
C MET A 1 18.48 17.97 -6.71
N LEU A 2 18.27 16.65 -6.70
CA LEU A 2 19.01 15.81 -5.78
C LEU A 2 20.45 15.60 -6.27
N LYS A 3 21.39 15.82 -5.36
CA LYS A 3 22.79 15.55 -5.60
C LYS A 3 23.29 14.65 -4.47
N ALA A 4 24.36 13.91 -4.76
CA ALA A 4 24.97 12.99 -3.81
C ALA A 4 26.47 12.92 -4.07
N TRP A 5 27.24 12.64 -3.02
CA TRP A 5 28.68 12.48 -3.16
C TRP A 5 29.12 11.36 -2.24
N HIS A 6 29.98 10.46 -2.76
CA HIS A 6 30.68 9.47 -1.95
C HIS A 6 31.84 8.91 -2.74
N LEU A 7 33.01 8.87 -2.11
CA LEU A 7 34.18 8.25 -2.68
C LEU A 7 34.72 7.26 -1.66
N PRO A 8 35.14 6.08 -2.07
CA PRO A 8 35.55 5.02 -1.12
C PRO A 8 36.91 5.32 -0.50
N VAL A 9 37.01 6.51 0.11
CA VAL A 9 38.27 7.00 0.64
C VAL A 9 37.92 8.09 1.65
N ALA A 10 38.86 8.37 2.57
CA ALA A 10 38.67 9.51 3.45
C ALA A 10 38.50 10.78 2.61
N PRO A 11 37.61 11.71 3.01
CA PRO A 11 36.88 11.80 4.28
C PRO A 11 35.53 11.06 4.31
N PHE A 12 35.23 10.24 3.30
CA PHE A 12 33.96 9.52 3.28
C PHE A 12 33.99 8.19 4.01
N ILE A 13 35.16 7.60 4.21
CA ILE A 13 35.26 6.35 4.95
C ILE A 13 36.37 6.48 5.98
N LYS A 14 36.26 5.66 7.00
CA LYS A 14 37.16 5.70 8.15
C LYS A 14 37.00 4.41 8.91
N GLU A 15 38.10 3.72 9.18
CA GLU A 15 38.07 2.53 10.02
C GLU A 15 38.25 2.95 11.47
N GLN A 16 37.51 2.31 12.36
CA GLN A 16 37.58 2.66 13.77
C GLN A 16 37.33 1.35 14.52
N GLN A 17 38.41 0.77 15.03
CA GLN A 17 38.41 -0.57 15.59
C GLN A 17 38.09 -1.56 14.49
N GLU A 18 37.03 -2.36 14.65
CA GLU A 18 36.61 -3.30 13.62
C GLU A 18 35.37 -2.82 12.88
N ARG A 19 35.25 -1.51 12.71
CA ARG A 19 34.06 -0.90 12.11
C ARG A 19 34.50 -0.01 10.96
N LEU A 20 33.82 -0.13 9.82
CA LEU A 20 34.08 0.73 8.68
C LEU A 20 32.97 1.78 8.66
N MET A 21 33.34 3.03 8.98
CA MET A 21 32.39 4.13 9.00
C MET A 21 32.25 4.69 7.59
N ILE A 22 31.02 4.75 7.10
CA ILE A 22 30.74 5.19 5.74
C ILE A 22 29.84 6.43 5.79
N THR A 23 30.20 7.43 5.01
CA THR A 23 29.47 8.69 5.02
C THR A 23 29.01 9.01 3.60
N LEU A 24 27.76 9.45 3.48
CA LEU A 24 27.19 9.88 2.23
C LEU A 24 26.80 11.35 2.34
N TRP A 25 27.10 12.10 1.30
CA TRP A 25 26.69 13.51 1.23
C TRP A 25 25.50 13.60 0.31
N LEU A 26 24.50 14.40 0.71
CA LEU A 26 23.34 14.69 -0.11
C LEU A 26 23.06 16.18 -0.15
N SER A 27 22.38 16.60 -1.22
CA SER A 27 21.94 17.99 -1.40
C SER A 27 20.76 18.02 -2.37
N GLY A 28 19.81 18.90 -2.10
CA GLY A 28 18.66 19.03 -2.96
C GLY A 28 17.43 19.34 -2.13
N ASP A 29 16.28 19.41 -2.84
CA ASP A 29 15.05 19.96 -2.29
C ASP A 29 14.13 18.94 -1.64
N ASP A 30 14.16 17.67 -2.05
CA ASP A 30 13.25 16.66 -1.49
C ASP A 30 14.10 15.49 -1.01
N LEU A 31 14.84 15.72 0.07
CA LEU A 31 15.83 14.77 0.51
C LEU A 31 15.14 13.52 1.05
N PRO A 32 15.74 12.35 0.87
CA PRO A 32 15.16 11.13 1.42
C PRO A 32 15.14 11.16 2.94
N PRO A 33 13.98 10.96 3.55
CA PRO A 33 13.94 10.88 5.02
C PRO A 33 14.62 9.61 5.56
N ARG A 34 14.91 8.62 4.72
CA ARG A 34 15.70 7.46 5.15
C ARG A 34 16.74 7.14 4.09
N VAL A 35 17.89 6.66 4.54
CA VAL A 35 18.90 6.08 3.66
C VAL A 35 19.41 4.83 4.34
N THR A 36 19.51 3.74 3.60
CA THR A 36 20.10 2.54 4.15
C THR A 36 21.39 2.22 3.41
N LEU A 37 22.34 1.68 4.15
CA LEU A 37 23.60 1.22 3.62
C LEU A 37 23.41 -0.24 3.24
N ARG A 38 23.44 -0.52 1.95
CA ARG A 38 23.23 -1.86 1.44
C ARG A 38 24.62 -2.51 1.29
N ALA A 39 24.90 -3.50 2.12
CA ALA A 39 26.25 -4.06 2.28
C ALA A 39 26.28 -5.58 2.43
N ASP A 42 28.17 -9.53 6.17
CA ASP A 42 29.00 -10.70 6.40
C ASP A 42 28.58 -11.90 5.51
N ASN A 43 29.05 -11.90 4.25
CA ASN A 43 28.83 -12.97 3.28
C ASN A 43 27.38 -13.03 2.76
N GLU A 44 26.50 -12.20 3.34
CA GLU A 44 25.10 -12.07 2.94
C GLU A 44 24.81 -10.58 2.73
N GLU A 45 23.86 -10.26 1.84
CA GLU A 45 23.48 -8.87 1.63
C GLU A 45 22.68 -8.35 2.84
N LEU A 46 23.13 -7.25 3.43
CA LEU A 46 22.49 -6.66 4.59
C LEU A 46 21.99 -5.25 4.31
N SER A 47 20.85 -4.91 4.91
CA SER A 47 20.33 -3.54 4.91
C SER A 47 20.69 -2.93 6.26
N LEU A 48 21.75 -2.10 6.28
CA LEU A 48 22.33 -1.46 7.47
C LEU A 48 21.82 -0.05 7.60
N PRO A 49 21.34 0.34 8.78
CA PRO A 49 20.73 1.66 8.93
C PRO A 49 21.75 2.79 8.95
N MET A 50 21.40 3.89 8.31
CA MET A 50 22.20 5.09 8.38
C MET A 50 21.46 6.13 9.20
N HIS A 51 22.22 7.00 9.85
CA HIS A 51 21.62 8.11 10.59
C HIS A 51 22.16 9.41 10.01
N ARG A 52 21.37 10.47 10.15
CA ARG A 52 21.71 11.77 9.64
C ARG A 52 22.56 12.49 10.70
N LEU A 53 23.67 13.10 10.29
CA LEU A 53 24.52 13.81 11.24
C LEU A 53 23.99 15.21 11.50
N ARG A 54 24.27 15.71 12.70
CA ARG A 54 23.79 17.05 13.03
C ARG A 54 24.57 18.11 12.27
N GLN A 55 25.88 17.88 12.08
CA GLN A 55 26.77 18.89 11.52
C GLN A 55 26.79 18.74 10.00
N ALA A 56 26.49 19.82 9.28
CA ALA A 56 26.68 19.85 7.85
C ALA A 56 28.17 19.83 7.53
N PRO A 57 28.67 18.87 6.75
CA PRO A 57 30.10 18.90 6.41
C PRO A 57 30.44 20.06 5.49
N HIS A 58 29.49 20.51 4.68
CA HIS A 58 29.69 21.61 3.75
C HIS A 58 28.36 22.35 3.59
N PRO A 59 28.40 23.62 3.21
CA PRO A 59 27.15 24.40 3.13
C PRO A 59 26.16 23.74 2.17
N GLY A 60 24.92 23.61 2.61
CA GLY A 60 23.89 23.00 1.79
C GLY A 60 23.99 21.50 1.64
N VAL A 61 24.81 20.84 2.44
CA VAL A 61 25.03 19.40 2.37
C VAL A 61 24.61 18.75 3.69
N VAL A 62 23.79 17.71 3.61
CA VAL A 62 23.53 16.87 4.77
C VAL A 62 24.32 15.58 4.60
N ALA A 63 24.82 15.06 5.71
CA ALA A 63 25.61 13.84 5.72
C ALA A 63 24.85 12.74 6.45
N TRP A 64 24.91 11.53 5.90
CA TRP A 64 24.37 10.33 6.49
C TRP A 64 25.52 9.38 6.78
N ARG A 65 25.47 8.71 7.92
CA ARG A 65 26.55 7.81 8.31
C ARG A 65 26.00 6.45 8.69
N GLY A 66 26.63 5.40 8.17
CA GLY A 66 26.37 4.05 8.62
C GLY A 66 27.68 3.38 8.92
N GLU A 67 27.68 2.07 9.18
CA GLU A 67 28.94 1.40 9.45
C GLU A 67 28.79 -0.09 9.20
N ILE A 68 29.88 -0.69 8.73
CA ILE A 68 29.98 -2.12 8.46
C ILE A 68 30.83 -2.77 9.54
N ASN A 69 30.40 -3.92 10.04
CA ASN A 69 31.20 -4.67 11.01
C ASN A 69 32.23 -5.52 10.28
N LEU A 70 33.51 -5.24 10.52
CA LEU A 70 34.64 -5.87 9.84
C LEU A 70 35.07 -7.18 10.47
N VAL A 71 34.47 -7.58 11.60
CA VAL A 71 34.93 -8.79 12.27
C VAL A 71 34.65 -9.99 11.38
N ASN A 72 33.44 -10.05 10.84
CA ASN A 72 32.94 -11.12 10.01
C ASN A 72 32.78 -10.65 8.57
N GLY A 73 33.42 -11.34 7.63
CA GLY A 73 33.18 -11.05 6.23
C GLY A 73 34.42 -11.22 5.38
N GLN A 74 34.19 -11.31 4.07
CA GLN A 74 35.31 -11.33 3.15
C GLN A 74 35.98 -9.95 3.16
N PRO A 75 37.26 -9.88 2.80
CA PRO A 75 37.99 -8.60 2.94
C PRO A 75 37.49 -7.51 2.03
N ARG A 76 36.99 -7.85 0.84
CA ARG A 76 36.49 -6.84 -0.09
C ARG A 76 35.09 -6.40 0.35
N ARG A 77 34.97 -5.18 0.83
CA ARG A 77 33.72 -4.66 1.38
C ARG A 77 32.99 -3.92 0.28
N ARG A 78 31.92 -4.52 -0.22
CA ARG A 78 31.09 -3.92 -1.25
C ARG A 78 29.89 -3.23 -0.62
N TYR A 79 29.50 -2.08 -1.17
CA TYR A 79 28.32 -1.40 -0.65
C TYR A 79 27.80 -0.39 -1.66
N SER A 80 26.54 -0.02 -1.44
CA SER A 80 25.92 1.07 -2.18
C SER A 80 24.85 1.66 -1.28
N PHE A 81 24.22 2.72 -1.75
CA PHE A 81 23.30 3.51 -0.95
C PHE A 81 21.90 3.40 -1.54
N LYS A 82 20.94 3.07 -0.67
CA LYS A 82 19.54 2.92 -1.04
C LYS A 82 18.81 4.10 -0.38
N LEU A 83 18.48 5.10 -1.19
CA LEU A 83 17.76 6.26 -0.71
C LEU A 83 16.26 5.96 -0.73
N LEU A 84 15.56 6.27 0.37
CA LEU A 84 14.17 5.82 0.56
C LEU A 84 13.27 7.02 0.81
N TRP A 85 12.24 7.16 -0.02
CA TRP A 85 11.15 8.09 0.21
C TRP A 85 9.93 7.26 0.60
N ALA A 86 8.83 7.94 0.92
CA ALA A 86 7.63 7.21 1.34
C ALA A 86 7.10 6.29 0.25
N ASP A 87 7.35 6.62 -1.03
CA ASP A 87 6.75 5.86 -2.11
C ASP A 87 7.72 5.33 -3.16
N ARG A 88 9.02 5.56 -3.00
CA ARG A 88 9.97 5.22 -4.05
C ARG A 88 11.38 5.14 -3.47
N GLN A 89 12.31 4.68 -4.28
CA GLN A 89 13.69 4.55 -3.88
C GLN A 89 14.60 4.91 -5.04
N LEU A 90 15.85 5.21 -4.70
CA LEU A 90 16.86 5.56 -5.68
C LEU A 90 18.21 5.07 -5.17
N TRP A 91 19.05 4.51 -6.05
CA TRP A 91 20.34 3.97 -5.65
C TRP A 91 21.46 4.95 -6.00
N PHE A 92 22.44 5.11 -5.12
CA PHE A 92 23.65 5.85 -5.42
C PHE A 92 24.83 4.88 -5.50
N THR A 93 25.61 4.99 -6.59
CA THR A 93 26.61 4.01 -6.97
C THR A 93 27.86 4.73 -7.45
N PRO A 94 28.97 4.03 -7.75
CA PRO A 94 30.11 4.70 -8.40
C PRO A 94 29.75 5.36 -9.72
N GLN A 95 28.61 5.01 -10.31
CA GLN A 95 28.17 5.61 -11.55
C GLN A 95 26.90 6.44 -11.35
N GLU A 96 26.90 7.30 -10.32
CA GLU A 96 25.78 8.20 -10.04
C GLU A 96 24.51 7.46 -9.61
N PHE A 97 23.34 8.03 -9.87
CA PHE A 97 22.10 7.42 -9.41
C PHE A 97 21.66 6.33 -10.36
N ASN A 98 20.98 5.32 -9.79
CA ASN A 98 20.38 4.22 -10.53
C ASN A 98 18.96 4.03 -10.01
N ARG A 99 18.01 3.85 -10.94
CA ARG A 99 16.63 3.61 -10.56
C ARG A 99 16.37 2.14 -10.22
N PHE A 100 17.19 1.22 -10.70
CA PHE A 100 17.10 -0.17 -10.33
C PHE A 100 18.41 -0.59 -9.68
N PRO A 101 18.42 -1.71 -8.97
CA PRO A 101 19.61 -2.08 -8.15
C PRO A 101 20.87 -2.15 -8.97
N PRO A 102 22.01 -1.69 -8.45
CA PRO A 102 23.26 -1.84 -9.20
C PRO A 102 23.72 -3.30 -9.23
N ALA A 103 24.48 -3.65 -10.28
CA ALA A 103 25.19 -4.90 -10.30
C ALA A 103 26.07 -5.04 -9.07
N ARG A 104 26.14 -6.26 -8.54
CA ARG A 104 26.95 -6.51 -7.34
C ARG A 104 28.40 -6.10 -7.55
N LEU A 105 28.95 -6.39 -8.72
CA LEU A 105 30.33 -6.06 -9.04
C LEU A 105 30.51 -4.63 -9.53
N GLU A 106 29.47 -3.78 -9.48
CA GLU A 106 29.58 -2.37 -9.81
C GLU A 106 29.19 -1.50 -8.62
N GLN A 107 29.39 -1.99 -7.41
CA GLN A 107 29.20 -1.21 -6.21
C GLN A 107 30.48 -0.46 -5.86
N PHE A 108 30.39 0.40 -4.86
CA PHE A 108 31.59 0.86 -4.18
C PHE A 108 32.27 -0.34 -3.52
N ALA A 109 33.60 -0.32 -3.46
CA ALA A 109 34.30 -1.42 -2.79
C ALA A 109 35.65 -0.97 -2.27
N VAL A 110 35.96 -1.38 -1.02
CA VAL A 110 37.27 -1.18 -0.41
C VAL A 110 37.77 -2.51 0.15
N ASP A 111 39.06 -2.72 0.08
CA ASP A 111 39.66 -3.95 0.56
C ASP A 111 40.19 -3.69 1.96
N LEU A 112 39.51 -4.26 2.96
CA LEU A 112 39.83 -4.07 4.38
C LEU A 112 39.60 -5.38 5.12
N PRO A 113 40.65 -6.10 5.52
CA PRO A 113 42.06 -5.75 5.32
C PRO A 113 42.54 -5.97 3.86
N ASP A 114 43.55 -5.20 3.45
CA ASP A 114 44.09 -5.24 2.08
C ASP A 114 45.35 -6.09 2.05
N SER A 115 45.29 -7.24 1.36
CA SER A 115 46.45 -8.11 1.19
C SER A 115 47.19 -7.89 -0.12
N GLY A 116 46.80 -6.91 -0.93
CA GLY A 116 47.47 -6.61 -2.17
C GLY A 116 48.83 -5.97 -1.93
N PRO A 117 49.61 -5.81 -3.00
CA PRO A 117 50.98 -5.28 -2.87
C PRO A 117 51.00 -3.80 -2.56
N GLN A 118 51.23 -3.45 -1.29
CA GLN A 118 51.05 -2.08 -0.83
C GLN A 118 51.97 -1.09 -1.52
N TRP A 119 53.12 -1.56 -2.00
CA TRP A 119 54.11 -0.67 -2.56
C TRP A 119 53.80 -0.20 -3.98
N VAL A 120 52.85 -0.83 -4.68
CA VAL A 120 52.69 -0.53 -6.10
C VAL A 120 52.19 0.90 -6.31
N ALA A 121 51.25 1.35 -5.46
CA ALA A 121 50.72 2.69 -5.59
C ALA A 121 51.79 3.77 -5.48
N ASP A 122 52.91 3.47 -4.82
CA ASP A 122 53.94 4.50 -4.65
C ASP A 122 54.96 4.50 -5.79
N GLN A 123 54.78 3.67 -6.82
CA GLN A 123 55.82 3.50 -7.84
C GLN A 123 55.52 4.36 -9.06
N VAL A 124 56.57 4.61 -9.84
CA VAL A 124 56.45 5.04 -11.22
C VAL A 124 57.24 4.02 -12.03
N PHE A 125 56.54 3.23 -12.86
CA PHE A 125 57.19 2.14 -13.59
C PHE A 125 57.77 2.65 -14.91
N TYR A 126 58.80 1.92 -15.36
CA TYR A 126 59.46 2.17 -16.64
C TYR A 126 59.62 0.82 -17.32
N GLN A 127 59.05 0.67 -18.51
CA GLN A 127 59.09 -0.59 -19.25
C GLN A 127 60.21 -0.56 -20.30
N ILE A 128 61.10 -1.55 -20.26
CA ILE A 128 62.27 -1.58 -21.13
C ILE A 128 62.18 -2.77 -22.06
N PHE A 129 62.42 -2.52 -23.35
CA PHE A 129 62.76 -3.54 -24.34
C PHE A 129 64.28 -3.57 -24.44
N PRO A 130 64.97 -4.53 -23.81
CA PRO A 130 66.41 -4.36 -23.55
C PRO A 130 67.26 -4.15 -24.80
N ASP A 131 66.89 -4.73 -25.94
CA ASP A 131 67.79 -4.67 -27.09
C ASP A 131 67.97 -3.25 -27.59
N ARG A 132 66.99 -2.38 -27.40
CA ARG A 132 67.03 -1.03 -27.94
C ARG A 132 67.24 0.05 -26.89
N PHE A 133 67.59 -0.31 -25.65
CA PHE A 133 67.67 0.73 -24.63
C PHE A 133 69.09 1.25 -24.45
N ALA A 134 70.00 0.41 -23.97
CA ALA A 134 71.34 0.89 -23.66
C ALA A 134 72.31 -0.28 -23.73
N ARG A 135 73.34 -0.14 -24.57
CA ARG A 135 74.47 -1.07 -24.58
C ARG A 135 75.45 -0.65 -23.50
N SER A 136 76.08 -1.62 -22.85
CA SER A 136 77.05 -1.29 -21.83
C SER A 136 78.35 -0.83 -22.48
N GLN A 137 78.83 0.35 -22.06
CA GLN A 137 80.03 0.92 -22.63
C GLN A 137 81.26 0.07 -22.31
N GLY A 156 74.78 -5.48 -36.21
CA GLY A 156 73.77 -6.50 -36.00
C GLY A 156 72.60 -6.44 -36.97
N SER A 157 71.98 -7.60 -37.20
CA SER A 157 70.83 -7.72 -38.10
C SER A 157 69.71 -6.80 -37.67
N THR A 158 69.01 -7.17 -36.59
CA THR A 158 68.15 -6.26 -35.85
C THR A 158 68.47 -6.25 -34.36
N PHE A 159 69.51 -6.98 -33.94
CA PHE A 159 70.01 -6.85 -32.57
C PHE A 159 70.84 -5.58 -32.53
N TYR A 160 70.37 -4.55 -31.83
CA TYR A 160 71.21 -3.38 -31.62
C TYR A 160 72.30 -3.68 -30.62
N GLY A 161 72.07 -4.65 -29.74
CA GLY A 161 73.07 -5.14 -28.81
C GLY A 161 73.00 -4.53 -27.44
N GLY A 162 71.94 -3.80 -27.11
CA GLY A 162 71.76 -3.33 -25.76
C GLY A 162 71.47 -4.48 -24.82
N ASP A 163 71.84 -4.32 -23.56
CA ASP A 163 71.75 -5.43 -22.62
C ASP A 163 71.44 -4.89 -21.23
N LEU A 164 71.37 -5.81 -20.27
CA LEU A 164 71.00 -5.46 -18.91
C LEU A 164 72.07 -4.61 -18.24
N ASP A 165 73.35 -4.83 -18.57
CA ASP A 165 74.39 -3.99 -17.99
C ASP A 165 74.28 -2.57 -18.49
N GLY A 166 73.75 -2.37 -19.69
CA GLY A 166 73.41 -1.03 -20.13
C GLY A 166 72.36 -0.41 -19.23
N ILE A 167 71.35 -1.21 -18.83
CA ILE A 167 70.34 -0.71 -17.92
C ILE A 167 70.95 -0.30 -16.60
N SER A 168 71.84 -1.14 -16.05
CA SER A 168 72.51 -0.79 -14.81
C SER A 168 73.22 0.54 -14.93
N GLU A 169 73.94 0.75 -16.04
CA GLU A 169 74.66 1.99 -16.26
C GLU A 169 73.74 3.20 -16.37
N LYS A 170 72.49 3.00 -16.78
CA LYS A 170 71.53 4.08 -16.95
C LYS A 170 70.62 4.25 -15.74
N LEU A 171 70.87 3.55 -14.64
CA LEU A 171 70.04 3.75 -13.44
C LEU A 171 70.05 5.20 -12.96
N PRO A 172 71.16 5.96 -13.01
CA PRO A 172 71.05 7.39 -12.67
C PRO A 172 70.08 8.15 -13.54
N TYR A 173 70.10 7.94 -14.86
CA TYR A 173 69.16 8.63 -15.75
C TYR A 173 67.71 8.39 -15.33
N LEU A 174 67.36 7.13 -15.07
CA LEU A 174 65.98 6.80 -14.69
C LEU A 174 65.63 7.33 -13.30
N LYS A 175 66.59 7.34 -12.38
CA LYS A 175 66.36 7.93 -11.06
C LYS A 175 65.98 9.40 -11.20
N GLN A 176 66.71 10.14 -12.05
CA GLN A 176 66.41 11.55 -12.31
C GLN A 176 65.06 11.72 -12.98
N LEU A 177 64.61 10.71 -13.72
CA LEU A 177 63.33 10.77 -14.43
C LEU A 177 62.14 10.67 -13.47
N GLY A 178 62.33 10.08 -12.29
CA GLY A 178 61.25 9.79 -11.38
C GLY A 178 60.90 8.32 -11.32
N VAL A 179 61.62 7.49 -12.09
CA VAL A 179 61.40 6.05 -12.13
C VAL A 179 61.80 5.42 -10.80
N THR A 180 60.98 4.48 -10.33
CA THR A 180 61.22 3.72 -9.12
C THR A 180 61.05 2.22 -9.33
N ALA A 181 60.68 1.79 -10.52
CA ALA A 181 60.42 0.38 -10.75
C ALA A 181 60.64 0.10 -12.23
N LEU A 182 61.31 -1.00 -12.53
CA LEU A 182 61.57 -1.39 -13.90
C LEU A 182 60.77 -2.65 -14.22
N TYR A 183 60.29 -2.70 -15.45
CA TYR A 183 59.55 -3.83 -16.00
C TYR A 183 60.30 -4.24 -17.26
N LEU A 184 60.93 -5.41 -17.20
CA LEU A 184 61.73 -5.91 -18.31
C LEU A 184 60.91 -6.85 -19.19
N ASN A 185 60.87 -6.55 -20.48
CA ASN A 185 60.07 -7.33 -21.40
C ASN A 185 60.69 -7.29 -22.79
N PRO A 186 61.27 -8.39 -23.28
CA PRO A 186 61.43 -9.70 -22.64
C PRO A 186 62.71 -9.85 -21.82
N VAL A 187 62.93 -11.03 -21.27
CA VAL A 187 64.12 -11.28 -20.46
C VAL A 187 64.69 -12.64 -20.81
N PHE A 188 63.81 -13.63 -20.86
CA PHE A 188 64.17 -15.02 -20.95
C PHE A 188 64.22 -15.45 -22.40
N VAL A 189 64.96 -16.53 -22.65
CA VAL A 189 64.94 -17.19 -23.95
C VAL A 189 63.68 -18.03 -23.99
N ALA A 190 62.73 -17.63 -24.84
CA ALA A 190 61.47 -18.36 -24.99
C ALA A 190 61.10 -18.34 -26.45
N TYR A 201 64.13 -24.60 -19.04
CA TYR A 201 62.94 -24.09 -18.35
C TYR A 201 62.89 -22.56 -18.38
N ARG A 202 63.97 -21.91 -17.96
CA ARG A 202 63.97 -20.46 -17.80
C ARG A 202 65.39 -19.94 -17.64
N ARG A 203 65.88 -19.24 -18.66
CA ARG A 203 67.21 -18.67 -18.63
C ARG A 203 67.16 -17.30 -19.29
N VAL A 204 67.85 -16.32 -18.68
CA VAL A 204 67.97 -15.01 -19.29
C VAL A 204 68.70 -15.11 -20.63
N ASP A 205 68.21 -14.35 -21.60
CA ASP A 205 68.77 -14.37 -22.94
C ASP A 205 70.26 -14.06 -22.90
N PRO A 206 71.11 -14.89 -23.53
CA PRO A 206 72.56 -14.60 -23.55
C PRO A 206 72.87 -13.31 -24.28
N GLN A 207 72.02 -12.89 -25.21
CA GLN A 207 72.21 -11.61 -25.86
C GLN A 207 71.94 -10.42 -24.95
N PHE A 208 71.28 -10.63 -23.80
CA PHE A 208 71.08 -9.54 -22.84
C PHE A 208 72.13 -9.55 -21.73
N GLY A 209 73.10 -10.45 -21.79
CA GLY A 209 74.09 -10.59 -20.73
C GLY A 209 73.92 -11.82 -19.87
N GLY A 210 72.85 -12.60 -20.09
CA GLY A 210 72.63 -13.83 -19.38
C GLY A 210 72.23 -13.57 -17.96
N ASP A 211 72.11 -14.67 -17.21
CA ASP A 211 71.64 -14.59 -15.82
C ASP A 211 72.57 -13.74 -14.98
N ALA A 212 73.87 -13.76 -15.28
CA ALA A 212 74.83 -13.03 -14.46
C ALA A 212 74.59 -11.53 -14.57
N ALA A 213 74.25 -11.05 -15.77
CA ALA A 213 73.91 -9.65 -15.92
C ALA A 213 72.60 -9.32 -15.20
N LEU A 214 71.66 -10.26 -15.17
CA LEU A 214 70.42 -10.02 -14.44
C LEU A 214 70.67 -9.93 -12.93
N LEU A 215 71.52 -10.81 -12.38
CA LEU A 215 71.88 -10.71 -10.97
C LEU A 215 72.49 -9.35 -10.64
N ARG A 216 73.36 -8.83 -11.51
CA ARG A 216 73.90 -7.49 -11.26
C ARG A 216 72.80 -6.45 -11.29
N LEU A 217 71.85 -6.58 -12.22
CA LEU A 217 70.78 -5.60 -12.32
C LEU A 217 69.89 -5.63 -11.09
N ARG A 218 69.61 -6.82 -10.56
CA ARG A 218 68.89 -6.89 -9.30
C ARG A 218 69.63 -6.17 -8.21
N HIS A 219 70.92 -6.48 -8.08
CA HIS A 219 71.74 -5.87 -7.04
C HIS A 219 71.74 -4.35 -7.17
N ASN A 220 71.87 -3.86 -8.41
CA ASN A 220 71.98 -2.41 -8.60
C ASN A 220 70.65 -1.70 -8.36
N THR A 221 69.52 -2.32 -8.74
CA THR A 221 68.23 -1.67 -8.48
C THR A 221 67.90 -1.66 -7.00
N GLN A 222 68.27 -2.71 -6.26
CA GLN A 222 68.14 -2.71 -4.81
C GLN A 222 68.92 -1.55 -4.20
N LYS A 223 70.15 -1.34 -4.66
CA LYS A 223 70.99 -0.25 -4.16
C LYS A 223 70.37 1.12 -4.46
N GLU A 224 69.60 1.24 -5.54
CA GLU A 224 68.91 2.49 -5.90
C GLU A 224 67.47 2.56 -5.37
N GLY A 225 67.03 1.60 -4.57
CA GLY A 225 65.65 1.59 -4.12
C GLY A 225 64.61 1.35 -5.19
N MET A 226 64.99 0.75 -6.33
CA MET A 226 64.07 0.53 -7.43
C MET A 226 63.54 -0.90 -7.44
N ARG A 227 62.25 -1.03 -7.76
CA ARG A 227 61.66 -2.34 -7.90
C ARG A 227 62.00 -2.91 -9.27
N LEU A 228 61.85 -4.23 -9.39
CA LEU A 228 62.21 -4.92 -10.63
C LEU A 228 61.19 -6.01 -10.90
N ILE A 229 60.56 -5.95 -12.09
CA ILE A 229 59.51 -6.86 -12.53
C ILE A 229 59.92 -7.50 -13.85
N LEU A 230 59.73 -8.82 -13.97
CA LEU A 230 60.12 -9.57 -15.17
C LEU A 230 58.90 -10.11 -15.92
N ASP A 231 59.05 -10.19 -17.24
CA ASP A 231 58.06 -10.85 -18.08
C ASP A 231 58.27 -12.36 -18.03
N GLY A 232 57.17 -13.11 -17.93
CA GLY A 232 57.30 -14.56 -17.84
C GLY A 232 56.83 -15.30 -19.09
N SER A 257 58.30 -25.03 -9.77
CA SER A 257 57.69 -23.71 -9.89
C SER A 257 58.65 -22.65 -10.39
N VAL A 258 58.54 -22.31 -11.68
CA VAL A 258 59.33 -21.22 -12.25
C VAL A 258 59.00 -19.90 -11.57
N VAL A 259 57.72 -19.69 -11.25
CA VAL A 259 57.31 -18.42 -10.63
C VAL A 259 58.01 -18.21 -9.30
N ARG A 260 57.99 -19.22 -8.43
CA ARG A 260 58.60 -19.05 -7.13
C ARG A 260 60.12 -18.88 -7.24
N HIS A 261 60.74 -19.59 -8.19
CA HIS A 261 62.19 -19.58 -8.30
C HIS A 261 62.75 -18.17 -8.50
N TRP A 262 62.12 -17.37 -9.36
CA TRP A 262 62.66 -16.05 -9.63
C TRP A 262 62.27 -15.03 -8.59
N LEU A 263 61.29 -15.36 -7.74
CA LEU A 263 60.96 -14.59 -6.55
C LEU A 263 61.76 -15.02 -5.34
N LYS A 264 62.46 -16.17 -5.41
CA LYS A 264 63.38 -16.62 -4.38
C LYS A 264 64.61 -15.73 -4.36
N ALA A 265 65.31 -15.73 -3.22
CA ALA A 265 66.68 -15.28 -3.23
C ALA A 265 67.53 -16.26 -4.04
N PRO A 266 68.60 -15.79 -4.71
CA PRO A 266 69.13 -14.43 -4.77
C PRO A 266 68.44 -13.61 -5.84
N TRP A 267 67.44 -14.18 -6.50
CA TRP A 267 66.80 -13.45 -7.59
C TRP A 267 65.87 -12.38 -7.05
N SER A 268 65.01 -12.74 -6.09
CA SER A 268 64.19 -11.78 -5.32
C SER A 268 63.60 -10.70 -6.22
N MET A 269 62.98 -11.14 -7.31
CA MET A 269 62.23 -10.21 -8.14
C MET A 269 60.98 -9.77 -7.41
N ASP A 270 60.47 -8.60 -7.79
CA ASP A 270 59.34 -7.98 -7.11
C ASP A 270 57.99 -8.44 -7.64
N GLY A 271 57.95 -9.11 -8.80
CA GLY A 271 56.71 -9.66 -9.28
C GLY A 271 56.86 -10.14 -10.71
N TRP A 272 55.73 -10.57 -11.28
CA TRP A 272 55.65 -11.19 -12.59
C TRP A 272 54.58 -10.52 -13.43
N ARG A 273 54.84 -10.48 -14.73
CA ARG A 273 53.80 -10.19 -15.70
C ARG A 273 53.44 -11.50 -16.38
N LEU A 274 52.18 -11.92 -16.24
CA LEU A 274 51.71 -13.19 -16.83
C LEU A 274 51.15 -13.00 -18.24
N ILE A 293 45.76 -20.08 -13.22
CA ILE A 293 45.97 -18.64 -13.23
C ILE A 293 46.05 -18.12 -11.80
N ALA A 294 45.01 -18.41 -11.01
CA ALA A 294 45.04 -18.06 -9.60
C ALA A 294 46.09 -18.86 -8.87
N GLY A 295 46.33 -20.10 -9.31
CA GLY A 295 47.37 -20.92 -8.73
C GLY A 295 48.76 -20.32 -8.88
N ILE A 296 49.04 -19.70 -10.03
CA ILE A 296 50.30 -18.99 -10.21
C ILE A 296 50.43 -17.86 -9.19
N THR A 297 49.39 -17.04 -9.08
CA THR A 297 49.41 -15.91 -8.16
C THR A 297 49.58 -16.39 -6.72
N GLN A 298 48.86 -17.44 -6.33
CA GLN A 298 48.97 -17.94 -4.97
C GLN A 298 50.37 -18.46 -4.69
N ALA A 299 50.96 -19.17 -5.65
CA ALA A 299 52.33 -19.64 -5.49
C ALA A 299 53.28 -18.46 -5.42
N ALA A 300 53.05 -17.44 -6.24
CA ALA A 300 53.88 -16.25 -6.20
C ALA A 300 53.80 -15.59 -4.82
N LYS A 301 52.60 -15.52 -4.23
CA LYS A 301 52.45 -14.88 -2.93
C LYS A 301 53.06 -15.72 -1.82
N LEU A 302 53.03 -17.06 -1.96
CA LEU A 302 53.66 -17.92 -0.96
C LEU A 302 55.15 -17.64 -0.85
N GLU A 303 55.83 -17.57 -1.99
CA GLU A 303 57.27 -17.29 -1.97
C GLU A 303 57.55 -15.87 -1.47
N ARG A 304 56.75 -14.89 -1.91
CA ARG A 304 57.00 -13.49 -1.60
C ARG A 304 55.67 -12.78 -1.38
N PRO A 305 55.30 -12.50 -0.12
CA PRO A 305 53.92 -12.05 0.17
C PRO A 305 53.55 -10.75 -0.53
N ASP A 306 54.51 -9.85 -0.77
CA ASP A 306 54.22 -8.61 -1.48
C ASP A 306 54.61 -8.68 -2.96
N ALA A 307 54.56 -9.88 -3.55
CA ALA A 307 54.79 -10.02 -4.99
C ALA A 307 53.64 -9.36 -5.76
N PHE A 308 53.98 -8.67 -6.84
CA PHE A 308 53.01 -8.03 -7.73
C PHE A 308 52.84 -8.91 -8.96
N VAL A 309 51.67 -9.53 -9.10
CA VAL A 309 51.32 -10.34 -10.26
C VAL A 309 50.26 -9.60 -11.07
N PHE A 310 50.59 -9.24 -12.30
CA PHE A 310 49.66 -8.49 -13.13
C PHE A 310 49.62 -9.05 -14.54
N GLY A 311 48.52 -8.78 -15.22
CA GLY A 311 48.26 -9.34 -16.53
C GLY A 311 48.19 -8.27 -17.61
N GLU A 312 48.61 -8.67 -18.82
CA GLU A 312 48.53 -7.83 -20.00
C GLU A 312 47.25 -8.21 -20.74
N HIS A 313 46.18 -7.47 -20.50
CA HIS A 313 44.90 -7.70 -21.15
C HIS A 313 44.62 -6.54 -22.08
N PHE A 314 44.50 -6.83 -23.38
CA PHE A 314 44.07 -5.78 -24.29
C PHE A 314 42.57 -5.54 -24.24
N GLY A 315 41.79 -6.49 -23.76
CA GLY A 315 40.37 -6.36 -23.66
C GLY A 315 39.94 -6.08 -22.24
N ASP A 316 38.73 -6.53 -21.93
CA ASP A 316 38.10 -6.29 -20.64
C ASP A 316 38.67 -7.29 -19.65
N ALA A 317 39.56 -6.81 -18.76
CA ALA A 317 40.20 -7.66 -17.76
C ALA A 317 39.36 -7.86 -16.50
N ARG A 318 38.14 -7.30 -16.42
CA ARG A 318 37.46 -7.20 -15.14
C ARG A 318 37.14 -8.57 -14.53
N GLN A 319 36.81 -9.57 -15.35
CA GLN A 319 36.49 -10.87 -14.78
C GLN A 319 37.66 -11.44 -14.00
N TRP A 320 38.89 -11.26 -14.50
CA TRP A 320 40.04 -11.75 -13.75
C TRP A 320 40.27 -10.93 -12.50
N LEU A 321 40.10 -9.61 -12.60
CA LEU A 321 40.37 -8.76 -11.45
C LEU A 321 39.33 -8.95 -10.37
N GLN A 322 38.07 -9.20 -10.78
CA GLN A 322 36.97 -9.36 -9.83
C GLN A 322 36.98 -10.71 -9.13
N ALA A 323 37.82 -11.64 -9.57
CA ALA A 323 38.00 -12.92 -8.91
C ALA A 323 39.32 -12.99 -8.16
N ASP A 324 40.09 -11.90 -8.15
CA ASP A 324 41.35 -11.79 -7.41
C ASP A 324 42.42 -12.77 -7.89
N VAL A 325 42.35 -13.21 -9.16
CA VAL A 325 43.41 -14.08 -9.67
C VAL A 325 44.67 -13.30 -10.07
N GLU A 326 44.57 -11.99 -10.26
CA GLU A 326 45.70 -11.10 -10.47
C GLU A 326 45.56 -9.88 -9.56
N ASP A 327 46.69 -9.22 -9.27
CA ASP A 327 46.64 -7.98 -8.48
C ASP A 327 46.20 -6.81 -9.33
N SER A 328 46.49 -6.84 -10.63
CA SER A 328 46.25 -5.69 -11.47
C SER A 328 46.36 -6.16 -12.91
N ALA A 329 46.03 -5.27 -13.81
CA ALA A 329 46.17 -5.54 -15.23
C ALA A 329 46.67 -4.28 -15.87
N MET A 330 47.45 -4.44 -16.95
CA MET A 330 47.78 -3.32 -17.82
C MET A 330 46.47 -2.79 -18.40
N ASN A 331 46.13 -1.56 -18.03
CA ASN A 331 44.76 -1.05 -18.09
C ASN A 331 44.46 -0.44 -19.46
N TYR A 332 44.49 -1.28 -20.49
CA TYR A 332 44.20 -0.80 -21.85
C TYR A 332 42.74 -0.38 -21.97
N ARG A 333 41.84 -1.20 -21.45
CA ARG A 333 40.43 -0.91 -21.61
C ARG A 333 40.02 0.29 -20.77
N GLY A 334 40.64 0.46 -19.60
CA GLY A 334 40.21 1.49 -18.68
C GLY A 334 40.94 2.80 -18.79
N PHE A 335 42.05 2.82 -19.51
CA PHE A 335 42.78 4.07 -19.62
C PHE A 335 43.29 4.33 -21.03
N THR A 336 44.05 3.37 -21.57
CA THR A 336 44.80 3.63 -22.81
C THR A 336 43.88 3.95 -23.97
N PHE A 337 42.93 3.04 -24.24
CA PHE A 337 42.06 3.16 -25.40
C PHE A 337 41.05 4.29 -25.26
N PRO A 338 40.49 4.57 -24.07
CA PRO A 338 39.72 5.82 -23.94
C PRO A 338 40.53 7.05 -24.36
N LEU A 339 41.80 7.13 -23.97
CA LEU A 339 42.61 8.28 -24.36
C LEU A 339 42.96 8.23 -25.84
N TRP A 340 43.25 7.03 -26.39
CA TRP A 340 43.41 6.93 -27.84
C TRP A 340 42.17 7.45 -28.55
N GLY A 341 40.98 7.14 -28.00
CA GLY A 341 39.76 7.59 -28.63
C GLY A 341 39.60 9.09 -28.54
N PHE A 342 39.74 9.63 -27.34
CA PHE A 342 39.49 11.05 -27.08
C PHE A 342 40.62 11.92 -27.64
N LEU A 343 41.86 11.46 -27.53
CA LEU A 343 42.96 12.31 -27.97
C LEU A 343 43.42 12.04 -29.40
N ALA A 344 43.39 10.78 -29.87
CA ALA A 344 43.95 10.43 -31.18
C ALA A 344 42.95 9.85 -32.16
N ASN A 345 41.65 9.84 -31.85
CA ASN A 345 40.60 9.44 -32.80
C ASN A 345 40.79 8.02 -33.32
N THR A 346 41.36 7.12 -32.54
CA THR A 346 41.64 5.80 -33.05
C THR A 346 41.49 4.78 -31.92
N ASP A 347 41.72 3.51 -32.25
CA ASP A 347 41.57 2.41 -31.30
C ASP A 347 42.61 1.34 -31.64
N ILE A 348 42.50 0.17 -30.98
CA ILE A 348 43.47 -0.90 -31.12
C ILE A 348 43.53 -1.44 -32.55
N SER A 349 42.42 -1.40 -33.27
CA SER A 349 42.36 -1.82 -34.66
C SER A 349 42.68 -0.69 -35.62
N TYR A 350 43.01 0.49 -35.11
CA TYR A 350 43.23 1.69 -35.91
C TYR A 350 42.00 2.03 -36.73
N ASP A 351 40.81 1.65 -36.22
CA ASP A 351 39.51 2.12 -36.69
C ASP A 351 39.24 3.51 -36.12
N PRO A 352 38.54 4.36 -36.86
CA PRO A 352 38.32 5.73 -36.40
C PRO A 352 37.39 5.80 -35.19
N GLN A 353 37.65 6.78 -34.33
CA GLN A 353 36.87 7.07 -33.14
C GLN A 353 36.54 8.55 -33.13
N LYS A 354 35.28 8.88 -32.86
CA LYS A 354 34.84 10.25 -32.64
C LYS A 354 34.19 10.25 -31.26
N ILE A 355 35.01 10.51 -30.24
CA ILE A 355 34.67 10.30 -28.83
C ILE A 355 34.76 11.65 -28.14
N ASP A 356 33.65 12.12 -27.57
CA ASP A 356 33.72 13.37 -26.85
C ASP A 356 34.04 13.11 -25.38
N ALA A 357 34.16 14.20 -24.61
CA ALA A 357 34.55 14.09 -23.21
C ALA A 357 33.51 13.31 -22.41
N GLN A 358 32.22 13.54 -22.68
CA GLN A 358 31.16 12.79 -21.99
C GLN A 358 31.34 11.28 -22.16
N THR A 359 31.57 10.84 -23.39
CA THR A 359 31.67 9.41 -23.65
C THR A 359 32.95 8.83 -23.07
N CYS A 360 34.06 9.55 -23.22
CA CYS A 360 35.33 9.10 -22.65
C CYS A 360 35.24 8.89 -21.14
N MET A 361 34.60 9.81 -20.42
CA MET A 361 34.53 9.68 -18.97
C MET A 361 33.51 8.64 -18.53
N ALA A 362 32.39 8.49 -19.27
CA ALA A 362 31.48 7.38 -19.00
C ALA A 362 32.19 6.05 -19.16
N TRP A 363 32.99 5.94 -20.22
CA TRP A 363 33.78 4.76 -20.47
C TRP A 363 34.76 4.49 -19.33
N MET A 364 35.54 5.49 -18.96
CA MET A 364 36.55 5.28 -17.93
C MET A 364 35.91 5.05 -16.58
N ASP A 365 34.83 5.77 -16.27
CA ASP A 365 34.17 5.53 -14.98
C ASP A 365 33.45 4.19 -14.96
N ASN A 366 32.90 3.75 -16.10
CA ASN A 366 32.25 2.44 -16.12
C ASN A 366 33.25 1.33 -15.86
N TYR A 367 34.46 1.44 -16.42
CA TYR A 367 35.44 0.40 -16.20
C TYR A 367 35.86 0.35 -14.74
N ARG A 368 36.17 1.54 -14.17
CA ARG A 368 36.62 1.66 -12.78
C ARG A 368 35.60 1.08 -11.81
N ALA A 369 34.32 1.23 -12.14
CA ALA A 369 33.27 0.87 -11.18
C ALA A 369 33.35 -0.60 -10.79
N GLY A 370 33.93 -1.44 -11.64
CA GLY A 370 34.05 -2.83 -11.27
C GLY A 370 35.22 -3.16 -10.39
N LEU A 371 35.93 -2.14 -9.90
CA LEU A 371 37.20 -2.34 -9.22
C LEU A 371 37.11 -1.70 -7.84
N SER A 372 37.66 -2.39 -6.84
CA SER A 372 37.79 -1.78 -5.53
C SER A 372 38.78 -0.62 -5.62
N HIS A 373 38.68 0.29 -4.66
CA HIS A 373 39.55 1.46 -4.64
C HIS A 373 41.03 1.06 -4.71
N GLN A 374 41.43 0.04 -3.93
CA GLN A 374 42.82 -0.41 -3.89
C GLN A 374 43.24 -0.99 -5.23
N GLN A 375 42.34 -1.75 -5.86
CA GLN A 375 42.60 -2.27 -7.18
C GLN A 375 42.80 -1.13 -8.18
N GLN A 376 41.92 -0.13 -8.12
CA GLN A 376 42.10 1.01 -8.99
C GLN A 376 43.47 1.61 -8.82
N LEU A 377 43.94 1.73 -7.58
CA LEU A 377 45.23 2.37 -7.35
C LEU A 377 46.41 1.59 -7.91
N ARG A 378 46.24 0.29 -8.18
CA ARG A 378 47.30 -0.55 -8.72
C ARG A 378 47.20 -0.75 -10.22
N MET A 379 46.16 -0.23 -10.86
CA MET A 379 46.00 -0.44 -12.29
C MET A 379 47.18 0.15 -13.02
N PHE A 380 47.66 -0.58 -14.03
CA PHE A 380 48.86 -0.22 -14.78
C PHE A 380 48.43 0.68 -15.95
N ASN A 381 48.66 1.99 -15.83
CA ASN A 381 48.26 2.93 -16.88
C ASN A 381 49.42 3.21 -17.83
N GLN A 382 49.12 3.27 -19.11
CA GLN A 382 50.16 3.46 -20.13
C GLN A 382 49.51 4.11 -21.33
N LEU A 383 50.29 4.89 -22.04
CA LEU A 383 49.86 5.45 -23.32
C LEU A 383 50.17 4.53 -24.48
N ASP A 384 51.16 3.66 -24.34
CA ASP A 384 51.54 2.72 -25.39
C ASP A 384 52.44 1.67 -24.74
N SER A 385 52.85 0.70 -25.54
CA SER A 385 53.55 -0.45 -25.00
C SER A 385 54.30 -1.11 -26.14
N HIS A 386 55.03 -2.19 -25.81
CA HIS A 386 55.74 -2.96 -26.83
C HIS A 386 54.79 -3.52 -27.89
N ALA A 387 53.50 -3.56 -27.60
CA ALA A 387 52.52 -4.20 -28.44
C ALA A 387 51.71 -3.21 -29.27
N THR A 388 51.95 -1.91 -29.10
CA THR A 388 51.17 -0.90 -29.79
C THR A 388 52.13 0.02 -30.54
N ALA A 389 51.58 0.84 -31.42
CA ALA A 389 52.36 1.94 -31.97
C ALA A 389 52.68 2.94 -30.86
N ARG A 390 53.67 3.78 -31.10
CA ARG A 390 53.95 4.85 -30.15
C ARG A 390 52.80 5.84 -30.19
N PHE A 391 52.38 6.30 -29.00
CA PHE A 391 51.25 7.21 -28.94
C PHE A 391 51.52 8.52 -29.67
N LYS A 392 52.76 9.00 -29.62
CA LYS A 392 53.13 10.22 -30.34
C LYS A 392 52.84 10.08 -31.83
N SER A 393 53.12 8.90 -32.40
CA SER A 393 52.81 8.70 -33.82
C SER A 393 51.30 8.65 -34.04
N LEU A 394 50.59 7.99 -33.13
CA LEU A 394 49.14 7.85 -33.26
C LEU A 394 48.44 9.19 -33.27
N LEU A 395 48.98 10.18 -32.55
CA LEU A 395 48.37 11.52 -32.56
C LEU A 395 48.49 12.17 -33.93
N GLY A 396 49.48 11.78 -34.72
CA GLY A 396 49.62 12.30 -36.06
C GLY A 396 49.76 13.80 -36.09
N LYS A 397 48.85 14.45 -36.84
CA LYS A 397 48.81 15.90 -36.95
C LYS A 397 48.44 16.59 -35.65
N ASP A 398 47.88 15.85 -34.70
CA ASP A 398 47.46 16.41 -33.41
C ASP A 398 48.47 16.13 -32.31
N VAL A 399 49.77 16.16 -32.65
CA VAL A 399 50.84 15.83 -31.72
C VAL A 399 50.94 16.84 -30.58
N ALA A 400 50.33 18.01 -30.72
CA ALA A 400 50.33 18.95 -29.61
C ALA A 400 49.52 18.46 -28.42
N ARG A 401 48.69 17.43 -28.60
CA ARG A 401 47.93 16.88 -27.49
C ARG A 401 48.75 15.97 -26.60
N LEU A 402 49.99 15.65 -26.98
CA LEU A 402 50.79 14.72 -26.19
C LEU A 402 51.01 15.15 -24.75
N PRO A 403 51.30 16.41 -24.43
CA PRO A 403 51.46 16.77 -23.00
C PRO A 403 50.18 16.60 -22.19
N LEU A 404 49.01 16.77 -22.81
CA LEU A 404 47.76 16.48 -22.13
C LEU A 404 47.72 15.04 -21.65
N ALA A 405 48.20 14.12 -22.49
CA ALA A 405 48.18 12.72 -22.13
C ALA A 405 49.18 12.40 -21.03
N VAL A 406 50.28 13.18 -20.93
CA VAL A 406 51.26 12.94 -19.88
C VAL A 406 50.72 13.35 -18.51
N VAL A 407 50.09 14.51 -18.43
CA VAL A 407 49.45 14.93 -17.18
C VAL A 407 48.42 13.91 -16.77
N TRP A 408 47.64 13.45 -17.74
CA TRP A 408 46.57 12.49 -17.47
C TRP A 408 47.14 11.17 -16.97
N LEU A 409 48.19 10.66 -17.63
CA LEU A 409 48.84 9.41 -17.22
C LEU A 409 49.23 9.40 -15.75
N PHE A 410 49.71 10.55 -15.24
CA PHE A 410 50.23 10.66 -13.89
C PHE A 410 49.19 11.10 -12.86
N SER A 411 48.01 11.54 -13.28
CA SER A 411 47.02 12.04 -12.35
C SER A 411 45.74 11.19 -12.24
N TRP A 412 45.52 10.25 -13.18
CA TRP A 412 44.40 9.33 -13.07
C TRP A 412 44.76 8.22 -12.07
N PRO A 413 43.78 7.65 -11.36
CA PRO A 413 44.09 6.54 -10.44
C PRO A 413 44.83 5.41 -11.14
N GLY A 414 45.87 4.90 -10.47
CA GLY A 414 46.71 3.84 -10.97
C GLY A 414 48.16 4.28 -10.97
N VAL A 415 49.00 3.35 -11.46
CA VAL A 415 50.45 3.59 -11.49
C VAL A 415 50.85 3.91 -12.92
N PRO A 416 51.55 5.02 -13.13
CA PRO A 416 52.01 5.34 -14.49
C PRO A 416 53.07 4.38 -14.90
N CYS A 417 53.01 3.97 -16.17
CA CYS A 417 54.07 3.16 -16.78
C CYS A 417 54.52 3.85 -18.06
N ILE A 418 55.78 4.25 -18.08
CA ILE A 418 56.40 4.93 -19.22
C ILE A 418 57.03 3.87 -20.11
N TYR A 419 56.68 3.85 -21.38
CA TYR A 419 57.38 2.96 -22.31
C TYR A 419 58.69 3.63 -22.70
N TYR A 420 59.79 2.90 -22.62
CA TYR A 420 61.11 3.50 -22.84
C TYR A 420 61.11 4.37 -24.11
N GLY A 421 61.60 5.60 -23.98
CA GLY A 421 61.68 6.51 -25.09
C GLY A 421 60.52 7.48 -25.21
N ASP A 422 59.39 7.22 -24.55
CA ASP A 422 58.29 8.17 -24.59
C ASP A 422 58.71 9.52 -24.02
N GLU A 423 59.51 9.50 -22.95
CA GLU A 423 59.89 10.71 -22.24
C GLU A 423 60.82 11.61 -23.06
N VAL A 424 61.45 11.08 -24.11
CA VAL A 424 62.28 11.91 -24.99
C VAL A 424 61.69 12.03 -26.39
N GLY A 425 60.45 11.59 -26.57
CA GLY A 425 59.72 11.88 -27.79
C GLY A 425 59.94 10.94 -28.94
N VAL A 426 60.39 9.70 -28.68
CA VAL A 426 60.52 8.69 -29.74
C VAL A 426 59.17 8.45 -30.43
N ASP A 427 59.20 8.30 -31.75
CA ASP A 427 57.93 8.10 -32.47
C ASP A 427 57.91 6.92 -33.48
N LYS A 436 63.14 0.89 -32.49
CA LYS A 436 63.99 2.07 -32.70
C LYS A 436 64.85 2.36 -31.46
N PRO A 437 66.15 2.53 -31.66
CA PRO A 437 67.06 2.70 -30.51
C PRO A 437 66.78 3.99 -29.75
N PHE A 438 67.00 3.92 -28.44
CA PHE A 438 66.82 5.07 -27.57
C PHE A 438 67.83 6.15 -27.94
N PRO A 439 67.41 7.41 -28.10
CA PRO A 439 68.37 8.47 -28.40
C PRO A 439 69.06 9.01 -27.15
N TRP A 440 70.27 8.53 -26.86
CA TRP A 440 70.99 9.03 -25.70
C TRP A 440 71.65 10.36 -25.95
N ASP A 441 71.77 10.77 -27.20
CA ASP A 441 72.27 12.09 -27.55
C ASP A 441 71.22 13.12 -27.19
N PRO A 442 71.50 14.05 -26.27
CA PRO A 442 70.46 15.01 -25.84
C PRO A 442 69.92 15.90 -26.95
N ALA A 443 70.60 15.96 -28.10
CA ALA A 443 70.10 16.74 -29.22
C ALA A 443 69.00 16.03 -29.99
N LEU A 444 68.88 14.71 -29.86
CA LEU A 444 67.80 14.00 -30.50
C LEU A 444 66.64 13.74 -29.54
N GLN A 445 66.67 14.36 -28.36
CA GLN A 445 65.64 14.22 -27.33
C GLN A 445 64.76 15.46 -27.31
N ASP A 446 63.46 15.26 -27.09
CA ASP A 446 62.56 16.37 -26.80
C ASP A 446 62.75 16.73 -25.33
N GLY A 447 63.51 17.80 -25.07
CA GLY A 447 63.78 18.21 -23.71
C GLY A 447 62.56 18.75 -22.98
N ASP A 448 61.65 19.45 -23.68
CA ASP A 448 60.44 19.93 -23.02
C ASP A 448 59.53 18.79 -22.60
N LEU A 449 59.38 17.77 -23.46
CA LEU A 449 58.59 16.62 -23.05
C LEU A 449 59.26 15.91 -21.88
N LEU A 450 60.59 15.85 -21.90
CA LEU A 450 61.32 15.21 -20.80
C LEU A 450 61.12 16.00 -19.50
N ASP A 451 61.13 17.33 -19.57
CA ASP A 451 60.90 18.13 -18.36
C ASP A 451 59.51 17.88 -17.78
N LEU A 452 58.49 17.76 -18.64
CA LEU A 452 57.13 17.52 -18.17
C LEU A 452 57.03 16.19 -17.43
N TYR A 453 57.64 15.13 -17.97
CA TYR A 453 57.70 13.86 -17.26
C TYR A 453 58.33 14.00 -15.89
N LYS A 454 59.42 14.76 -15.80
CA LYS A 454 60.04 14.96 -14.49
C LYS A 454 59.11 15.69 -13.55
N ARG A 455 58.41 16.72 -14.03
CA ARG A 455 57.49 17.49 -13.18
C ARG A 455 56.33 16.64 -12.68
N MET A 456 55.77 15.77 -13.54
CA MET A 456 54.62 14.99 -13.07
C MET A 456 55.05 13.97 -12.02
N SER A 457 56.20 13.30 -12.21
CA SER A 457 56.61 12.34 -11.19
C SER A 457 56.94 13.03 -9.87
N LYS A 458 57.41 14.28 -9.92
CA LYS A 458 57.64 15.04 -8.69
C LYS A 458 56.33 15.43 -8.01
N LEU A 459 55.37 15.95 -8.78
CA LEU A 459 54.06 16.27 -8.20
C LEU A 459 53.43 15.02 -7.60
N ARG A 460 53.55 13.89 -8.30
CA ARG A 460 52.98 12.65 -7.80
C ARG A 460 53.71 12.14 -6.55
N LYS A 461 55.02 12.31 -6.49
CA LYS A 461 55.74 11.84 -5.29
C LYS A 461 55.42 12.70 -4.06
N ALA A 462 55.04 13.96 -4.26
CA ALA A 462 54.84 14.92 -3.19
C ALA A 462 53.40 15.00 -2.66
N HIS A 463 52.42 14.42 -3.35
CA HIS A 463 51.03 14.63 -3.00
C HIS A 463 50.32 13.29 -2.91
N GLN A 464 49.85 12.95 -1.70
CA GLN A 464 49.24 11.65 -1.47
C GLN A 464 47.98 11.44 -2.31
N ALA A 465 47.30 12.53 -2.67
CA ALA A 465 46.04 12.41 -3.39
C ALA A 465 46.23 11.83 -4.77
N LEU A 466 47.40 12.04 -5.38
CA LEU A 466 47.67 11.46 -6.70
C LEU A 466 48.06 9.99 -6.65
N ARG A 467 48.34 9.45 -5.46
CA ARG A 467 48.72 8.04 -5.31
C ARG A 467 47.67 7.21 -4.61
N TYR A 468 46.96 7.79 -3.63
CA TYR A 468 46.00 7.07 -2.79
C TYR A 468 44.56 7.60 -2.90
N GLY A 469 44.32 8.64 -3.71
CA GLY A 469 43.06 9.34 -3.69
C GLY A 469 41.94 8.69 -4.51
N GLY A 470 40.72 8.91 -4.06
CA GLY A 470 39.57 8.70 -4.91
C GLY A 470 39.60 9.64 -6.07
N CYS A 471 38.69 9.40 -7.02
CA CYS A 471 38.62 10.21 -8.24
C CYS A 471 37.16 10.43 -8.57
N GLN A 472 36.82 11.68 -8.75
CA GLN A 472 35.46 12.09 -9.08
C GLN A 472 35.56 13.02 -10.27
N VAL A 473 34.87 12.67 -11.36
CA VAL A 473 34.79 13.55 -12.52
C VAL A 473 33.83 14.68 -12.20
N ILE A 474 34.29 15.92 -12.37
CA ILE A 474 33.52 17.12 -12.08
C ILE A 474 32.81 17.61 -13.33
N TYR A 475 33.45 17.49 -14.49
CA TYR A 475 32.97 18.09 -15.71
C TYR A 475 33.50 17.29 -16.91
N ALA A 476 32.63 16.96 -17.86
CA ALA A 476 33.01 16.23 -19.06
C ALA A 476 32.03 16.65 -20.15
N GLU A 477 32.43 17.62 -20.97
CA GLU A 477 31.58 18.09 -22.06
C GLU A 477 32.47 18.37 -23.26
N ASP A 478 32.17 17.72 -24.38
CA ASP A 478 32.90 17.97 -25.63
C ASP A 478 34.40 17.84 -25.48
N ASN A 479 35.11 18.95 -25.46
CA ASN A 479 36.56 18.95 -25.45
C ASN A 479 37.18 18.89 -24.08
N VAL A 480 36.42 19.12 -23.01
CA VAL A 480 37.01 19.39 -21.71
C VAL A 480 36.66 18.30 -20.71
N VAL A 481 37.66 17.81 -20.00
CA VAL A 481 37.51 16.90 -18.88
C VAL A 481 38.07 17.58 -17.64
N VAL A 482 37.33 17.53 -16.54
CA VAL A 482 37.77 18.05 -15.26
C VAL A 482 37.39 17.02 -14.20
N PHE A 483 38.40 16.48 -13.50
CA PHE A 483 38.19 15.59 -12.37
C PHE A 483 39.05 16.06 -11.20
N VAL A 484 38.72 15.56 -10.01
CA VAL A 484 39.41 15.91 -8.78
C VAL A 484 39.80 14.62 -8.07
N ARG A 485 41.04 14.58 -7.59
CA ARG A 485 41.51 13.52 -6.70
C ARG A 485 41.32 13.96 -5.25
N VAL A 486 40.81 13.03 -4.43
CA VAL A 486 40.31 13.35 -3.10
C VAL A 486 40.99 12.43 -2.11
N TYR A 487 41.63 13.00 -1.08
CA TYR A 487 42.26 12.17 -0.05
C TYR A 487 42.39 12.97 1.24
N LYS A 488 41.61 12.62 2.26
CA LYS A 488 41.58 13.36 3.53
C LYS A 488 41.22 14.79 3.22
N GLN A 489 42.03 15.77 3.60
CA GLN A 489 41.76 17.15 3.26
C GLN A 489 42.31 17.56 1.92
N GLN A 490 43.14 16.72 1.30
CA GLN A 490 43.84 17.12 0.09
C GLN A 490 42.94 16.96 -1.12
N ARG A 491 43.01 17.95 -2.02
CA ARG A 491 42.32 17.90 -3.30
C ARG A 491 43.30 18.24 -4.40
N VAL A 492 43.24 17.49 -5.51
CA VAL A 492 44.02 17.81 -6.69
C VAL A 492 43.05 17.95 -7.84
N LEU A 493 43.01 19.13 -8.44
CA LEU A 493 42.11 19.43 -9.54
C LEU A 493 42.86 19.33 -10.85
N VAL A 494 42.30 18.58 -11.81
CA VAL A 494 42.90 18.39 -13.13
C VAL A 494 41.89 18.84 -14.18
N ALA A 495 42.33 19.69 -15.11
CA ALA A 495 41.48 20.20 -16.19
C ALA A 495 42.19 19.94 -17.50
N ILE A 496 41.54 19.19 -18.38
CA ILE A 496 42.12 18.79 -19.64
C ILE A 496 41.26 19.37 -20.75
N ASN A 497 41.90 20.06 -21.69
CA ASN A 497 41.21 20.68 -22.81
C ASN A 497 41.91 20.29 -24.10
N ARG A 498 41.23 19.46 -24.92
CA ARG A 498 41.81 18.98 -26.17
C ARG A 498 41.62 19.94 -27.33
N GLY A 499 40.77 20.96 -27.19
CA GLY A 499 40.46 21.83 -28.31
C GLY A 499 40.79 23.30 -28.13
N GLU A 500 40.03 24.18 -28.79
CA GLU A 500 40.29 25.61 -28.73
C GLU A 500 40.25 26.09 -27.29
N ALA A 501 40.92 27.22 -27.02
CA ALA A 501 40.86 27.85 -25.71
C ALA A 501 39.42 28.20 -25.38
N CYS A 502 39.07 28.04 -24.11
CA CYS A 502 37.68 28.26 -23.71
C CYS A 502 37.62 28.57 -22.22
N GLU A 503 36.43 28.96 -21.80
CA GLU A 503 36.07 29.08 -20.40
C GLU A 503 34.96 28.08 -20.12
N VAL A 504 34.98 27.53 -18.92
CA VAL A 504 34.08 26.46 -18.52
C VAL A 504 33.57 26.81 -17.14
N VAL A 505 32.25 26.77 -16.95
CA VAL A 505 31.65 27.07 -15.66
C VAL A 505 31.58 25.78 -14.86
N ILE A 506 32.16 25.79 -13.68
CA ILE A 506 32.14 24.61 -12.79
C ILE A 506 31.16 24.90 -11.68
N GLU A 507 30.09 24.12 -11.61
CA GLU A 507 29.11 24.30 -10.54
C GLU A 507 29.77 24.25 -9.18
N ASP A 508 29.23 25.01 -8.23
CA ASP A 508 29.67 24.88 -6.85
C ASP A 508 29.57 23.41 -6.45
N SER A 509 30.62 22.89 -5.82
CA SER A 509 30.70 21.47 -5.49
C SER A 509 31.35 21.35 -4.12
N PRO A 510 30.77 20.57 -3.21
CA PRO A 510 31.39 20.41 -1.88
C PRO A 510 32.73 19.72 -1.91
N LEU A 511 33.05 19.00 -3.00
CA LEU A 511 34.38 18.42 -3.16
C LEU A 511 35.43 19.45 -3.48
N LEU A 512 35.01 20.58 -4.05
CA LEU A 512 35.87 21.69 -4.45
C LEU A 512 35.78 22.86 -3.47
N ASP A 513 35.26 22.62 -2.26
CA ASP A 513 35.08 23.65 -1.23
C ASP A 513 36.37 23.74 -0.40
N VAL A 514 37.31 24.57 -0.86
CA VAL A 514 38.66 24.60 -0.31
C VAL A 514 39.06 26.03 0.00
N ASN A 515 40.16 26.16 0.76
CA ASN A 515 40.80 27.45 1.02
C ASN A 515 41.08 28.20 -0.26
N GLY A 516 41.89 27.59 -1.10
CA GLY A 516 42.24 28.14 -2.40
C GLY A 516 43.01 27.07 -3.12
N TRP A 517 43.44 27.42 -4.31
CA TRP A 517 44.09 26.50 -5.21
C TRP A 517 45.42 27.06 -5.62
N GLN A 518 46.43 26.20 -5.67
CA GLN A 518 47.75 26.59 -6.18
C GLN A 518 47.97 25.89 -7.53
N LEU A 519 48.08 26.69 -8.57
CA LEU A 519 48.42 26.17 -9.90
C LEU A 519 49.85 25.65 -9.89
N LYS A 520 50.03 24.36 -10.16
CA LYS A 520 51.38 23.78 -10.14
C LYS A 520 51.81 23.20 -11.48
N GLU A 521 50.92 23.09 -12.45
CA GLU A 521 51.27 22.58 -13.77
C GLU A 521 50.24 23.16 -14.74
N GLY A 522 50.69 23.60 -15.89
CA GLY A 522 49.78 24.19 -16.85
C GLY A 522 49.61 25.68 -16.65
N ALA A 523 48.80 26.27 -17.52
CA ALA A 523 48.59 27.71 -17.54
C ALA A 523 47.12 28.08 -17.49
N GLY A 524 46.29 27.22 -16.90
CA GLY A 524 44.89 27.54 -16.77
C GLY A 524 44.65 28.49 -15.61
N ALA A 525 43.44 29.04 -15.53
CA ALA A 525 43.11 29.96 -14.46
C ALA A 525 41.75 29.61 -13.87
N LEU A 526 41.71 29.48 -12.55
CA LEU A 526 40.49 29.20 -11.80
C LEU A 526 40.12 30.42 -10.97
N HIS A 527 38.92 30.94 -11.18
CA HIS A 527 38.52 32.22 -10.58
C HIS A 527 37.01 32.31 -10.63
N ASP A 528 36.36 32.35 -9.47
CA ASP A 528 34.92 32.61 -9.36
C ASP A 528 34.11 31.57 -10.15
N GLY A 529 34.33 30.31 -9.81
CA GLY A 529 33.59 29.22 -10.41
C GLY A 529 33.90 28.96 -11.87
N VAL A 530 34.86 29.67 -12.46
CA VAL A 530 35.14 29.61 -13.88
C VAL A 530 36.55 29.08 -14.08
N LEU A 531 36.69 28.16 -15.03
CA LEU A 531 37.99 27.69 -15.48
C LEU A 531 38.28 28.33 -16.83
N THR A 532 39.39 29.05 -16.92
CA THR A 532 39.86 29.61 -18.19
C THR A 532 40.98 28.72 -18.69
N LEU A 533 40.75 28.00 -19.80
CA LEU A 533 41.68 26.97 -20.24
C LEU A 533 42.31 27.31 -21.58
N PRO A 534 43.63 27.42 -21.66
CA PRO A 534 44.27 27.64 -22.95
C PRO A 534 43.97 26.51 -23.92
N ALA A 535 44.16 26.79 -25.19
CA ALA A 535 43.96 25.77 -26.21
C ALA A 535 44.92 24.63 -25.95
N ILE A 536 44.41 23.41 -26.10
CA ILE A 536 45.23 22.19 -26.07
C ILE A 536 46.15 22.18 -24.86
N SER A 537 45.56 22.11 -23.66
CA SER A 537 46.30 22.29 -22.43
C SER A 537 45.83 21.29 -21.37
N ALA A 538 46.64 21.15 -20.33
CA ALA A 538 46.33 20.37 -19.14
C ALA A 538 46.81 21.18 -17.94
N SER A 539 45.99 21.27 -16.92
CA SER A 539 46.30 22.09 -15.76
C SER A 539 46.03 21.33 -14.50
N VAL A 540 46.89 21.51 -13.52
CA VAL A 540 46.78 20.83 -12.25
C VAL A 540 46.86 21.87 -11.15
N TRP A 541 45.82 21.91 -10.31
CA TRP A 541 45.79 22.71 -9.10
C TRP A 541 45.83 21.79 -7.90
N PHE A 542 46.46 22.26 -6.82
CA PHE A 542 46.49 21.55 -5.57
C PHE A 542 45.86 22.44 -4.52
N SER A 543 45.09 21.82 -3.64
CA SER A 543 44.48 22.57 -2.55
C SER A 543 45.56 23.03 -1.58
N ARG A 544 45.39 24.21 -1.02
CA ARG A 544 46.37 24.70 -0.03
C ARG A 544 45.88 24.42 1.38
N MET B 1 18.87 8.93 -37.32
CA MET B 1 18.35 7.73 -36.67
C MET B 1 18.82 6.44 -37.35
N LEU B 2 19.28 5.53 -36.52
CA LEU B 2 19.77 4.24 -36.94
C LEU B 2 19.05 3.20 -36.11
N LYS B 3 18.58 2.14 -36.75
CA LYS B 3 17.96 1.04 -36.02
C LYS B 3 18.71 -0.26 -36.31
N ALA B 4 18.64 -1.18 -35.35
CA ALA B 4 19.35 -2.44 -35.50
C ALA B 4 18.61 -3.55 -34.77
N TRP B 5 18.74 -4.76 -35.27
CA TRP B 5 18.12 -5.92 -34.65
C TRP B 5 19.08 -7.09 -34.72
N HIS B 6 19.20 -7.78 -33.60
CA HIS B 6 19.88 -9.06 -33.61
C HIS B 6 19.48 -9.78 -32.33
N LEU B 7 19.10 -11.04 -32.47
CA LEU B 7 18.88 -11.89 -31.32
C LEU B 7 19.71 -13.15 -31.51
N PRO B 8 20.32 -13.69 -30.44
CA PRO B 8 21.24 -14.82 -30.60
C PRO B 8 20.48 -16.10 -30.87
N VAL B 9 19.67 -16.11 -31.93
CA VAL B 9 18.79 -17.21 -32.21
C VAL B 9 18.47 -17.12 -33.70
N ALA B 10 18.11 -18.24 -34.31
CA ALA B 10 17.59 -18.19 -35.67
C ALA B 10 16.35 -17.29 -35.70
N PRO B 11 16.17 -16.48 -36.75
CA PRO B 11 16.91 -16.49 -38.03
C PRO B 11 18.19 -15.69 -38.05
N PHE B 12 18.66 -15.18 -36.90
CA PHE B 12 19.87 -14.37 -36.89
C PHE B 12 21.15 -15.16 -36.78
N ILE B 13 21.12 -16.39 -36.27
CA ILE B 13 22.32 -17.21 -36.20
C ILE B 13 21.98 -18.58 -36.79
N LYS B 14 23.01 -19.27 -37.27
CA LYS B 14 22.77 -20.55 -37.90
C LYS B 14 24.10 -21.27 -37.97
N GLU B 15 24.13 -22.51 -37.48
CA GLU B 15 25.34 -23.31 -37.50
C GLU B 15 25.46 -24.10 -38.80
N GLN B 16 26.68 -24.16 -39.32
CA GLN B 16 26.93 -24.73 -40.64
C GLN B 16 28.33 -25.32 -40.66
N GLN B 17 28.43 -26.64 -40.51
CA GLN B 17 29.70 -27.35 -40.40
C GLN B 17 30.38 -26.86 -39.12
N GLU B 18 31.60 -26.34 -39.18
CA GLU B 18 32.26 -25.80 -38.00
C GLU B 18 32.29 -24.27 -38.01
N ARG B 19 31.25 -23.66 -38.55
CA ARG B 19 31.12 -22.22 -38.69
C ARG B 19 29.79 -21.73 -38.12
N LEU B 20 29.83 -20.60 -37.40
CA LEU B 20 28.64 -19.96 -36.84
C LEU B 20 28.31 -18.71 -37.66
N MET B 21 27.22 -18.74 -38.41
CA MET B 21 26.82 -17.61 -39.23
C MET B 21 25.97 -16.64 -38.42
N ILE B 22 26.38 -15.37 -38.40
CA ILE B 22 25.74 -14.34 -37.61
C ILE B 22 25.25 -13.25 -38.54
N THR B 23 24.00 -12.84 -38.34
CA THR B 23 23.35 -11.86 -39.19
C THR B 23 22.92 -10.70 -38.32
N LEU B 24 23.17 -9.51 -38.83
CA LEU B 24 22.78 -8.26 -38.21
C LEU B 24 21.84 -7.55 -39.15
N TRP B 25 20.77 -6.99 -38.61
CA TRP B 25 19.86 -6.17 -39.39
C TRP B 25 20.06 -4.69 -39.06
N LEU B 26 20.09 -3.85 -40.10
CA LEU B 26 20.21 -2.42 -39.95
C LEU B 26 19.14 -1.74 -40.78
N SER B 27 18.75 -0.55 -40.33
CA SER B 27 17.75 0.26 -40.98
C SER B 27 18.00 1.71 -40.59
N GLY B 28 17.85 2.62 -41.54
CA GLY B 28 18.06 4.03 -41.28
C GLY B 28 18.67 4.71 -42.48
N ASP B 29 18.94 6.01 -42.31
CA ASP B 29 19.29 6.88 -43.44
C ASP B 29 20.79 7.06 -43.67
N ASP B 30 21.63 6.89 -42.65
CA ASP B 30 23.09 7.08 -42.76
C ASP B 30 23.75 5.80 -42.30
N LEU B 31 23.58 4.74 -43.08
CA LEU B 31 24.04 3.42 -42.68
C LEU B 31 25.55 3.32 -42.75
N PRO B 32 26.16 2.54 -41.86
CA PRO B 32 27.61 2.35 -41.87
C PRO B 32 28.07 1.62 -43.13
N PRO B 33 29.08 2.14 -43.82
CA PRO B 33 29.60 1.40 -44.98
C PRO B 33 30.32 0.13 -44.62
N ARG B 34 30.72 -0.07 -43.36
CA ARG B 34 31.37 -1.29 -42.91
C ARG B 34 30.83 -1.71 -41.54
N VAL B 35 30.81 -3.01 -41.32
CA VAL B 35 30.50 -3.57 -40.03
C VAL B 35 31.46 -4.72 -39.75
N THR B 36 32.00 -4.74 -38.54
CA THR B 36 32.91 -5.78 -38.08
C THR B 36 32.21 -6.60 -36.99
N LEU B 37 32.43 -7.91 -37.03
CA LEU B 37 31.96 -8.82 -36.00
C LEU B 37 33.10 -8.98 -35.03
N ARG B 38 32.94 -8.46 -33.82
CA ARG B 38 33.95 -8.54 -32.77
C ARG B 38 33.63 -9.79 -31.96
N ALA B 39 34.48 -10.82 -32.01
CA ALA B 39 34.10 -12.14 -31.48
C ALA B 39 35.22 -12.78 -30.67
N GLU B 40 34.92 -13.99 -30.18
CA GLU B 40 35.73 -14.89 -29.37
C GLU B 40 35.87 -14.38 -27.93
N GLU B 41 36.66 -13.33 -27.75
CA GLU B 41 36.81 -12.56 -26.51
C GLU B 41 37.59 -13.29 -25.42
N ASP B 42 37.11 -14.46 -24.99
CA ASP B 42 37.72 -15.15 -23.86
C ASP B 42 39.22 -15.39 -24.06
N ASN B 43 39.62 -15.78 -25.27
CA ASN B 43 41.02 -15.92 -25.64
C ASN B 43 41.15 -15.47 -27.09
N GLU B 44 41.78 -14.30 -27.26
CA GLU B 44 42.02 -13.70 -28.58
C GLU B 44 40.77 -12.99 -29.08
N GLU B 45 40.64 -11.71 -28.79
CA GLU B 45 39.56 -10.93 -29.39
C GLU B 45 39.87 -10.80 -30.88
N LEU B 46 38.89 -11.11 -31.72
CA LEU B 46 39.04 -11.12 -33.16
C LEU B 46 38.11 -10.10 -33.81
N SER B 47 38.59 -9.48 -34.88
CA SER B 47 37.79 -8.62 -35.75
C SER B 47 37.47 -9.38 -37.04
N LEU B 48 36.23 -9.84 -37.18
CA LEU B 48 35.80 -10.62 -38.33
C LEU B 48 35.04 -9.74 -39.30
N PRO B 49 35.40 -9.76 -40.57
CA PRO B 49 34.73 -8.87 -41.53
C PRO B 49 33.36 -9.40 -41.86
N MET B 50 32.40 -8.50 -41.93
CA MET B 50 31.05 -8.81 -42.37
C MET B 50 30.84 -8.22 -43.75
N HIS B 51 29.99 -8.89 -44.53
CA HIS B 51 29.64 -8.44 -45.88
C HIS B 51 28.14 -8.22 -45.96
N ARG B 52 27.73 -7.40 -46.92
CA ARG B 52 26.32 -7.08 -47.04
C ARG B 52 25.60 -8.03 -48.00
N LEU B 53 24.40 -8.47 -47.61
CA LEU B 53 23.63 -9.37 -48.47
C LEU B 53 22.82 -8.58 -49.49
N ARG B 54 22.60 -9.19 -50.65
CA ARG B 54 21.85 -8.50 -51.69
C ARG B 54 20.35 -8.41 -51.38
N GLN B 55 19.78 -9.45 -50.78
CA GLN B 55 18.34 -9.51 -50.51
C GLN B 55 18.01 -8.79 -49.22
N ALA B 56 17.10 -7.83 -49.28
CA ALA B 56 16.56 -7.24 -48.07
C ALA B 56 15.71 -8.30 -47.37
N PRO B 57 16.01 -8.67 -46.13
CA PRO B 57 15.16 -9.68 -45.46
C PRO B 57 13.77 -9.16 -45.15
N HIS B 58 13.64 -7.86 -44.95
CA HIS B 58 12.38 -7.19 -44.67
C HIS B 58 12.46 -5.81 -45.30
N PRO B 59 11.31 -5.20 -45.59
CA PRO B 59 11.36 -3.91 -46.28
C PRO B 59 12.17 -2.90 -45.48
N GLY B 60 13.09 -2.22 -46.16
CA GLY B 60 13.90 -1.19 -45.55
C GLY B 60 15.03 -1.65 -44.67
N VAL B 61 15.41 -2.93 -44.72
CA VAL B 61 16.42 -3.52 -43.85
C VAL B 61 17.56 -4.03 -44.70
N VAL B 62 18.78 -3.67 -44.34
CA VAL B 62 19.96 -4.28 -44.96
C VAL B 62 20.52 -5.31 -43.99
N ALA B 63 20.99 -6.41 -44.54
CA ALA B 63 21.52 -7.48 -43.71
C ALA B 63 23.01 -7.55 -43.91
N TRP B 64 23.71 -7.77 -42.80
CA TRP B 64 25.14 -7.99 -42.75
C TRP B 64 25.35 -9.38 -42.18
N ARG B 65 26.31 -10.10 -42.74
CA ARG B 65 26.58 -11.45 -42.29
C ARG B 65 28.09 -11.61 -42.08
N GLY B 66 28.44 -12.28 -40.99
CA GLY B 66 29.79 -12.72 -40.77
C GLY B 66 29.80 -14.14 -40.27
N GLU B 67 30.95 -14.62 -39.82
CA GLU B 67 30.98 -15.98 -39.31
C GLU B 67 32.15 -16.14 -38.35
N ILE B 68 31.91 -16.94 -37.34
CA ILE B 68 32.88 -17.36 -36.35
C ILE B 68 33.23 -18.82 -36.65
N ASN B 69 34.52 -19.12 -36.60
CA ASN B 69 34.99 -20.49 -36.75
C ASN B 69 34.88 -21.17 -35.40
N LEU B 70 34.09 -22.24 -35.33
CA LEU B 70 33.81 -22.92 -34.08
C LEU B 70 34.86 -23.97 -33.70
N VAL B 71 35.86 -24.22 -34.55
CA VAL B 71 36.83 -25.30 -34.30
C VAL B 71 37.65 -24.98 -33.06
N ASN B 72 38.09 -23.75 -32.92
CA ASN B 72 38.86 -23.35 -31.76
C ASN B 72 37.98 -22.56 -30.81
N GLY B 73 38.51 -22.24 -29.64
CA GLY B 73 37.81 -21.40 -28.70
C GLY B 73 36.90 -22.16 -27.75
N GLN B 74 36.56 -21.50 -26.66
CA GLN B 74 35.65 -22.03 -25.66
C GLN B 74 34.21 -22.13 -26.20
N PRO B 75 33.38 -22.97 -25.59
CA PRO B 75 32.01 -23.16 -26.14
C PRO B 75 31.15 -21.91 -26.11
N ARG B 76 31.31 -21.03 -25.12
CA ARG B 76 30.50 -19.82 -25.07
C ARG B 76 31.06 -18.84 -26.09
N ARG B 77 30.30 -18.61 -27.16
CA ARG B 77 30.72 -17.75 -28.27
C ARG B 77 30.18 -16.35 -28.01
N ARG B 78 31.06 -15.46 -27.57
CA ARG B 78 30.70 -14.08 -27.31
C ARG B 78 31.02 -13.24 -28.52
N TYR B 79 30.17 -12.27 -28.81
CA TYR B 79 30.40 -11.39 -29.93
C TYR B 79 29.56 -10.14 -29.75
N SER B 80 29.95 -9.10 -30.49
CA SER B 80 29.14 -7.91 -30.66
C SER B 80 29.49 -7.31 -32.02
N PHE B 81 28.79 -6.24 -32.36
CA PHE B 81 28.88 -5.65 -33.69
C PHE B 81 29.52 -4.27 -33.61
N LYS B 82 30.53 -4.07 -34.43
CA LYS B 82 31.24 -2.78 -34.48
C LYS B 82 30.88 -2.12 -35.81
N LEU B 83 29.97 -1.15 -35.75
CA LEU B 83 29.55 -0.40 -36.94
C LEU B 83 30.58 0.68 -37.22
N LEU B 84 31.02 0.76 -38.47
CA LEU B 84 32.14 1.61 -38.88
C LEU B 84 31.73 2.60 -39.96
N TRP B 85 31.96 3.87 -39.71
CA TRP B 85 31.92 4.93 -40.71
C TRP B 85 33.35 5.43 -40.96
N ALA B 86 33.48 6.42 -41.84
CA ALA B 86 34.82 6.94 -42.12
C ALA B 86 35.44 7.62 -40.90
N ASP B 87 34.63 8.17 -40.01
CA ASP B 87 35.17 8.98 -38.92
C ASP B 87 34.78 8.53 -37.51
N ARG B 88 33.99 7.47 -37.34
CA ARG B 88 33.46 7.10 -36.03
C ARG B 88 32.99 5.66 -36.05
N GLN B 89 32.64 5.15 -34.86
CA GLN B 89 32.16 3.80 -34.73
C GLN B 89 31.06 3.76 -33.69
N LEU B 90 30.24 2.73 -33.77
CA LEU B 90 29.11 2.53 -32.86
C LEU B 90 28.95 1.04 -32.59
N TRP B 91 28.68 0.68 -31.33
CA TRP B 91 28.57 -0.73 -30.97
C TRP B 91 27.11 -1.11 -30.84
N PHE B 92 26.75 -2.29 -31.38
CA PHE B 92 25.43 -2.87 -31.18
C PHE B 92 25.57 -4.15 -30.36
N THR B 93 24.78 -4.23 -29.31
CA THR B 93 24.91 -5.14 -28.18
C THR B 93 23.54 -5.61 -27.74
N PRO B 94 23.45 -6.57 -26.81
CA PRO B 94 22.15 -6.91 -26.22
C PRO B 94 21.44 -5.74 -25.58
N GLN B 95 22.13 -4.66 -25.25
CA GLN B 95 21.47 -3.50 -24.66
C GLN B 95 21.49 -2.32 -25.64
N GLU B 96 21.18 -2.62 -26.92
CA GLU B 96 21.10 -1.64 -27.98
C GLU B 96 22.47 -1.05 -28.27
N PHE B 97 22.51 0.23 -28.67
CA PHE B 97 23.74 0.89 -29.07
C PHE B 97 24.53 1.39 -27.85
N ASN B 98 25.85 1.37 -27.98
CA ASN B 98 26.80 1.86 -26.98
C ASN B 98 27.84 2.68 -27.71
N ARG B 99 28.21 3.84 -27.17
CA ARG B 99 29.21 4.67 -27.83
C ARG B 99 30.64 4.23 -27.53
N PHE B 100 30.85 3.49 -26.46
CA PHE B 100 32.14 2.90 -26.14
C PHE B 100 31.99 1.37 -26.04
N PRO B 101 33.09 0.61 -26.12
CA PRO B 101 32.98 -0.86 -26.20
C PRO B 101 32.16 -1.46 -25.07
N PRO B 102 31.35 -2.47 -25.34
CA PRO B 102 30.62 -3.15 -24.27
C PRO B 102 31.55 -3.97 -23.38
N ALA B 103 31.10 -4.18 -22.14
CA ALA B 103 31.77 -5.16 -21.30
C ALA B 103 31.84 -6.51 -22.02
N ARG B 104 32.95 -7.20 -21.83
CA ARG B 104 33.09 -8.54 -22.40
C ARG B 104 31.95 -9.45 -21.95
N LEU B 105 31.55 -9.37 -20.69
CA LEU B 105 30.50 -10.21 -20.17
C LEU B 105 29.10 -9.68 -20.42
N GLU B 106 28.94 -8.59 -21.18
CA GLU B 106 27.64 -8.07 -21.57
C GLU B 106 27.46 -8.01 -23.09
N GLN B 107 28.11 -8.92 -23.78
CA GLN B 107 27.96 -9.15 -25.20
C GLN B 107 26.85 -10.16 -25.48
N PHE B 108 26.52 -10.34 -26.75
CA PHE B 108 25.74 -11.51 -27.15
C PHE B 108 26.56 -12.78 -26.90
N ALA B 109 25.88 -13.87 -26.55
CA ALA B 109 26.57 -15.12 -26.26
C ALA B 109 25.65 -16.29 -26.56
N VAL B 110 26.22 -17.31 -27.23
CA VAL B 110 25.59 -18.59 -27.49
C VAL B 110 26.54 -19.70 -27.04
N ASP B 111 25.98 -20.77 -26.49
CA ASP B 111 26.77 -21.91 -26.02
C ASP B 111 26.80 -22.98 -27.11
N LEU B 112 27.95 -23.17 -27.74
CA LEU B 112 28.07 -24.10 -28.86
C LEU B 112 29.40 -24.84 -28.78
N PRO B 113 29.40 -26.13 -28.40
CA PRO B 113 28.20 -26.90 -28.05
C PRO B 113 27.61 -26.53 -26.67
N ASP B 114 26.32 -26.77 -26.49
CA ASP B 114 25.66 -26.51 -25.22
C ASP B 114 25.69 -27.80 -24.41
N SER B 115 26.51 -27.82 -23.37
CA SER B 115 26.61 -28.99 -22.51
C SER B 115 25.73 -28.88 -21.28
N GLY B 116 24.95 -27.80 -21.16
CA GLY B 116 24.05 -27.61 -20.06
C GLY B 116 22.88 -28.55 -20.18
N PRO B 117 22.02 -28.56 -19.18
CA PRO B 117 20.87 -29.50 -19.21
C PRO B 117 19.83 -29.06 -20.24
N GLN B 118 19.90 -29.65 -21.43
CA GLN B 118 19.05 -29.21 -22.53
C GLN B 118 17.57 -29.44 -22.26
N TRP B 119 17.23 -30.33 -21.34
CA TRP B 119 15.84 -30.63 -21.06
C TRP B 119 15.14 -29.56 -20.21
N VAL B 120 15.91 -28.67 -19.56
CA VAL B 120 15.35 -27.74 -18.57
C VAL B 120 14.39 -26.74 -19.22
N ALA B 121 14.73 -26.26 -20.42
CA ALA B 121 13.89 -25.28 -21.11
C ALA B 121 12.49 -25.80 -21.42
N ASP B 122 12.32 -27.11 -21.54
CA ASP B 122 11.06 -27.76 -21.88
C ASP B 122 10.17 -28.05 -20.68
N GLN B 123 10.56 -27.59 -19.50
CA GLN B 123 9.87 -27.99 -18.29
C GLN B 123 8.96 -26.89 -17.79
N VAL B 124 8.00 -27.28 -16.96
CA VAL B 124 7.26 -26.37 -16.11
C VAL B 124 7.37 -26.94 -14.71
N PHE B 125 8.03 -26.20 -13.81
CA PHE B 125 8.35 -26.63 -12.46
C PHE B 125 7.27 -26.29 -11.45
N TYR B 126 7.17 -27.15 -10.43
CA TYR B 126 6.20 -26.97 -9.35
C TYR B 126 6.98 -27.19 -8.07
N GLN B 127 7.07 -26.15 -7.25
CA GLN B 127 7.83 -26.21 -6.01
C GLN B 127 6.89 -26.52 -4.86
N ILE B 128 7.17 -27.60 -4.14
CA ILE B 128 6.32 -28.09 -3.07
C ILE B 128 7.06 -28.02 -1.75
N PHE B 129 6.38 -27.50 -0.70
CA PHE B 129 6.70 -27.61 0.72
C PHE B 129 5.91 -28.81 1.25
N PRO B 130 6.54 -29.97 1.36
CA PRO B 130 5.75 -31.23 1.43
C PRO B 130 4.73 -31.28 2.57
N ASP B 131 5.00 -30.63 3.70
CA ASP B 131 4.10 -30.74 4.85
C ASP B 131 2.75 -30.07 4.61
N ARG B 132 2.66 -29.09 3.71
CA ARG B 132 1.42 -28.34 3.52
C ARG B 132 0.70 -28.72 2.24
N PHE B 133 1.16 -29.75 1.53
CA PHE B 133 0.61 -30.06 0.22
C PHE B 133 -0.46 -31.15 0.27
N ALA B 134 -0.07 -32.38 0.61
CA ALA B 134 -1.02 -33.49 0.49
C ALA B 134 -0.68 -34.60 1.48
N ARG B 135 -1.65 -34.93 2.34
CA ARG B 135 -1.57 -36.14 3.15
C ARG B 135 -2.01 -37.32 2.31
N SER B 136 -1.37 -38.47 2.54
CA SER B 136 -1.65 -39.67 1.77
C SER B 136 -2.99 -40.34 2.08
N PHE B 159 2.89 -29.06 12.27
CA PHE B 159 2.85 -30.06 11.21
C PHE B 159 1.41 -30.36 10.79
N TYR B 160 1.06 -29.98 9.56
CA TYR B 160 -0.24 -30.38 9.01
C TYR B 160 -0.25 -31.83 8.55
N GLY B 161 0.91 -32.41 8.31
CA GLY B 161 1.01 -33.84 8.07
C GLY B 161 1.06 -34.28 6.63
N GLY B 162 1.30 -33.37 5.68
CA GLY B 162 1.52 -33.78 4.30
C GLY B 162 2.83 -34.53 4.15
N ASP B 163 2.88 -35.40 3.14
CA ASP B 163 4.04 -36.24 2.96
C ASP B 163 4.26 -36.51 1.48
N LEU B 164 5.35 -37.21 1.18
CA LEU B 164 5.72 -37.45 -0.21
C LEU B 164 4.75 -38.41 -0.89
N ASP B 165 4.19 -39.36 -0.14
CA ASP B 165 3.18 -40.22 -0.74
C ASP B 165 1.92 -39.43 -1.09
N GLY B 166 1.65 -38.34 -0.37
CA GLY B 166 0.62 -37.40 -0.81
C GLY B 166 0.93 -36.79 -2.17
N ILE B 167 2.19 -36.41 -2.40
CA ILE B 167 2.58 -35.85 -3.70
C ILE B 167 2.34 -36.85 -4.81
N SER B 168 2.72 -38.12 -4.59
CA SER B 168 2.48 -39.17 -5.57
C SER B 168 1.00 -39.30 -5.91
N GLU B 169 0.13 -39.25 -4.90
CA GLU B 169 -1.30 -39.37 -5.17
C GLU B 169 -1.83 -38.19 -5.98
N LYS B 170 -1.18 -37.03 -5.90
CA LYS B 170 -1.64 -35.85 -6.61
C LYS B 170 -0.96 -35.64 -7.96
N LEU B 171 -0.13 -36.60 -8.42
CA LEU B 171 0.49 -36.47 -9.73
C LEU B 171 -0.49 -36.34 -10.90
N PRO B 172 -1.70 -36.94 -10.88
CA PRO B 172 -2.67 -36.62 -11.94
C PRO B 172 -3.04 -35.14 -11.96
N TYR B 173 -3.34 -34.57 -10.78
CA TYR B 173 -3.69 -33.16 -10.67
C TYR B 173 -2.60 -32.29 -11.27
N LEU B 174 -1.34 -32.57 -10.92
CA LEU B 174 -0.22 -31.79 -11.41
C LEU B 174 -0.03 -31.98 -12.92
N LYS B 175 -0.32 -33.17 -13.44
CA LYS B 175 -0.27 -33.36 -14.88
C LYS B 175 -1.30 -32.49 -15.58
N GLN B 176 -2.51 -32.41 -15.02
CA GLN B 176 -3.57 -31.58 -15.59
C GLN B 176 -3.22 -30.10 -15.56
N LEU B 177 -2.41 -29.70 -14.58
CA LEU B 177 -1.98 -28.31 -14.50
C LEU B 177 -0.97 -27.97 -15.58
N GLY B 178 -0.25 -28.97 -16.10
CA GLY B 178 0.81 -28.74 -17.05
C GLY B 178 2.19 -28.91 -16.47
N VAL B 179 2.29 -29.30 -15.20
CA VAL B 179 3.58 -29.52 -14.54
C VAL B 179 4.31 -30.68 -15.18
N THR B 180 5.62 -30.51 -15.33
CA THR B 180 6.47 -31.57 -15.86
C THR B 180 7.68 -31.83 -14.96
N ALA B 181 7.83 -31.10 -13.86
CA ALA B 181 9.00 -31.22 -12.99
C ALA B 181 8.62 -30.76 -11.58
N LEU B 182 9.11 -31.50 -10.59
CA LEU B 182 8.85 -31.20 -9.19
C LEU B 182 10.15 -30.75 -8.55
N TYR B 183 10.03 -29.79 -7.64
CA TYR B 183 11.14 -29.29 -6.84
C TYR B 183 10.69 -29.37 -5.39
N LEU B 184 11.30 -30.28 -4.63
CA LEU B 184 10.91 -30.54 -3.25
C LEU B 184 11.80 -29.73 -2.31
N ASN B 185 11.18 -28.93 -1.46
CA ASN B 185 11.91 -28.08 -0.54
C ASN B 185 11.07 -27.82 0.71
N PRO B 186 11.43 -28.39 1.87
CA PRO B 186 12.58 -29.27 2.07
C PRO B 186 12.22 -30.74 1.89
N VAL B 187 13.19 -31.65 2.07
CA VAL B 187 12.94 -33.09 1.97
C VAL B 187 13.73 -33.80 3.07
N PHE B 188 14.95 -33.34 3.34
CA PHE B 188 15.88 -33.98 4.26
C PHE B 188 15.75 -33.42 5.68
N VAL B 189 16.27 -34.20 6.63
CA VAL B 189 16.35 -33.84 8.05
C VAL B 189 17.43 -32.80 8.34
N ARG B 202 22.82 -37.04 5.51
CA ARG B 202 21.45 -36.55 5.44
C ARG B 202 20.47 -37.70 5.23
N ARG B 203 19.23 -37.51 5.69
CA ARG B 203 18.19 -38.53 5.63
C ARG B 203 16.87 -37.87 5.27
N VAL B 204 16.06 -38.55 4.43
CA VAL B 204 14.74 -38.04 4.11
C VAL B 204 13.90 -37.95 5.37
N ASP B 205 13.26 -36.81 5.56
CA ASP B 205 12.53 -36.59 6.81
C ASP B 205 11.47 -37.66 7.01
N PRO B 206 11.48 -38.34 8.18
CA PRO B 206 10.49 -39.41 8.41
C PRO B 206 9.04 -38.92 8.46
N GLN B 207 8.81 -37.65 8.81
CA GLN B 207 7.46 -37.11 8.80
C GLN B 207 6.87 -37.04 7.40
N PHE B 208 7.70 -37.13 6.36
CA PHE B 208 7.24 -37.17 4.97
C PHE B 208 7.17 -38.59 4.41
N GLY B 209 7.47 -39.61 5.20
CA GLY B 209 7.53 -40.98 4.70
C GLY B 209 8.93 -41.52 4.56
N GLY B 210 9.94 -40.74 4.86
CA GLY B 210 11.28 -41.27 4.81
C GLY B 210 11.70 -41.63 3.39
N ASP B 211 12.88 -42.24 3.31
CA ASP B 211 13.48 -42.53 2.02
C ASP B 211 12.60 -43.41 1.14
N ALA B 212 11.78 -44.29 1.73
CA ALA B 212 10.96 -45.15 0.88
C ALA B 212 9.90 -44.35 0.15
N ALA B 213 9.30 -43.36 0.81
CA ALA B 213 8.30 -42.54 0.14
C ALA B 213 8.91 -41.72 -0.98
N LEU B 214 10.15 -41.22 -0.79
CA LEU B 214 10.83 -40.52 -1.87
C LEU B 214 11.14 -41.45 -3.04
N LEU B 215 11.61 -42.68 -2.76
CA LEU B 215 11.86 -43.63 -3.84
C LEU B 215 10.59 -43.90 -4.65
N ARG B 216 9.46 -44.09 -3.98
CA ARG B 216 8.20 -44.27 -4.70
C ARG B 216 7.86 -43.03 -5.50
N LEU B 217 8.18 -41.84 -4.98
CA LEU B 217 7.93 -40.63 -5.73
C LEU B 217 8.85 -40.56 -6.96
N ARG B 218 10.11 -41.01 -6.83
CA ARG B 218 10.95 -41.07 -8.02
C ARG B 218 10.37 -42.00 -9.08
N HIS B 219 9.99 -43.22 -8.66
CA HIS B 219 9.41 -44.18 -9.61
C HIS B 219 8.12 -43.65 -10.22
N ASN B 220 7.28 -43.02 -9.39
CA ASN B 220 6.00 -42.54 -9.90
C ASN B 220 6.21 -41.36 -10.86
N THR B 221 7.14 -40.46 -10.55
CA THR B 221 7.36 -39.32 -11.44
C THR B 221 8.03 -39.76 -12.75
N GLN B 222 8.96 -40.72 -12.68
CA GLN B 222 9.52 -41.28 -13.91
C GLN B 222 8.44 -41.89 -14.80
N LYS B 223 7.52 -42.65 -14.22
CA LYS B 223 6.44 -43.22 -15.01
C LYS B 223 5.59 -42.15 -15.67
N GLU B 224 5.48 -40.98 -15.03
CA GLU B 224 4.73 -39.84 -15.58
C GLU B 224 5.61 -38.94 -16.45
N GLY B 225 6.87 -39.32 -16.65
CA GLY B 225 7.83 -38.51 -17.39
C GLY B 225 8.21 -37.20 -16.74
N MET B 226 8.02 -37.09 -15.43
CA MET B 226 8.28 -35.84 -14.73
C MET B 226 9.67 -35.82 -14.13
N ARG B 227 10.29 -34.65 -14.17
CA ARG B 227 11.58 -34.50 -13.52
C ARG B 227 11.37 -34.25 -12.04
N LEU B 228 12.44 -34.47 -11.28
CA LEU B 228 12.42 -34.34 -9.83
C LEU B 228 13.73 -33.77 -9.35
N ILE B 229 13.66 -32.66 -8.62
CA ILE B 229 14.85 -31.95 -8.15
C ILE B 229 14.74 -31.85 -6.65
N LEU B 230 15.83 -32.13 -5.95
CA LEU B 230 15.81 -32.06 -4.49
C LEU B 230 16.63 -30.86 -4.03
N ASP B 231 16.17 -30.27 -2.93
CA ASP B 231 16.93 -29.23 -2.27
C ASP B 231 18.03 -29.85 -1.43
N GLY B 232 19.23 -29.28 -1.52
CA GLY B 232 20.37 -29.73 -0.76
C GLY B 232 20.85 -28.73 0.26
N SER B 257 30.04 -35.27 -2.48
CA SER B 257 29.87 -36.71 -2.28
C SER B 257 28.40 -37.10 -2.09
N VAL B 258 27.73 -36.46 -1.13
CA VAL B 258 26.27 -36.62 -1.00
C VAL B 258 25.61 -36.15 -2.28
N VAL B 259 26.26 -35.22 -2.98
CA VAL B 259 25.79 -34.77 -4.28
C VAL B 259 25.67 -35.95 -5.25
N ARG B 260 26.72 -36.78 -5.33
CA ARG B 260 26.65 -37.92 -6.25
C ARG B 260 25.67 -38.98 -5.78
N HIS B 261 25.57 -39.21 -4.46
CA HIS B 261 24.74 -40.32 -3.98
C HIS B 261 23.31 -40.20 -4.44
N TRP B 262 22.77 -38.98 -4.46
CA TRP B 262 21.38 -38.78 -4.84
C TRP B 262 21.17 -38.64 -6.35
N LEU B 263 22.22 -38.44 -7.14
CA LEU B 263 22.06 -38.52 -8.59
C LEU B 263 22.32 -39.92 -9.16
N LYS B 264 22.92 -40.81 -8.37
CA LYS B 264 23.12 -42.22 -8.67
C LYS B 264 21.82 -43.02 -8.53
N ALA B 265 21.80 -44.20 -9.16
CA ALA B 265 20.78 -45.19 -8.84
C ALA B 265 20.94 -45.67 -7.40
N PRO B 266 19.84 -46.02 -6.72
CA PRO B 266 18.46 -46.08 -7.22
C PRO B 266 17.73 -44.74 -7.15
N TRP B 267 18.39 -43.68 -6.69
CA TRP B 267 17.73 -42.40 -6.48
C TRP B 267 17.51 -41.63 -7.78
N SER B 268 18.57 -41.48 -8.58
CA SER B 268 18.53 -40.91 -9.92
C SER B 268 17.68 -39.64 -9.99
N MET B 269 17.95 -38.74 -9.05
CA MET B 269 17.35 -37.43 -9.10
C MET B 269 17.90 -36.66 -10.29
N ASP B 270 17.12 -35.70 -10.75
CA ASP B 270 17.46 -34.93 -11.93
C ASP B 270 18.32 -33.71 -11.65
N GLY B 271 18.52 -33.35 -10.40
CA GLY B 271 19.41 -32.24 -10.10
C GLY B 271 19.31 -31.82 -8.66
N TRP B 272 20.02 -30.74 -8.36
CA TRP B 272 20.20 -30.21 -7.02
C TRP B 272 19.94 -28.71 -7.00
N ARG B 273 19.40 -28.25 -5.89
CA ARG B 273 19.40 -26.84 -5.51
C ARG B 273 20.41 -26.67 -4.39
N LEU B 274 21.39 -25.79 -4.60
CA LEU B 274 22.41 -25.49 -3.58
C LEU B 274 22.09 -24.33 -2.63
N ARG B 291 34.00 -21.74 -6.76
CA ARG B 291 34.95 -22.83 -6.58
C ARG B 291 34.36 -23.97 -5.74
N HIS B 292 33.90 -23.64 -4.52
CA HIS B 292 33.17 -24.62 -3.71
C HIS B 292 31.94 -25.13 -4.44
N ILE B 293 31.17 -24.21 -5.02
CA ILE B 293 30.04 -24.59 -5.87
C ILE B 293 30.54 -25.25 -7.16
N ALA B 294 31.69 -24.82 -7.68
CA ALA B 294 32.22 -25.44 -8.90
C ALA B 294 32.56 -26.90 -8.69
N GLY B 295 33.10 -27.26 -7.52
CA GLY B 295 33.35 -28.67 -7.24
C GLY B 295 32.06 -29.45 -7.11
N ILE B 296 31.05 -28.86 -6.46
CA ILE B 296 29.75 -29.50 -6.31
C ILE B 296 29.11 -29.72 -7.68
N THR B 297 29.12 -28.69 -8.54
CA THR B 297 28.59 -28.84 -9.89
C THR B 297 29.40 -29.84 -10.71
N GLN B 298 30.73 -29.82 -10.56
CA GLN B 298 31.58 -30.75 -11.32
C GLN B 298 31.27 -32.19 -10.95
N ALA B 299 31.07 -32.46 -9.66
CA ALA B 299 30.75 -33.80 -9.20
C ALA B 299 29.38 -34.27 -9.69
N ALA B 300 28.39 -33.39 -9.67
CA ALA B 300 27.05 -33.77 -10.12
C ALA B 300 27.05 -34.17 -11.59
N LYS B 301 27.76 -33.42 -12.43
CA LYS B 301 27.83 -33.67 -13.86
C LYS B 301 28.59 -34.96 -14.19
N LEU B 302 29.58 -35.31 -13.36
CA LEU B 302 30.30 -36.56 -13.58
C LEU B 302 29.37 -37.76 -13.40
N GLU B 303 28.58 -37.77 -12.32
CA GLU B 303 27.65 -38.87 -12.14
C GLU B 303 26.52 -38.85 -13.16
N ARG B 304 25.99 -37.66 -13.47
CA ARG B 304 24.83 -37.52 -14.33
C ARG B 304 25.04 -36.28 -15.20
N PRO B 305 25.44 -36.48 -16.47
CA PRO B 305 25.84 -35.31 -17.30
C PRO B 305 24.72 -34.29 -17.54
N ASP B 306 23.46 -34.72 -17.51
CA ASP B 306 22.32 -33.82 -17.63
C ASP B 306 21.73 -33.43 -16.27
N ALA B 307 22.55 -33.37 -15.22
CA ALA B 307 22.05 -32.87 -13.94
C ALA B 307 21.85 -31.36 -13.98
N PHE B 308 20.79 -30.91 -13.32
CA PHE B 308 20.46 -29.50 -13.24
C PHE B 308 20.93 -29.00 -11.88
N VAL B 309 22.00 -28.23 -11.87
CA VAL B 309 22.50 -27.66 -10.63
C VAL B 309 22.31 -26.15 -10.70
N PHE B 310 21.43 -25.62 -9.86
CA PHE B 310 21.08 -24.21 -9.83
C PHE B 310 21.10 -23.73 -8.41
N GLY B 311 21.30 -22.42 -8.23
CA GLY B 311 21.44 -21.84 -6.92
C GLY B 311 20.32 -20.86 -6.59
N GLU B 312 20.03 -20.75 -5.30
CA GLU B 312 19.04 -19.79 -4.81
C GLU B 312 19.76 -18.50 -4.43
N HIS B 313 19.79 -17.55 -5.37
CA HIS B 313 20.41 -16.24 -5.20
C HIS B 313 19.33 -15.18 -5.15
N PHE B 314 19.21 -14.50 -4.01
CA PHE B 314 18.30 -13.37 -3.91
C PHE B 314 18.89 -12.12 -4.54
N GLY B 315 20.21 -12.04 -4.61
CA GLY B 315 20.86 -10.91 -5.22
C GLY B 315 21.38 -11.22 -6.60
N ASP B 316 22.41 -10.51 -6.99
CA ASP B 316 22.97 -10.61 -8.33
C ASP B 316 23.83 -11.88 -8.42
N ALA B 317 23.33 -12.87 -9.12
CA ALA B 317 24.03 -14.14 -9.32
C ALA B 317 24.98 -14.15 -10.52
N ARG B 318 25.18 -13.03 -11.21
CA ARG B 318 25.86 -13.08 -12.51
C ARG B 318 27.29 -13.63 -12.39
N GLN B 319 28.01 -13.27 -11.32
CA GLN B 319 29.38 -13.73 -11.23
C GLN B 319 29.48 -15.25 -11.22
N TRP B 320 28.55 -15.92 -10.52
CA TRP B 320 28.55 -17.38 -10.51
C TRP B 320 28.16 -17.95 -11.86
N LEU B 321 27.19 -17.33 -12.53
CA LEU B 321 26.74 -17.81 -13.82
C LEU B 321 27.76 -17.52 -14.91
N GLN B 322 28.43 -16.37 -14.81
CA GLN B 322 29.40 -16.06 -15.85
C GLN B 322 30.67 -16.88 -15.74
N ALA B 323 30.85 -17.59 -14.63
CA ALA B 323 31.94 -18.54 -14.48
C ALA B 323 31.48 -19.98 -14.57
N ASP B 324 30.21 -20.23 -14.86
CA ASP B 324 29.69 -21.58 -15.09
C ASP B 324 29.80 -22.50 -13.86
N VAL B 325 29.83 -21.93 -12.66
CA VAL B 325 29.85 -22.81 -11.50
C VAL B 325 28.46 -23.37 -11.21
N GLU B 326 27.39 -22.76 -11.73
CA GLU B 326 26.04 -23.31 -11.65
C GLU B 326 25.40 -23.19 -13.03
N ASP B 327 24.37 -24.01 -13.26
CA ASP B 327 23.66 -24.04 -14.53
C ASP B 327 22.66 -22.90 -14.69
N SER B 328 22.11 -22.42 -13.59
CA SER B 328 21.00 -21.47 -13.61
C SER B 328 20.88 -20.92 -12.21
N ALA B 329 19.97 -19.97 -12.05
CA ALA B 329 19.68 -19.39 -10.74
C ALA B 329 18.20 -19.12 -10.60
N MET B 330 17.70 -19.21 -9.37
CA MET B 330 16.37 -18.71 -9.06
C MET B 330 16.37 -17.21 -9.29
N ASN B 331 15.68 -16.77 -10.35
CA ASN B 331 15.97 -15.48 -10.97
C ASN B 331 15.24 -14.35 -10.25
N TYR B 332 15.65 -14.14 -8.99
CA TYR B 332 15.06 -13.05 -8.22
C TYR B 332 15.45 -11.70 -8.78
N ARG B 333 16.75 -11.51 -9.04
CA ARG B 333 17.23 -10.21 -9.48
C ARG B 333 16.72 -9.87 -10.87
N GLY B 334 16.57 -10.89 -11.72
CA GLY B 334 16.24 -10.72 -13.12
C GLY B 334 14.78 -10.89 -13.48
N PHE B 335 13.96 -11.43 -12.59
CA PHE B 335 12.55 -11.57 -12.94
C PHE B 335 11.65 -11.18 -11.79
N THR B 336 11.88 -11.77 -10.61
CA THR B 336 10.94 -11.64 -9.50
C THR B 336 10.85 -10.21 -8.99
N PHE B 337 11.97 -9.65 -8.62
CA PHE B 337 11.97 -8.33 -8.01
C PHE B 337 11.62 -7.23 -9.01
N PRO B 338 12.05 -7.32 -10.29
CA PRO B 338 11.44 -6.40 -11.28
C PRO B 338 9.90 -6.46 -11.33
N LEU B 339 9.27 -7.64 -11.24
CA LEU B 339 7.81 -7.71 -11.21
C LEU B 339 7.25 -7.23 -9.89
N TRP B 340 7.91 -7.55 -8.78
CA TRP B 340 7.48 -6.98 -7.50
C TRP B 340 7.47 -5.46 -7.57
N GLY B 341 8.49 -4.87 -8.17
CA GLY B 341 8.53 -3.42 -8.26
C GLY B 341 7.46 -2.88 -9.17
N PHE B 342 7.41 -3.40 -10.40
CA PHE B 342 6.50 -2.86 -11.41
C PHE B 342 5.04 -3.20 -11.09
N LEU B 343 4.74 -4.39 -10.58
CA LEU B 343 3.35 -4.76 -10.35
C LEU B 343 2.87 -4.54 -8.91
N ALA B 344 3.74 -4.70 -7.93
CA ALA B 344 3.35 -4.65 -6.52
C ALA B 344 4.06 -3.56 -5.72
N ASN B 345 4.88 -2.70 -6.35
CA ASN B 345 5.47 -1.52 -5.71
C ASN B 345 6.33 -1.83 -4.49
N THR B 346 6.98 -3.00 -4.45
CA THR B 346 7.72 -3.38 -3.26
C THR B 346 8.96 -4.16 -3.67
N ASP B 347 9.76 -4.55 -2.68
CA ASP B 347 10.98 -5.29 -2.96
C ASP B 347 11.20 -6.28 -1.82
N ILE B 348 12.37 -6.91 -1.83
CA ILE B 348 12.63 -7.96 -0.84
C ILE B 348 12.65 -7.39 0.57
N SER B 349 13.03 -6.11 0.73
CA SER B 349 13.00 -5.48 2.04
C SER B 349 11.63 -4.90 2.38
N TYR B 350 10.65 -5.01 1.48
CA TYR B 350 9.35 -4.36 1.63
C TYR B 350 9.51 -2.84 1.72
N ASP B 351 10.56 -2.31 1.11
CA ASP B 351 10.70 -0.89 0.83
C ASP B 351 9.87 -0.54 -0.40
N PRO B 352 9.28 0.65 -0.42
CA PRO B 352 8.41 1.02 -1.54
C PRO B 352 9.19 1.14 -2.84
N GLN B 353 8.52 0.80 -3.92
CA GLN B 353 9.10 0.80 -5.25
C GLN B 353 8.15 1.56 -6.16
N LYS B 354 8.71 2.50 -6.94
CA LYS B 354 7.97 3.25 -7.95
C LYS B 354 8.71 3.06 -9.26
N ILE B 355 8.36 2.01 -9.99
CA ILE B 355 9.09 1.55 -11.17
C ILE B 355 8.12 1.56 -12.33
N ASP B 356 8.40 2.37 -13.35
CA ASP B 356 7.56 2.36 -14.54
C ASP B 356 8.08 1.31 -15.52
N ALA B 357 7.36 1.12 -16.62
CA ALA B 357 7.71 0.07 -17.57
C ALA B 357 9.12 0.28 -18.15
N GLN B 358 9.49 1.53 -18.42
CA GLN B 358 10.84 1.77 -18.93
C GLN B 358 11.90 1.20 -18.00
N THR B 359 11.77 1.48 -16.70
CA THR B 359 12.81 1.08 -15.76
C THR B 359 12.79 -0.43 -15.55
N CYS B 360 11.60 -1.02 -15.43
CA CYS B 360 11.49 -2.47 -15.27
C CYS B 360 12.13 -3.22 -16.45
N MET B 361 11.89 -2.75 -17.66
CA MET B 361 12.41 -3.45 -18.82
C MET B 361 13.92 -3.21 -19.00
N ALA B 362 14.39 -2.02 -18.65
CA ALA B 362 15.83 -1.80 -18.59
C ALA B 362 16.50 -2.71 -17.55
N TRP B 363 15.87 -2.83 -16.38
CA TRP B 363 16.35 -3.71 -15.32
C TRP B 363 16.44 -5.15 -15.79
N MET B 364 15.34 -5.68 -16.34
CA MET B 364 15.30 -7.09 -16.73
C MET B 364 16.24 -7.37 -17.90
N ASP B 365 16.31 -6.44 -18.86
CA ASP B 365 17.23 -6.63 -19.98
C ASP B 365 18.67 -6.45 -19.55
N ASN B 366 18.94 -5.57 -18.57
CA ASN B 366 20.32 -5.39 -18.13
C ASN B 366 20.85 -6.68 -17.51
N TYR B 367 20.00 -7.37 -16.74
CA TYR B 367 20.42 -8.61 -16.10
C TYR B 367 20.70 -9.69 -17.13
N ARG B 368 19.77 -9.90 -18.09
CA ARG B 368 19.90 -10.93 -19.12
C ARG B 368 21.18 -10.76 -19.94
N ALA B 369 21.57 -9.51 -20.19
CA ALA B 369 22.69 -9.28 -21.10
C ALA B 369 23.98 -9.94 -20.60
N GLY B 370 24.07 -10.21 -19.30
CA GLY B 370 25.21 -10.90 -18.72
C GLY B 370 25.16 -12.41 -18.79
N LEU B 371 24.21 -12.97 -19.54
CA LEU B 371 23.91 -14.40 -19.63
C LEU B 371 23.86 -14.83 -21.10
N SER B 372 24.40 -16.00 -21.40
CA SER B 372 24.23 -16.54 -22.75
C SER B 372 22.76 -16.90 -23.00
N HIS B 373 22.42 -17.04 -24.27
CA HIS B 373 21.05 -17.42 -24.61
C HIS B 373 20.63 -18.74 -23.95
N GLN B 374 21.51 -19.74 -23.96
CA GLN B 374 21.17 -21.03 -23.35
C GLN B 374 20.96 -20.89 -21.86
N GLN B 375 21.80 -20.07 -21.19
CA GLN B 375 21.60 -19.79 -19.78
C GLN B 375 20.26 -19.12 -19.52
N GLN B 376 19.93 -18.09 -20.30
CA GLN B 376 18.66 -17.37 -20.13
C GLN B 376 17.46 -18.31 -20.23
N LEU B 377 17.48 -19.26 -21.16
CA LEU B 377 16.37 -20.21 -21.32
C LEU B 377 16.21 -21.14 -20.11
N ARG B 378 17.24 -21.26 -19.27
CA ARG B 378 17.23 -22.09 -18.08
C ARG B 378 16.97 -21.32 -16.78
N MET B 379 16.91 -19.99 -16.83
CA MET B 379 16.71 -19.21 -15.62
C MET B 379 15.39 -19.60 -14.98
N PHE B 380 15.40 -19.73 -13.67
CA PHE B 380 14.28 -20.22 -12.89
C PHE B 380 13.39 -19.04 -12.56
N ASN B 381 12.30 -18.85 -13.29
CA ASN B 381 11.46 -17.70 -13.04
C ASN B 381 10.36 -18.03 -12.03
N GLN B 382 10.09 -17.08 -11.14
CA GLN B 382 9.14 -17.28 -10.07
C GLN B 382 8.52 -15.96 -9.68
N LEU B 383 7.29 -16.03 -9.24
CA LEU B 383 6.61 -14.91 -8.61
C LEU B 383 6.83 -14.87 -7.13
N ASP B 384 7.09 -16.04 -6.54
CA ASP B 384 7.30 -16.15 -5.10
C ASP B 384 7.85 -17.55 -4.83
N SER B 385 8.13 -17.81 -3.57
CA SER B 385 8.75 -19.07 -3.16
C SER B 385 8.62 -19.21 -1.65
N HIS B 386 9.30 -20.23 -1.09
N HIS B 386 9.29 -20.23 -1.10
CA HIS B 386 9.22 -20.49 0.34
CA HIS B 386 9.24 -20.50 0.34
C HIS B 386 9.83 -19.36 1.17
C HIS B 386 9.81 -19.34 1.16
N ALA B 387 10.81 -18.65 0.63
CA ALA B 387 11.48 -17.58 1.35
C ALA B 387 10.80 -16.22 1.23
N THR B 388 9.70 -16.12 0.46
CA THR B 388 9.06 -14.84 0.20
C THR B 388 7.59 -14.92 0.59
N ALA B 389 6.96 -13.76 0.72
CA ALA B 389 5.51 -13.74 0.83
C ALA B 389 4.89 -14.18 -0.48
N ARG B 390 3.63 -14.59 -0.41
CA ARG B 390 2.87 -14.93 -1.61
C ARG B 390 2.65 -13.67 -2.44
N PHE B 391 2.83 -13.78 -3.75
CA PHE B 391 2.67 -12.63 -4.62
C PHE B 391 1.27 -12.05 -4.53
N LYS B 392 0.26 -12.94 -4.40
CA LYS B 392 -1.13 -12.49 -4.31
C LYS B 392 -1.32 -11.51 -3.14
N SER B 393 -0.68 -11.77 -2.00
CA SER B 393 -0.78 -10.84 -0.89
C SER B 393 0.02 -9.56 -1.13
N LEU B 394 1.23 -9.66 -1.70
CA LEU B 394 2.05 -8.48 -1.92
C LEU B 394 1.36 -7.47 -2.83
N LEU B 395 0.54 -7.94 -3.77
CA LEU B 395 -0.20 -7.04 -4.63
C LEU B 395 -1.16 -6.16 -3.84
N GLY B 396 -1.62 -6.65 -2.67
CA GLY B 396 -2.49 -5.86 -1.81
C GLY B 396 -3.79 -5.50 -2.50
N LYS B 397 -4.09 -4.19 -2.49
CA LYS B 397 -5.30 -3.72 -3.16
C LYS B 397 -5.25 -3.88 -4.67
N ASP B 398 -4.06 -4.14 -5.23
CA ASP B 398 -3.88 -4.26 -6.68
C ASP B 398 -3.84 -5.72 -7.13
N VAL B 399 -4.66 -6.56 -6.48
CA VAL B 399 -4.65 -7.99 -6.75
C VAL B 399 -5.14 -8.33 -8.15
N ALA B 400 -5.85 -7.41 -8.83
CA ALA B 400 -6.29 -7.70 -10.20
C ALA B 400 -5.11 -7.86 -11.17
N ARG B 401 -3.89 -7.48 -10.76
CA ARG B 401 -2.70 -7.64 -11.57
C ARG B 401 -2.15 -9.07 -11.57
N LEU B 402 -2.66 -9.94 -10.70
CA LEU B 402 -2.11 -11.28 -10.59
C LEU B 402 -2.14 -12.09 -11.89
N PRO B 403 -3.22 -12.09 -12.68
CA PRO B 403 -3.17 -12.80 -13.98
C PRO B 403 -2.14 -12.24 -14.96
N LEU B 404 -1.84 -10.93 -14.86
CA LEU B 404 -0.76 -10.32 -15.64
C LEU B 404 0.56 -10.98 -15.34
N ALA B 405 0.83 -11.21 -14.07
CA ALA B 405 2.11 -11.79 -13.69
C ALA B 405 2.20 -13.25 -14.13
N VAL B 406 1.04 -13.93 -14.18
CA VAL B 406 1.03 -15.33 -14.60
C VAL B 406 1.30 -15.44 -16.10
N VAL B 407 0.71 -14.56 -16.90
CA VAL B 407 1.04 -14.55 -18.32
C VAL B 407 2.53 -14.29 -18.51
N TRP B 408 3.06 -13.34 -17.75
CA TRP B 408 4.46 -12.96 -17.88
C TRP B 408 5.38 -14.10 -17.44
N LEU B 409 5.03 -14.79 -16.35
CA LEU B 409 5.82 -15.93 -15.87
C LEU B 409 6.05 -16.97 -16.96
N PHE B 410 5.04 -17.21 -17.80
CA PHE B 410 5.12 -18.25 -18.82
C PHE B 410 5.66 -17.74 -20.14
N SER B 411 5.84 -16.42 -20.31
CA SER B 411 6.30 -15.86 -21.57
C SER B 411 7.71 -15.29 -21.53
N TRP B 412 8.21 -14.99 -20.36
CA TRP B 412 9.56 -14.45 -20.33
C TRP B 412 10.60 -15.57 -20.51
N PRO B 413 11.76 -15.26 -21.08
CA PRO B 413 12.80 -16.30 -21.19
C PRO B 413 13.10 -16.91 -19.82
N GLY B 414 13.19 -18.22 -19.81
CA GLY B 414 13.40 -18.98 -18.60
C GLY B 414 12.30 -20.01 -18.42
N VAL B 415 12.43 -20.77 -17.33
CA VAL B 415 11.51 -21.85 -17.03
C VAL B 415 10.60 -21.38 -15.89
N PRO B 416 9.29 -21.48 -16.05
CA PRO B 416 8.41 -21.07 -14.94
C PRO B 416 8.44 -22.07 -13.81
N CYS B 417 8.45 -21.55 -12.60
CA CYS B 417 8.31 -22.36 -11.39
C CYS B 417 7.08 -21.86 -10.67
N ILE B 418 6.10 -22.75 -10.52
CA ILE B 418 4.87 -22.44 -9.79
C ILE B 418 5.07 -22.85 -8.33
N TYR B 419 4.87 -21.91 -7.41
CA TYR B 419 4.90 -22.25 -5.99
C TYR B 419 3.56 -22.85 -5.59
N TYR B 420 3.59 -24.05 -4.98
CA TYR B 420 2.38 -24.82 -4.72
C TYR B 420 1.29 -23.95 -4.10
N GLY B 421 0.10 -23.98 -4.70
CA GLY B 421 -1.02 -23.19 -4.25
C GLY B 421 -1.22 -21.86 -4.96
N ASP B 422 -0.19 -21.34 -5.64
CA ASP B 422 -0.37 -20.11 -6.43
C ASP B 422 -1.47 -20.27 -7.47
N GLU B 423 -1.59 -21.47 -8.05
CA GLU B 423 -2.52 -21.69 -9.15
C GLU B 423 -3.98 -21.67 -8.69
N VAL B 424 -4.24 -21.82 -7.39
CA VAL B 424 -5.60 -21.80 -6.88
C VAL B 424 -5.84 -20.63 -5.94
N GLY B 425 -4.90 -19.67 -5.89
CA GLY B 425 -5.13 -18.44 -5.19
C GLY B 425 -4.78 -18.42 -3.72
N VAL B 426 -3.89 -19.31 -3.26
CA VAL B 426 -3.37 -19.20 -1.90
C VAL B 426 -2.66 -17.86 -1.73
N ASP B 427 -2.90 -17.20 -0.59
CA ASP B 427 -2.24 -15.92 -0.34
C ASP B 427 -1.51 -15.90 1.02
N LYS B 436 0.14 -22.53 5.61
CA LYS B 436 -1.27 -22.64 5.23
C LYS B 436 -1.51 -23.90 4.40
N PRO B 437 -2.49 -24.71 4.80
CA PRO B 437 -2.75 -25.96 4.07
C PRO B 437 -3.29 -25.68 2.67
N PHE B 438 -2.91 -26.54 1.75
CA PHE B 438 -3.38 -26.43 0.38
C PHE B 438 -4.89 -26.68 0.31
N PRO B 439 -5.66 -25.81 -0.34
CA PRO B 439 -7.11 -26.05 -0.47
C PRO B 439 -7.46 -27.03 -1.58
N TRP B 440 -7.75 -28.29 -1.21
CA TRP B 440 -8.15 -29.28 -2.21
C TRP B 440 -9.64 -29.24 -2.53
N ASP B 441 -10.44 -28.61 -1.68
CA ASP B 441 -11.85 -28.43 -1.96
C ASP B 441 -12.00 -27.46 -3.12
N PRO B 442 -12.57 -27.86 -4.25
CA PRO B 442 -12.68 -26.94 -5.40
C PRO B 442 -13.53 -25.70 -5.10
N ALA B 443 -14.23 -25.67 -3.96
CA ALA B 443 -14.95 -24.48 -3.54
C ALA B 443 -14.05 -23.45 -2.87
N LEU B 444 -12.87 -23.86 -2.43
CA LEU B 444 -11.91 -22.93 -1.82
C LEU B 444 -10.81 -22.52 -2.79
N GLN B 445 -10.93 -22.88 -4.07
CA GLN B 445 -9.95 -22.60 -5.10
C GLN B 445 -10.41 -21.48 -6.02
N ASP B 446 -9.46 -20.69 -6.50
CA ASP B 446 -9.71 -19.74 -7.59
C ASP B 446 -9.70 -20.52 -8.89
N GLY B 447 -10.89 -20.86 -9.39
CA GLY B 447 -10.95 -21.67 -10.61
C GLY B 447 -10.51 -20.92 -11.86
N ASP B 448 -10.80 -19.62 -11.93
CA ASP B 448 -10.40 -18.85 -13.10
C ASP B 448 -8.88 -18.71 -13.18
N LEU B 449 -8.22 -18.47 -12.05
CA LEU B 449 -6.76 -18.44 -12.06
C LEU B 449 -6.18 -19.80 -12.45
N LEU B 450 -6.84 -20.90 -12.06
CA LEU B 450 -6.34 -22.23 -12.39
C LEU B 450 -6.38 -22.47 -13.89
N ASP B 451 -7.46 -22.05 -14.55
CA ASP B 451 -7.59 -22.19 -16.00
C ASP B 451 -6.49 -21.43 -16.72
N LEU B 452 -6.15 -20.24 -16.22
CA LEU B 452 -5.06 -19.46 -16.83
C LEU B 452 -3.74 -20.21 -16.76
N TYR B 453 -3.40 -20.76 -15.59
CA TYR B 453 -2.19 -21.58 -15.49
C TYR B 453 -2.24 -22.72 -16.49
N LYS B 454 -3.40 -23.37 -16.59
CA LYS B 454 -3.52 -24.46 -17.53
C LYS B 454 -3.35 -23.97 -18.95
N ARG B 455 -3.97 -22.83 -19.29
CA ARG B 455 -3.90 -22.29 -20.64
C ARG B 455 -2.47 -21.88 -20.99
N MET B 456 -1.78 -21.22 -20.06
CA MET B 456 -0.44 -20.75 -20.34
C MET B 456 0.54 -21.91 -20.52
N SER B 457 0.44 -22.94 -19.67
CA SER B 457 1.33 -24.09 -19.83
C SER B 457 1.04 -24.86 -21.12
N LYS B 458 -0.21 -24.89 -21.57
CA LYS B 458 -0.52 -25.47 -22.87
C LYS B 458 0.06 -24.63 -24.00
N LEU B 459 -0.10 -23.30 -23.94
CA LEU B 459 0.53 -22.42 -24.92
C LEU B 459 2.04 -22.59 -24.96
N ARG B 460 2.67 -22.69 -23.79
CA ARG B 460 4.13 -22.83 -23.78
C ARG B 460 4.54 -24.18 -24.35
N LYS B 461 3.79 -25.23 -24.03
CA LYS B 461 4.12 -26.56 -24.50
C LYS B 461 3.92 -26.69 -26.00
N ALA B 462 3.05 -25.89 -26.59
CA ALA B 462 2.68 -26.02 -27.99
C ALA B 462 3.50 -25.12 -28.93
N HIS B 463 4.23 -24.12 -28.43
CA HIS B 463 4.91 -23.14 -29.27
C HIS B 463 6.38 -23.04 -28.86
N GLN B 464 7.27 -23.41 -29.78
CA GLN B 464 8.70 -23.45 -29.49
C GLN B 464 9.29 -22.08 -29.15
N ALA B 465 8.71 -21.01 -29.70
CA ALA B 465 9.27 -19.68 -29.44
C ALA B 465 9.17 -19.35 -27.96
N LEU B 466 8.16 -19.87 -27.27
CA LEU B 466 8.09 -19.61 -25.83
C LEU B 466 9.08 -20.43 -25.05
N ARG B 467 9.72 -21.43 -25.67
CA ARG B 467 10.69 -22.24 -24.95
C ARG B 467 12.12 -22.00 -25.39
N TYR B 468 12.37 -21.76 -26.66
CA TYR B 468 13.73 -21.62 -27.15
C TYR B 468 14.00 -20.24 -27.74
N GLY B 469 13.02 -19.34 -27.72
CA GLY B 469 13.11 -18.13 -28.51
C GLY B 469 13.92 -17.05 -27.81
N GLY B 470 14.55 -16.22 -28.63
CA GLY B 470 15.03 -14.94 -28.18
C GLY B 470 13.87 -14.06 -27.76
N CYS B 471 14.22 -12.91 -27.20
CA CYS B 471 13.24 -11.98 -26.66
C CYS B 471 13.65 -10.54 -26.92
N GLN B 472 12.76 -9.77 -27.52
CA GLN B 472 13.02 -8.37 -27.82
C GLN B 472 11.91 -7.53 -27.24
N VAL B 473 12.26 -6.60 -26.35
CA VAL B 473 11.26 -5.66 -25.87
C VAL B 473 10.91 -4.72 -27.01
N ILE B 474 9.62 -4.64 -27.31
CA ILE B 474 9.15 -3.81 -28.42
C ILE B 474 8.78 -2.43 -27.94
N TYR B 475 8.18 -2.38 -26.75
CA TYR B 475 7.58 -1.18 -26.20
C TYR B 475 7.60 -1.30 -24.67
N ALA B 476 8.05 -0.24 -24.00
CA ALA B 476 8.11 -0.23 -22.52
C ALA B 476 8.01 1.24 -22.10
N GLU B 477 6.79 1.67 -21.79
CA GLU B 477 6.57 3.04 -21.34
C GLU B 477 5.45 3.06 -20.33
N ASP B 478 5.71 3.63 -19.15
CA ASP B 478 4.72 3.77 -18.09
C ASP B 478 4.04 2.47 -17.70
N ASN B 479 2.76 2.28 -18.06
CA ASN B 479 2.01 1.11 -17.65
C ASN B 479 2.13 -0.09 -18.60
N VAL B 480 2.69 0.08 -19.80
CA VAL B 480 2.57 -0.92 -20.85
C VAL B 480 3.94 -1.53 -21.16
N VAL B 481 3.98 -2.87 -21.19
CA VAL B 481 5.14 -3.61 -21.64
C VAL B 481 4.68 -4.46 -22.81
N VAL B 482 5.46 -4.44 -23.89
CA VAL B 482 5.19 -5.24 -25.10
C VAL B 482 6.51 -5.79 -25.59
N PHE B 483 6.63 -7.11 -25.61
CA PHE B 483 7.82 -7.78 -26.15
C PHE B 483 7.41 -8.93 -27.05
N VAL B 484 8.38 -9.46 -27.76
CA VAL B 484 8.16 -10.55 -28.69
C VAL B 484 9.22 -11.64 -28.49
N ARG B 485 8.76 -12.89 -28.48
CA ARG B 485 9.65 -14.02 -28.53
C ARG B 485 9.85 -14.41 -30.00
N VAL B 486 11.10 -14.73 -30.34
CA VAL B 486 11.52 -14.92 -31.73
C VAL B 486 12.22 -16.27 -31.85
N TYR B 487 11.74 -17.11 -32.76
CA TYR B 487 12.39 -18.42 -32.99
C TYR B 487 12.10 -18.88 -34.42
N LYS B 488 13.11 -18.85 -35.28
CA LYS B 488 12.97 -19.21 -36.69
C LYS B 488 11.92 -18.28 -37.31
N GLN B 489 10.81 -18.80 -37.86
CA GLN B 489 9.75 -17.97 -38.43
C GLN B 489 8.69 -17.59 -37.40
N GLN B 490 8.71 -18.20 -36.21
CA GLN B 490 7.66 -18.05 -35.21
C GLN B 490 7.88 -16.78 -34.38
N ARG B 491 6.78 -16.08 -34.10
CA ARG B 491 6.78 -14.92 -33.24
C ARG B 491 5.66 -15.05 -32.22
N VAL B 492 5.93 -14.64 -30.98
CA VAL B 492 4.91 -14.55 -29.93
C VAL B 492 4.93 -13.13 -29.38
N LEU B 493 3.83 -12.40 -29.56
CA LEU B 493 3.73 -11.03 -29.08
C LEU B 493 2.95 -11.00 -27.77
N VAL B 494 3.53 -10.40 -26.75
CA VAL B 494 2.96 -10.32 -25.42
C VAL B 494 2.83 -8.85 -25.05
N ALA B 495 1.64 -8.47 -24.60
CA ALA B 495 1.30 -7.10 -24.24
C ALA B 495 0.79 -7.11 -22.81
N ILE B 496 1.42 -6.33 -21.95
CA ILE B 496 1.07 -6.25 -20.55
C ILE B 496 0.70 -4.80 -20.24
N ASN B 497 -0.45 -4.60 -19.60
CA ASN B 497 -0.88 -3.27 -19.20
C ASN B 497 -1.32 -3.32 -17.74
N ARG B 498 -0.54 -2.69 -16.85
CA ARG B 498 -0.87 -2.77 -15.42
C ARG B 498 -1.96 -1.80 -14.99
N GLY B 499 -2.36 -0.84 -15.85
CA GLY B 499 -3.34 0.18 -15.49
C GLY B 499 -4.62 0.26 -16.32
N GLU B 500 -5.18 1.48 -16.43
CA GLU B 500 -6.42 1.70 -17.16
C GLU B 500 -6.34 1.24 -18.60
N ALA B 501 -7.51 0.99 -19.17
CA ALA B 501 -7.55 0.68 -20.59
C ALA B 501 -6.85 1.82 -21.32
N CYS B 502 -6.11 1.45 -22.35
CA CYS B 502 -5.32 2.41 -23.07
C CYS B 502 -5.09 1.83 -24.44
N GLU B 503 -4.60 2.68 -25.33
CA GLU B 503 -4.20 2.32 -26.68
C GLU B 503 -2.76 2.70 -26.88
N VAL B 504 -2.06 1.95 -27.73
CA VAL B 504 -0.61 2.08 -27.88
C VAL B 504 -0.26 1.99 -29.36
N VAL B 505 0.62 2.87 -29.82
CA VAL B 505 1.14 2.80 -31.18
C VAL B 505 2.42 1.98 -31.16
N ILE B 506 2.45 0.93 -31.97
CA ILE B 506 3.63 0.07 -32.11
C ILE B 506 4.31 0.43 -33.43
N GLU B 507 5.56 0.85 -33.34
CA GLU B 507 6.35 1.14 -34.52
C GLU B 507 6.42 -0.11 -35.39
N ASP B 508 6.51 0.10 -36.71
CA ASP B 508 6.85 -1.00 -37.59
C ASP B 508 8.22 -1.54 -37.22
N SER B 509 8.32 -2.87 -37.15
CA SER B 509 9.52 -3.56 -36.72
C SER B 509 9.64 -4.79 -37.61
N PRO B 510 10.81 -5.03 -38.20
CA PRO B 510 10.98 -6.25 -39.01
C PRO B 510 10.81 -7.52 -38.22
N LEU B 511 10.88 -7.45 -36.88
CA LEU B 511 10.61 -8.61 -36.06
C LEU B 511 9.13 -8.94 -36.01
N LEU B 512 8.25 -7.96 -36.26
CA LEU B 512 6.80 -8.18 -36.24
C LEU B 512 6.22 -8.21 -37.64
N ASP B 513 7.07 -8.37 -38.66
CA ASP B 513 6.64 -8.43 -40.05
C ASP B 513 6.22 -9.86 -40.36
N VAL B 514 4.94 -10.16 -40.13
CA VAL B 514 4.44 -11.52 -40.16
C VAL B 514 3.23 -11.64 -41.08
N ASN B 515 2.90 -12.90 -41.42
CA ASN B 515 1.70 -13.16 -42.21
C ASN B 515 0.47 -12.54 -41.54
N GLY B 516 0.22 -12.88 -40.28
CA GLY B 516 -0.82 -12.24 -39.48
C GLY B 516 -0.66 -12.70 -38.05
N TRP B 517 -1.56 -12.21 -37.18
CA TRP B 517 -1.50 -12.50 -35.76
C TRP B 517 -2.78 -13.19 -35.29
N GLN B 518 -2.64 -14.24 -34.48
CA GLN B 518 -3.76 -14.94 -33.86
C GLN B 518 -3.73 -14.74 -32.35
N LEU B 519 -4.75 -14.06 -31.83
CA LEU B 519 -4.91 -13.86 -30.39
C LEU B 519 -5.28 -15.18 -29.73
N LYS B 520 -4.48 -15.64 -28.76
CA LYS B 520 -4.77 -16.90 -28.08
C LYS B 520 -4.97 -16.76 -26.57
N GLU B 521 -4.67 -15.60 -25.99
CA GLU B 521 -4.89 -15.33 -24.58
C GLU B 521 -5.09 -13.83 -24.41
N GLY B 522 -6.06 -13.47 -23.59
CA GLY B 522 -6.35 -12.07 -23.34
C GLY B 522 -7.37 -11.49 -24.30
N ALA B 523 -7.67 -10.21 -24.08
CA ALA B 523 -8.70 -9.53 -24.85
C ALA B 523 -8.17 -8.26 -25.52
N GLY B 524 -6.89 -8.23 -25.81
CA GLY B 524 -6.33 -7.10 -26.53
C GLY B 524 -6.60 -7.23 -28.02
N ALA B 525 -6.36 -6.14 -28.73
CA ALA B 525 -6.62 -6.07 -30.16
C ALA B 525 -5.48 -5.35 -30.83
N LEU B 526 -4.98 -5.93 -31.92
CA LEU B 526 -3.94 -5.33 -32.74
C LEU B 526 -4.57 -5.02 -34.10
N HIS B 527 -4.46 -3.76 -34.55
CA HIS B 527 -5.16 -3.30 -35.74
C HIS B 527 -4.47 -2.05 -36.30
N ASP B 528 -3.76 -2.21 -37.41
CA ASP B 528 -3.17 -1.09 -38.16
C ASP B 528 -2.29 -0.20 -37.29
N GLY B 529 -1.27 -0.83 -36.71
CA GLY B 529 -0.33 -0.10 -35.88
C GLY B 529 -0.86 0.33 -34.52
N VAL B 530 -2.08 -0.04 -34.17
CA VAL B 530 -2.67 0.37 -32.89
C VAL B 530 -2.88 -0.88 -32.05
N LEU B 531 -2.36 -0.86 -30.82
CA LEU B 531 -2.64 -1.87 -29.80
C LEU B 531 -3.64 -1.29 -28.81
N THR B 532 -4.80 -1.94 -28.71
CA THR B 532 -5.85 -1.58 -27.76
C THR B 532 -5.77 -2.56 -26.59
N LEU B 533 -5.38 -2.07 -25.41
CA LEU B 533 -5.12 -2.96 -24.29
C LEU B 533 -6.16 -2.70 -23.21
N PRO B 534 -7.00 -3.70 -22.88
CA PRO B 534 -7.95 -3.52 -21.78
C PRO B 534 -7.24 -3.23 -20.48
N ALA B 535 -7.99 -2.72 -19.51
CA ALA B 535 -7.42 -2.38 -18.22
C ALA B 535 -6.86 -3.61 -17.51
N ILE B 536 -5.67 -3.45 -16.91
CA ILE B 536 -5.01 -4.46 -16.07
C ILE B 536 -5.05 -5.81 -16.75
N SER B 537 -4.36 -5.92 -17.89
CA SER B 537 -4.52 -7.09 -18.72
C SER B 537 -3.20 -7.50 -19.36
N ALA B 538 -3.17 -8.73 -19.83
CA ALA B 538 -2.08 -9.26 -20.60
C ALA B 538 -2.69 -10.06 -21.74
N SER B 539 -2.12 -9.90 -22.92
CA SER B 539 -2.61 -10.54 -24.12
C SER B 539 -1.42 -11.15 -24.84
N VAL B 540 -1.65 -12.31 -25.46
CA VAL B 540 -0.63 -13.06 -26.18
C VAL B 540 -1.15 -13.33 -27.59
N TRP B 541 -0.38 -12.93 -28.59
CA TRP B 541 -0.66 -13.26 -29.98
C TRP B 541 0.42 -14.18 -30.52
N PHE B 542 0.05 -15.01 -31.49
CA PHE B 542 1.01 -15.90 -32.15
C PHE B 542 1.01 -15.62 -33.64
N SER B 543 2.20 -15.62 -34.24
CA SER B 543 2.28 -15.40 -35.68
C SER B 543 1.64 -16.59 -36.40
N ARG B 544 0.92 -16.29 -37.49
CA ARG B 544 0.24 -17.38 -38.20
C ARG B 544 1.07 -17.78 -39.42
N LEU C 2 -30.24 32.93 12.68
CA LEU C 2 -30.22 32.48 14.06
C LEU C 2 -29.02 31.58 14.38
N LYS C 3 -28.36 31.86 15.50
CA LYS C 3 -27.25 31.04 15.97
C LYS C 3 -27.50 30.58 17.40
N ALA C 4 -26.87 29.47 17.77
CA ALA C 4 -27.08 28.88 19.10
C ALA C 4 -25.83 28.12 19.56
N TRP C 5 -25.64 28.08 20.88
CA TRP C 5 -24.51 27.37 21.46
C TRP C 5 -24.92 26.64 22.72
N HIS C 6 -24.51 25.38 22.82
CA HIS C 6 -24.61 24.64 24.06
C HIS C 6 -23.67 23.45 23.95
N LEU C 7 -22.87 23.23 24.99
CA LEU C 7 -22.05 22.06 25.10
C LEU C 7 -22.33 21.43 26.47
N PRO C 8 -22.37 20.09 26.58
CA PRO C 8 -22.76 19.46 27.85
C PRO C 8 -21.68 19.50 28.92
N VAL C 9 -21.23 20.70 29.27
CA VAL C 9 -20.11 20.88 30.18
C VAL C 9 -20.21 22.31 30.69
N ALA C 10 -19.56 22.59 31.82
CA ALA C 10 -19.44 23.98 32.25
C ALA C 10 -18.75 24.80 31.15
N PRO C 11 -19.17 26.05 30.92
CA PRO C 11 -20.15 26.83 31.70
C PRO C 11 -21.61 26.67 31.29
N PHE C 12 -21.91 25.71 30.42
CA PHE C 12 -23.30 25.56 30.01
C PHE C 12 -24.13 24.72 30.95
N ILE C 13 -23.51 23.84 31.73
CA ILE C 13 -24.24 22.98 32.65
C ILE C 13 -23.54 23.10 33.99
N LYS C 14 -24.29 22.80 35.05
CA LYS C 14 -23.78 22.95 36.40
C LYS C 14 -24.73 22.22 37.34
N GLU C 15 -24.17 21.32 38.16
CA GLU C 15 -24.97 20.65 39.16
C GLU C 15 -25.00 21.47 40.43
N GLN C 16 -26.17 21.57 41.03
CA GLN C 16 -26.38 22.41 42.21
C GLN C 16 -27.41 21.68 43.06
N GLN C 17 -26.92 21.03 44.11
CA GLN C 17 -27.73 20.15 44.96
C GLN C 17 -28.21 18.99 44.11
N GLU C 18 -29.51 18.70 44.02
CA GLU C 18 -30.01 17.62 43.19
C GLU C 18 -30.69 18.14 41.92
N ARG C 19 -30.20 19.27 41.39
CA ARG C 19 -30.73 19.90 40.18
C ARG C 19 -29.59 20.19 39.20
N LEU C 20 -29.82 19.89 37.93
CA LEU C 20 -28.86 20.17 36.87
C LEU C 20 -29.30 21.42 36.13
N MET C 21 -28.54 22.51 36.27
CA MET C 21 -28.85 23.75 35.59
C MET C 21 -28.27 23.73 34.17
N ILE C 22 -29.12 23.99 33.18
CA ILE C 22 -28.74 23.92 31.77
C ILE C 22 -28.91 25.30 31.18
N THR C 23 -27.90 25.76 30.45
CA THR C 23 -27.92 27.08 29.86
C THR C 23 -27.72 26.93 28.37
N LEU C 24 -28.50 27.69 27.62
CA LEU C 24 -28.42 27.73 26.18
C LEU C 24 -28.12 29.16 25.79
N TRP C 25 -27.20 29.34 24.83
CA TRP C 25 -26.89 30.65 24.29
C TRP C 25 -27.54 30.82 22.92
N LEU C 26 -28.17 31.98 22.69
CA LEU C 26 -28.76 32.29 21.40
C LEU C 26 -28.25 33.63 20.93
N SER C 27 -28.22 33.78 19.61
CA SER C 27 -27.86 35.06 19.01
C SER C 27 -28.44 35.13 17.61
N GLY C 28 -28.94 36.31 17.26
CA GLY C 28 -29.59 36.50 15.97
C GLY C 28 -30.70 37.54 16.00
N ASP C 29 -31.39 37.70 14.87
CA ASP C 29 -32.31 38.82 14.73
C ASP C 29 -33.75 38.50 15.08
N ASP C 30 -34.20 37.24 14.99
CA ASP C 30 -35.61 36.90 15.26
C ASP C 30 -35.68 35.83 16.34
N LEU C 31 -35.31 36.21 17.56
CA LEU C 31 -35.13 35.21 18.59
C LEU C 31 -36.48 34.67 19.09
N PRO C 32 -36.53 33.39 19.43
CA PRO C 32 -37.77 32.80 19.91
C PRO C 32 -38.19 33.44 21.23
N PRO C 33 -39.45 33.84 21.36
CA PRO C 33 -39.90 34.39 22.66
C PRO C 33 -39.97 33.37 23.77
N ARG C 34 -39.99 32.08 23.45
CA ARG C 34 -40.01 31.01 24.44
C ARG C 34 -39.03 29.92 24.04
N VAL C 35 -38.46 29.26 25.03
CA VAL C 35 -37.66 28.06 24.81
C VAL C 35 -38.00 27.07 25.91
N THR C 36 -38.26 25.81 25.55
CA THR C 36 -38.47 24.78 26.55
C THR C 36 -37.34 23.77 26.50
N LEU C 37 -36.98 23.27 27.66
CA LEU C 37 -35.95 22.24 27.81
C LEU C 37 -36.66 20.90 27.76
N ARG C 38 -36.43 20.16 26.67
CA ARG C 38 -37.06 18.87 26.46
C ARG C 38 -36.17 17.77 27.01
N ALA C 39 -36.59 17.15 28.13
CA ALA C 39 -35.71 16.22 28.85
C ALA C 39 -36.39 14.96 29.36
N GLU C 40 -35.95 14.51 30.54
CA GLU C 40 -36.25 13.22 31.15
C GLU C 40 -35.95 12.09 30.17
N GLU C 41 -34.65 11.81 30.06
CA GLU C 41 -34.11 10.69 29.29
C GLU C 41 -34.99 9.46 29.34
N ASP C 42 -35.65 9.12 28.22
CA ASP C 42 -36.51 7.91 28.11
C ASP C 42 -37.70 8.11 29.04
N ASN C 43 -38.06 7.09 29.86
CA ASN C 43 -39.23 7.07 30.74
C ASN C 43 -40.34 7.92 30.13
N GLU C 44 -40.66 9.06 30.72
CA GLU C 44 -41.59 10.00 30.12
C GLU C 44 -40.81 11.27 29.80
N GLU C 45 -40.90 11.71 28.55
CA GLU C 45 -40.27 12.95 28.11
C GLU C 45 -40.96 14.15 28.76
N LEU C 46 -40.16 15.10 29.24
CA LEU C 46 -40.64 16.28 29.94
C LEU C 46 -40.38 17.55 29.15
N SER C 47 -41.32 18.48 29.20
CA SER C 47 -41.14 19.84 28.67
C SER C 47 -40.94 20.79 29.85
N LEU C 48 -39.71 21.19 30.07
CA LEU C 48 -39.32 22.06 31.17
C LEU C 48 -39.19 23.48 30.68
N PRO C 49 -39.76 24.46 31.36
CA PRO C 49 -39.69 25.82 30.87
C PRO C 49 -38.30 26.37 31.16
N MET C 50 -37.80 27.14 30.21
CA MET C 50 -36.58 27.89 30.43
C MET C 50 -36.96 29.36 30.58
N HIS C 51 -36.15 30.07 31.36
CA HIS C 51 -36.33 31.49 31.56
C HIS C 51 -35.09 32.18 31.04
N ARG C 52 -35.25 33.44 30.65
CA ARG C 52 -34.17 34.20 30.07
C ARG C 52 -33.40 34.98 31.13
N LEU C 53 -32.07 34.94 31.06
CA LEU C 53 -31.24 35.65 32.01
C LEU C 53 -31.09 37.12 31.62
N ARG C 54 -30.94 37.97 32.62
CA ARG C 54 -30.81 39.39 32.36
C ARG C 54 -29.45 39.70 31.76
N GLN C 55 -28.41 39.02 32.23
CA GLN C 55 -27.04 39.32 31.84
C GLN C 55 -26.66 38.58 30.58
N ALA C 56 -26.23 39.31 29.57
CA ALA C 56 -25.66 38.67 28.40
C ALA C 56 -24.34 38.01 28.82
N PRO C 57 -24.18 36.71 28.62
CA PRO C 57 -22.89 36.09 28.98
C PRO C 57 -21.76 36.57 28.08
N HIS C 58 -22.07 36.98 26.86
CA HIS C 58 -21.10 37.49 25.90
C HIS C 58 -21.83 38.49 25.01
N PRO C 59 -21.11 39.40 24.37
CA PRO C 59 -21.79 40.44 23.58
C PRO C 59 -22.67 39.81 22.51
N GLY C 60 -23.90 40.32 22.40
CA GLY C 60 -24.85 39.85 21.40
C GLY C 60 -25.49 38.52 21.66
N VAL C 61 -25.37 37.99 22.87
CA VAL C 61 -25.89 36.66 23.19
C VAL C 61 -26.92 36.79 24.29
N VAL C 62 -28.09 36.20 24.09
CA VAL C 62 -29.07 36.05 25.17
C VAL C 62 -28.96 34.62 25.69
N ALA C 63 -29.07 34.47 27.00
CA ALA C 63 -28.90 33.18 27.65
C ALA C 63 -30.25 32.73 28.19
N TRP C 64 -30.51 31.44 28.06
CA TRP C 64 -31.69 30.80 28.61
C TRP C 64 -31.27 29.71 29.59
N ARG C 65 -31.98 29.61 30.70
CA ARG C 65 -31.64 28.61 31.69
C ARG C 65 -32.87 27.80 32.04
N GLY C 66 -32.68 26.51 32.15
CA GLY C 66 -33.67 25.60 32.70
C GLY C 66 -33.00 24.68 33.70
N GLU C 67 -33.70 23.64 34.13
CA GLU C 67 -33.12 22.72 35.09
C GLU C 67 -33.84 21.37 35.05
N ILE C 68 -33.07 20.31 35.24
CA ILE C 68 -33.59 18.96 35.34
C ILE C 68 -33.47 18.54 36.78
N ASN C 69 -34.54 17.95 37.31
CA ASN C 69 -34.56 17.42 38.66
C ASN C 69 -33.81 16.09 38.64
N LEU C 70 -32.71 16.01 39.37
CA LEU C 70 -31.86 14.81 39.35
C LEU C 70 -32.32 13.74 40.32
N VAL C 71 -33.31 14.01 41.17
CA VAL C 71 -33.70 13.09 42.22
C VAL C 71 -34.23 11.79 41.62
N ASN C 72 -35.02 11.88 40.58
CA ASN C 72 -35.55 10.70 39.93
C ASN C 72 -34.72 10.47 38.67
N GLY C 73 -35.17 9.52 37.85
CA GLY C 73 -34.58 9.24 36.56
C GLY C 73 -33.26 8.52 36.52
N GLN C 74 -32.99 7.91 35.37
CA GLN C 74 -31.76 7.20 35.13
C GLN C 74 -30.58 8.16 35.06
N PRO C 75 -29.37 7.67 35.32
CA PRO C 75 -28.21 8.58 35.39
C PRO C 75 -27.90 9.27 34.07
N ARG C 76 -28.19 8.66 32.92
CA ARG C 76 -27.93 9.34 31.65
C ARG C 76 -29.04 10.35 31.45
N ARG C 77 -28.70 11.64 31.52
CA ARG C 77 -29.67 12.73 31.40
C ARG C 77 -29.68 13.23 29.96
N ARG C 78 -30.69 12.84 29.20
CA ARG C 78 -30.84 13.30 27.83
C ARG C 78 -31.76 14.51 27.79
N TYR C 79 -31.42 15.45 26.92
CA TYR C 79 -32.19 16.66 26.76
C TYR C 79 -31.89 17.27 25.40
N SER C 80 -32.80 18.13 24.94
CA SER C 80 -32.54 19.00 23.81
C SER C 80 -33.40 20.24 24.02
N PHE C 81 -33.24 21.21 23.13
CA PHE C 81 -33.87 22.51 23.22
C PHE C 81 -34.89 22.69 22.12
N LYS C 82 -36.10 23.07 22.51
CA LYS C 82 -37.21 23.33 21.61
C LYS C 82 -37.49 24.83 21.59
N LEU C 83 -37.02 25.50 20.53
CA LEU C 83 -37.25 26.93 20.39
C LEU C 83 -38.65 27.16 19.84
N LEU C 84 -39.40 28.07 20.49
CA LEU C 84 -40.82 28.26 20.22
C LEU C 84 -41.08 29.69 19.77
N TRP C 85 -41.69 29.83 18.63
CA TRP C 85 -42.29 31.08 18.18
C TRP C 85 -43.81 30.89 18.17
N ALA C 86 -44.54 31.97 17.85
CA ALA C 86 -45.99 31.89 17.84
C ALA C 86 -46.50 30.92 16.78
N ASP C 87 -45.73 30.65 15.73
CA ASP C 87 -46.24 29.82 14.65
C ASP C 87 -45.37 28.61 14.29
N ARG C 88 -44.25 28.39 14.98
CA ARG C 88 -43.31 27.36 14.56
C ARG C 88 -42.36 27.03 15.70
N GLN C 89 -41.59 25.96 15.48
CA GLN C 89 -40.62 25.52 16.47
C GLN C 89 -39.37 25.06 15.73
N LEU C 90 -38.27 25.04 16.46
CA LEU C 90 -36.98 24.62 15.95
C LEU C 90 -36.25 23.91 17.07
N TRP C 91 -35.50 22.85 16.72
CA TRP C 91 -34.78 22.07 17.70
C TRP C 91 -33.29 22.36 17.66
N PHE C 92 -32.68 22.53 18.84
CA PHE C 92 -31.22 22.62 18.93
C PHE C 92 -30.70 21.39 19.65
N THR C 93 -29.70 20.75 19.04
CA THR C 93 -29.17 19.42 19.29
C THR C 93 -27.65 19.45 19.14
N PRO C 94 -26.95 18.35 19.49
CA PRO C 94 -25.53 18.24 19.15
C PRO C 94 -25.22 18.38 17.67
N GLN C 95 -26.21 18.26 16.78
CA GLN C 95 -25.94 18.43 15.35
C GLN C 95 -26.60 19.69 14.82
N GLU C 96 -26.47 20.79 15.57
CA GLU C 96 -27.04 22.09 15.22
C GLU C 96 -28.57 22.02 15.20
N PHE C 97 -29.18 22.81 14.32
CA PHE C 97 -30.64 22.91 14.26
C PHE C 97 -31.25 21.74 13.47
N ASN C 98 -32.46 21.38 13.86
CA ASN C 98 -33.32 20.39 13.21
C ASN C 98 -34.75 20.91 13.16
N ARG C 99 -35.42 20.74 12.02
CA ARG C 99 -36.81 21.16 11.89
C ARG C 99 -37.80 20.16 12.45
N PHE C 100 -37.39 18.90 12.61
CA PHE C 100 -38.20 17.88 13.25
C PHE C 100 -37.43 17.30 14.45
N PRO C 101 -38.13 16.63 15.37
CA PRO C 101 -37.50 16.21 16.63
C PRO C 101 -36.26 15.36 16.41
N PRO C 102 -35.22 15.55 17.22
CA PRO C 102 -34.05 14.66 17.12
C PRO C 102 -34.39 13.27 17.63
N ALA C 103 -33.64 12.28 17.15
CA ALA C 103 -33.68 10.95 17.73
C ALA C 103 -33.43 11.04 19.22
N ARG C 104 -34.15 10.21 19.99
CA ARG C 104 -33.88 10.19 21.41
C ARG C 104 -32.40 9.94 21.68
N LEU C 105 -31.78 9.04 20.92
CA LEU C 105 -30.38 8.74 21.14
C LEU C 105 -29.43 9.73 20.50
N GLU C 106 -29.90 10.83 19.90
CA GLU C 106 -29.00 11.85 19.37
C GLU C 106 -29.20 13.20 20.04
N GLN C 107 -29.60 13.18 21.31
CA GLN C 107 -29.74 14.36 22.14
C GLN C 107 -28.41 14.71 22.84
N PHE C 108 -28.37 15.87 23.49
CA PHE C 108 -27.32 16.08 24.48
C PHE C 108 -27.51 15.10 25.63
N ALA C 109 -26.40 14.62 26.22
CA ALA C 109 -26.52 13.66 27.31
C ALA C 109 -25.32 13.78 28.25
N VAL C 110 -25.61 13.77 29.55
CA VAL C 110 -24.60 13.74 30.60
C VAL C 110 -24.93 12.59 31.56
N ASP C 111 -23.88 11.97 32.09
CA ASP C 111 -24.00 10.87 33.04
C ASP C 111 -23.85 11.44 34.45
N LEU C 112 -24.95 11.51 35.18
CA LEU C 112 -24.94 12.11 36.50
C LEU C 112 -25.89 11.36 37.44
N PRO C 113 -25.37 10.58 38.40
CA PRO C 113 -23.95 10.35 38.60
C PRO C 113 -23.30 9.49 37.50
N ASP C 114 -21.99 9.66 37.32
CA ASP C 114 -21.23 8.93 36.32
C ASP C 114 -20.65 7.68 37.00
N SER C 115 -21.10 6.50 36.58
CA SER C 115 -20.57 5.27 37.14
C SER C 115 -19.44 4.67 36.31
N GLY C 116 -19.05 5.33 35.21
CA GLY C 116 -17.99 4.83 34.37
C GLY C 116 -16.65 4.99 35.06
N PRO C 117 -15.61 4.43 34.47
CA PRO C 117 -14.27 4.52 35.07
C PRO C 117 -13.70 5.91 34.85
N GLN C 118 -13.84 6.77 35.88
CA GLN C 118 -13.50 8.18 35.72
C GLN C 118 -12.02 8.42 35.44
N TRP C 119 -11.15 7.46 35.77
CA TRP C 119 -9.72 7.65 35.55
C TRP C 119 -9.33 7.52 34.08
N VAL C 120 -10.19 6.99 33.22
CA VAL C 120 -9.81 6.73 31.84
C VAL C 120 -9.51 8.04 31.10
N ALA C 121 -10.29 9.09 31.36
CA ALA C 121 -10.15 10.39 30.69
C ALA C 121 -8.76 11.01 30.91
N ASP C 122 -8.07 10.66 32.01
CA ASP C 122 -6.77 11.24 32.35
C ASP C 122 -5.58 10.46 31.77
N GLN C 123 -5.82 9.45 30.93
CA GLN C 123 -4.77 8.53 30.52
C GLN C 123 -4.23 8.84 29.14
N VAL C 124 -3.03 8.34 28.89
CA VAL C 124 -2.51 8.18 27.55
C VAL C 124 -2.10 6.71 27.45
N PHE C 125 -2.78 5.96 26.58
CA PHE C 125 -2.55 4.55 26.43
C PHE C 125 -1.45 4.26 25.40
N TYR C 126 -0.79 3.13 25.60
CA TYR C 126 0.25 2.62 24.73
C TYR C 126 -0.07 1.16 24.48
N GLN C 127 -0.27 0.80 23.21
CA GLN C 127 -0.65 -0.57 22.84
C GLN C 127 0.62 -1.33 22.43
N ILE C 128 0.89 -2.44 23.10
CA ILE C 128 2.12 -3.19 22.86
C ILE C 128 1.76 -4.58 22.35
N PHE C 129 2.46 -5.00 21.27
CA PHE C 129 2.56 -6.36 20.76
C PHE C 129 3.85 -6.96 21.36
N PRO C 130 3.77 -7.75 22.43
CA PRO C 130 4.94 -7.98 23.29
C PRO C 130 6.17 -8.54 22.58
N ASP C 131 5.98 -9.37 21.55
CA ASP C 131 7.12 -10.03 20.89
C ASP C 131 7.99 -9.06 20.10
N ARG C 132 7.43 -7.94 19.62
CA ARG C 132 8.15 -7.01 18.74
C ARG C 132 8.59 -5.75 19.46
N PHE C 133 8.43 -5.66 20.77
CA PHE C 133 8.70 -4.43 21.51
C PHE C 133 10.07 -4.41 22.20
N ALA C 134 10.31 -5.32 23.16
CA ALA C 134 11.54 -5.24 23.95
C ALA C 134 11.95 -6.61 24.49
N ARG C 135 13.16 -7.03 24.14
CA ARG C 135 13.77 -8.18 24.78
C ARG C 135 14.39 -7.78 26.10
N SER C 136 14.32 -8.65 27.08
CA SER C 136 14.97 -8.39 28.36
C SER C 136 16.47 -8.61 28.22
N GLN C 137 17.25 -7.73 28.84
CA GLN C 137 18.70 -7.93 28.88
C GLN C 137 19.04 -9.25 29.56
N SER C 138 18.46 -9.47 30.74
CA SER C 138 18.56 -10.73 31.45
C SER C 138 17.87 -11.87 30.70
N THR C 158 8.94 -17.55 13.58
CA THR C 158 9.15 -16.11 13.40
C THR C 158 8.85 -15.36 14.70
N PHE C 159 9.76 -15.47 15.65
CA PHE C 159 9.64 -14.81 16.95
C PHE C 159 10.84 -13.90 17.17
N TYR C 160 10.57 -12.59 17.28
CA TYR C 160 11.66 -11.65 17.56
C TYR C 160 12.18 -11.79 18.99
N GLY C 161 11.36 -12.29 19.91
CA GLY C 161 11.83 -12.60 21.23
C GLY C 161 11.62 -11.54 22.28
N GLY C 162 10.86 -10.50 22.00
CA GLY C 162 10.49 -9.55 23.02
C GLY C 162 9.55 -10.17 24.04
N ASP C 163 9.58 -9.64 25.25
CA ASP C 163 8.84 -10.29 26.33
C ASP C 163 8.37 -9.26 27.35
N LEU C 164 7.56 -9.73 28.31
CA LEU C 164 6.96 -8.81 29.28
C LEU C 164 8.00 -8.21 30.22
N ASP C 165 9.06 -8.95 30.55
CA ASP C 165 10.12 -8.31 31.32
C ASP C 165 10.83 -7.24 30.48
N GLY C 166 10.83 -7.39 29.15
CA GLY C 166 11.32 -6.30 28.31
C GLY C 166 10.51 -5.02 28.49
N ILE C 167 9.18 -5.14 28.48
CA ILE C 167 8.31 -3.97 28.69
C ILE C 167 8.62 -3.32 30.02
N SER C 168 8.79 -4.13 31.06
CA SER C 168 9.15 -3.63 32.39
C SER C 168 10.42 -2.81 32.35
N GLU C 169 11.44 -3.30 31.64
CA GLU C 169 12.71 -2.58 31.56
C GLU C 169 12.56 -1.25 30.83
N LYS C 170 11.59 -1.14 29.92
CA LYS C 170 11.37 0.04 29.12
C LYS C 170 10.32 0.98 29.72
N LEU C 171 9.85 0.72 30.94
CA LEU C 171 8.92 1.65 31.59
C LEU C 171 9.47 3.07 31.76
N PRO C 172 10.76 3.30 32.05
CA PRO C 172 11.24 4.70 32.09
C PRO C 172 11.03 5.41 30.77
N TYR C 173 11.42 4.78 29.66
CA TYR C 173 11.20 5.36 28.33
C TYR C 173 9.75 5.72 28.11
N LEU C 174 8.82 4.82 28.48
CA LEU C 174 7.40 5.09 28.26
C LEU C 174 6.91 6.23 29.13
N LYS C 175 7.46 6.37 30.34
CA LYS C 175 7.08 7.50 31.16
C LYS C 175 7.55 8.81 30.54
N GLN C 176 8.78 8.85 30.01
CA GLN C 176 9.24 10.08 29.36
C GLN C 176 8.37 10.43 28.16
N LEU C 177 7.75 9.43 27.54
CA LEU C 177 6.87 9.66 26.42
C LEU C 177 5.57 10.34 26.84
N GLY C 178 5.13 10.14 28.08
CA GLY C 178 3.84 10.62 28.53
C GLY C 178 2.83 9.51 28.70
N VAL C 179 3.26 8.26 28.51
CA VAL C 179 2.41 7.10 28.70
C VAL C 179 2.05 6.97 30.16
N THR C 180 0.80 6.59 30.43
CA THR C 180 0.33 6.34 31.78
C THR C 180 -0.48 5.05 31.89
N ALA C 181 -0.67 4.34 30.78
CA ALA C 181 -1.51 3.15 30.72
C ALA C 181 -1.03 2.30 29.56
N LEU C 182 -0.93 0.99 29.78
CA LEU C 182 -0.42 0.03 28.81
C LEU C 182 -1.55 -0.87 28.38
N TYR C 183 -1.56 -1.25 27.11
CA TYR C 183 -2.55 -2.18 26.59
C TYR C 183 -1.80 -3.29 25.89
N LEU C 184 -1.84 -4.50 26.46
CA LEU C 184 -1.10 -5.63 25.93
C LEU C 184 -1.96 -6.49 25.00
N ASN C 185 -1.46 -6.70 23.81
CA ASN C 185 -2.20 -7.46 22.83
C ASN C 185 -1.20 -8.09 21.88
N PRO C 186 -1.07 -9.43 21.88
CA PRO C 186 -1.78 -10.37 22.74
C PRO C 186 -1.03 -10.70 24.03
N VAL C 187 -1.62 -11.54 24.87
CA VAL C 187 -0.98 -11.94 26.11
C VAL C 187 -1.19 -13.44 26.37
N PHE C 188 -2.40 -13.95 26.15
CA PHE C 188 -2.70 -15.32 26.54
C PHE C 188 -2.48 -16.29 25.37
N VAL C 189 -2.29 -17.57 25.73
CA VAL C 189 -2.22 -18.65 24.75
C VAL C 189 -3.61 -19.04 24.25
N ARG C 202 -6.37 -18.15 28.99
CA ARG C 202 -6.29 -19.00 30.19
C ARG C 202 -4.90 -18.95 30.84
N ARG C 203 -3.84 -18.81 30.04
CA ARG C 203 -2.48 -18.77 30.58
C ARG C 203 -1.66 -17.75 29.79
N VAL C 204 -0.84 -16.95 30.50
CA VAL C 204 0.08 -16.03 29.83
C VAL C 204 1.08 -16.81 28.98
N ASP C 205 1.30 -16.33 27.77
CA ASP C 205 2.20 -17.03 26.85
C ASP C 205 3.60 -17.15 27.43
N PRO C 206 4.17 -18.36 27.51
CA PRO C 206 5.52 -18.52 28.07
C PRO C 206 6.62 -17.84 27.26
N GLN C 207 6.43 -17.63 25.95
CA GLN C 207 7.43 -16.94 25.16
C GLN C 207 7.58 -15.47 25.57
N PHE C 208 6.63 -14.92 26.33
CA PHE C 208 6.71 -13.58 26.89
C PHE C 208 7.19 -13.58 28.32
N GLY C 209 7.51 -14.76 28.88
CA GLY C 209 7.89 -14.88 30.28
C GLY C 209 6.83 -15.50 31.18
N GLY C 210 5.64 -15.81 30.67
CA GLY C 210 4.65 -16.45 31.51
C GLY C 210 4.00 -15.54 32.54
N ASP C 211 3.24 -16.21 33.43
CA ASP C 211 2.46 -15.49 34.44
C ASP C 211 3.34 -14.69 35.38
N ALA C 212 4.54 -15.18 35.67
CA ALA C 212 5.42 -14.46 36.59
C ALA C 212 5.89 -13.15 35.99
N ALA C 213 6.18 -13.13 34.67
CA ALA C 213 6.61 -11.88 34.05
C ALA C 213 5.47 -10.87 34.01
N LEU C 214 4.24 -11.33 33.77
CA LEU C 214 3.08 -10.43 33.82
C LEU C 214 2.85 -9.88 35.23
N LEU C 215 3.01 -10.73 36.24
CA LEU C 215 2.88 -10.29 37.63
C LEU C 215 3.91 -9.21 37.98
N ARG C 216 5.16 -9.39 37.54
CA ARG C 216 6.18 -8.37 37.75
C ARG C 216 5.82 -7.08 37.04
N LEU C 217 5.23 -7.19 35.84
CA LEU C 217 4.83 -5.99 35.11
C LEU C 217 3.69 -5.27 35.83
N ARG C 218 2.75 -6.03 36.41
CA ARG C 218 1.73 -5.37 37.23
C ARG C 218 2.35 -4.62 38.39
N HIS C 219 3.22 -5.28 39.16
CA HIS C 219 3.87 -4.62 40.28
C HIS C 219 4.65 -3.39 39.82
N ASN C 220 5.35 -3.50 38.70
CA ASN C 220 6.17 -2.38 38.23
C ASN C 220 5.31 -1.24 37.74
N THR C 221 4.22 -1.53 37.02
CA THR C 221 3.39 -0.45 36.52
C THR C 221 2.65 0.23 37.65
N GLN C 222 2.25 -0.52 38.69
CA GLN C 222 1.71 0.12 39.89
C GLN C 222 2.75 1.05 40.51
N LYS C 223 3.99 0.59 40.63
CA LYS C 223 5.05 1.42 41.20
C LYS C 223 5.27 2.69 40.38
N GLU C 224 5.02 2.64 39.08
CA GLU C 224 5.12 3.81 38.22
C GLU C 224 3.82 4.58 38.11
N GLY C 225 2.76 4.17 38.82
CA GLY C 225 1.48 4.81 38.65
C GLY C 225 0.82 4.60 37.31
N MET C 226 1.17 3.54 36.60
CA MET C 226 0.65 3.25 35.27
C MET C 226 -0.45 2.20 35.34
N ARG C 227 -1.48 2.37 34.51
CA ARG C 227 -2.55 1.38 34.37
C ARG C 227 -2.15 0.28 33.37
N LEU C 228 -2.86 -0.84 33.44
CA LEU C 228 -2.57 -2.00 32.60
C LEU C 228 -3.88 -2.68 32.21
N ILE C 229 -4.06 -2.90 30.92
CA ILE C 229 -5.28 -3.46 30.33
C ILE C 229 -4.89 -4.68 29.52
N LEU C 230 -5.65 -5.76 29.64
CA LEU C 230 -5.33 -6.98 28.93
C LEU C 230 -6.31 -7.25 27.82
N ASP C 231 -5.84 -7.89 26.76
CA ASP C 231 -6.69 -8.40 25.71
C ASP C 231 -7.34 -9.71 26.16
N GLY C 232 -8.62 -9.88 25.83
CA GLY C 232 -9.32 -11.08 26.22
C GLY C 232 -9.67 -11.98 25.05
N SER C 257 -16.33 -15.20 34.46
CA SER C 257 -15.54 -15.92 35.46
C SER C 257 -14.05 -15.62 35.33
N VAL C 258 -13.49 -15.94 34.15
CA VAL C 258 -12.10 -15.58 33.82
C VAL C 258 -11.95 -14.06 33.84
N VAL C 259 -13.01 -13.32 33.52
CA VAL C 259 -12.96 -11.87 33.61
C VAL C 259 -12.65 -11.42 35.03
N ARG C 260 -13.33 -12.02 36.01
CA ARG C 260 -13.09 -11.63 37.40
C ARG C 260 -11.71 -12.08 37.88
N HIS C 261 -11.24 -13.25 37.42
CA HIS C 261 -9.99 -13.79 37.93
C HIS C 261 -8.83 -12.82 37.72
N TRP C 262 -8.79 -12.16 36.55
CA TRP C 262 -7.69 -11.25 36.23
C TRP C 262 -7.90 -9.84 36.77
N LEU C 263 -9.12 -9.48 37.19
CA LEU C 263 -9.32 -8.23 37.93
C LEU C 263 -9.19 -8.40 39.44
N LYS C 264 -9.23 -9.65 39.92
CA LYS C 264 -8.96 -10.00 41.32
C LYS C 264 -7.46 -9.90 41.61
N ALA C 265 -7.12 -9.77 42.90
CA ALA C 265 -5.75 -9.98 43.34
C ALA C 265 -5.34 -11.43 43.07
N PRO C 266 -4.05 -11.68 42.80
CA PRO C 266 -2.97 -10.69 42.78
C PRO C 266 -2.81 -9.97 41.45
N TRP C 267 -3.67 -10.30 40.48
CA TRP C 267 -3.51 -9.74 39.14
C TRP C 267 -3.98 -8.30 39.07
N SER C 268 -5.19 -8.04 39.55
CA SER C 268 -5.74 -6.69 39.72
C SER C 268 -5.49 -5.80 38.51
N MET C 269 -5.77 -6.36 37.33
CA MET C 269 -5.69 -5.57 36.11
C MET C 269 -6.78 -4.50 36.13
N ASP C 270 -6.54 -3.43 35.38
CA ASP C 270 -7.42 -2.27 35.40
C ASP C 270 -8.61 -2.38 34.46
N GLY C 271 -8.64 -3.39 33.60
CA GLY C 271 -9.80 -3.60 32.76
C GLY C 271 -9.53 -4.65 31.70
N TRP C 272 -10.52 -4.81 30.82
CA TRP C 272 -10.53 -5.84 29.79
C TRP C 272 -10.86 -5.26 28.42
N ARG C 273 -10.27 -5.84 27.39
CA ARG C 273 -10.68 -5.63 26.01
C ARG C 273 -11.38 -6.86 25.47
N LEU C 274 -12.60 -6.64 24.96
CA LEU C 274 -13.38 -7.66 24.24
C LEU C 274 -13.20 -7.55 22.71
N ARG C 291 -28.54 -9.35 26.62
CA ARG C 291 -27.18 -9.22 26.12
C ARG C 291 -26.30 -10.31 26.70
N HIS C 292 -25.00 -10.09 26.59
CA HIS C 292 -23.98 -11.09 26.88
C HIS C 292 -22.72 -10.39 27.33
N ILE C 293 -22.18 -9.52 26.46
CA ILE C 293 -21.16 -8.55 26.86
C ILE C 293 -21.60 -7.82 28.13
N ALA C 294 -22.91 -7.63 28.31
CA ALA C 294 -23.38 -7.01 29.54
C ALA C 294 -23.05 -7.89 30.75
N GLY C 295 -23.11 -9.21 30.58
CA GLY C 295 -22.68 -10.10 31.64
C GLY C 295 -21.19 -9.99 31.90
N ILE C 296 -20.40 -9.92 30.84
CA ILE C 296 -18.95 -9.76 30.98
C ILE C 296 -18.64 -8.44 31.68
N THR C 297 -19.28 -7.35 31.24
CA THR C 297 -19.08 -6.04 31.85
C THR C 297 -19.59 -5.98 33.30
N GLN C 298 -20.79 -6.49 33.57
CA GLN C 298 -21.31 -6.41 34.95
C GLN C 298 -20.47 -7.22 35.93
N ALA C 299 -20.03 -8.41 35.50
CA ALA C 299 -19.14 -9.21 36.34
C ALA C 299 -17.81 -8.49 36.57
N ALA C 300 -17.29 -7.83 35.53
CA ALA C 300 -16.06 -7.07 35.67
C ALA C 300 -16.22 -5.94 36.67
N LYS C 301 -17.37 -5.26 36.62
CA LYS C 301 -17.67 -4.16 37.52
C LYS C 301 -17.94 -4.65 38.94
N LEU C 302 -18.54 -5.84 39.08
CA LEU C 302 -18.75 -6.38 40.42
C LEU C 302 -17.42 -6.60 41.12
N GLU C 303 -16.47 -7.20 40.43
CA GLU C 303 -15.16 -7.48 41.01
C GLU C 303 -14.39 -6.20 41.29
N ARG C 304 -14.41 -5.25 40.36
CA ARG C 304 -13.59 -4.04 40.44
C ARG C 304 -14.44 -2.90 39.89
N PRO C 305 -15.00 -2.06 40.76
CA PRO C 305 -16.06 -1.12 40.32
C PRO C 305 -15.61 -0.16 39.23
N ASP C 306 -14.34 0.27 39.24
CA ASP C 306 -13.78 1.14 38.22
C ASP C 306 -12.99 0.34 37.17
N ALA C 307 -13.42 -0.87 36.87
CA ALA C 307 -12.81 -1.60 35.77
C ALA C 307 -13.20 -0.93 34.45
N PHE C 308 -12.26 -0.91 33.51
CA PHE C 308 -12.47 -0.33 32.19
C PHE C 308 -12.70 -1.45 31.19
N VAL C 309 -13.94 -1.61 30.71
CA VAL C 309 -14.26 -2.65 29.74
C VAL C 309 -14.67 -2.00 28.41
N PHE C 310 -13.86 -2.25 27.39
CA PHE C 310 -14.10 -1.67 26.07
C PHE C 310 -13.97 -2.74 25.00
N GLY C 311 -14.57 -2.45 23.86
CA GLY C 311 -14.59 -3.38 22.74
C GLY C 311 -13.90 -2.83 21.50
N GLU C 312 -13.36 -3.75 20.70
CA GLU C 312 -12.74 -3.40 19.43
C GLU C 312 -13.79 -3.56 18.33
N HIS C 313 -14.42 -2.45 17.94
CA HIS C 313 -15.42 -2.41 16.89
C HIS C 313 -14.85 -1.69 15.67
N PHE C 314 -14.80 -2.37 14.54
CA PHE C 314 -14.40 -1.68 13.31
C PHE C 314 -15.53 -0.91 12.68
N GLY C 315 -16.77 -1.28 12.97
CA GLY C 315 -17.95 -0.62 12.48
C GLY C 315 -18.62 0.24 13.53
N ASP C 316 -19.93 0.39 13.39
CA ASP C 316 -20.71 1.29 14.22
C ASP C 316 -20.99 0.64 15.57
N ALA C 317 -20.29 1.11 16.61
CA ALA C 317 -20.40 0.58 17.96
C ALA C 317 -21.55 1.20 18.77
N ARG C 318 -22.34 2.09 18.16
CA ARG C 318 -23.27 2.91 18.94
C ARG C 318 -24.33 2.07 19.66
N GLN C 319 -24.81 0.99 19.04
CA GLN C 319 -25.83 0.20 19.70
C GLN C 319 -25.33 -0.38 21.01
N TRP C 320 -24.09 -0.85 21.04
CA TRP C 320 -23.53 -1.39 22.28
C TRP C 320 -23.29 -0.31 23.32
N LEU C 321 -22.75 0.84 22.90
CA LEU C 321 -22.46 1.92 23.83
C LEU C 321 -23.74 2.57 24.33
N GLN C 322 -24.76 2.63 23.48
CA GLN C 322 -25.99 3.26 23.93
C GLN C 322 -26.79 2.36 24.87
N ALA C 323 -26.40 1.10 25.03
CA ALA C 323 -27.00 0.18 25.98
C ALA C 323 -26.12 -0.08 27.19
N ASP C 324 -24.99 0.60 27.30
CA ASP C 324 -24.12 0.54 28.48
C ASP C 324 -23.50 -0.83 28.68
N VAL C 325 -23.41 -1.65 27.63
CA VAL C 325 -22.82 -2.97 27.78
C VAL C 325 -21.29 -2.95 27.76
N GLU C 326 -20.67 -1.90 27.22
CA GLU C 326 -19.24 -1.68 27.35
C GLU C 326 -19.03 -0.21 27.68
N ASP C 327 -17.90 0.09 28.31
CA ASP C 327 -17.59 1.45 28.75
C ASP C 327 -17.18 2.35 27.60
N SER C 328 -16.62 1.79 26.55
CA SER C 328 -16.02 2.57 25.49
C SER C 328 -15.77 1.63 24.34
N ALA C 329 -15.30 2.20 23.23
CA ALA C 329 -14.92 1.38 22.09
C ALA C 329 -13.69 1.99 21.43
N MET C 330 -12.87 1.12 20.84
CA MET C 330 -11.81 1.59 19.95
C MET C 330 -12.48 2.31 18.79
N ASN C 331 -12.28 3.62 18.74
CA ASN C 331 -13.18 4.50 18.01
C ASN C 331 -12.78 4.57 16.53
N TYR C 332 -12.96 3.43 15.87
CA TYR C 332 -12.67 3.38 14.44
C TYR C 332 -13.66 4.25 13.67
N ARG C 333 -14.95 4.05 13.92
CA ARG C 333 -15.98 4.73 13.14
C ARG C 333 -16.02 6.23 13.43
N GLY C 334 -15.69 6.65 14.64
CA GLY C 334 -15.79 8.05 15.05
C GLY C 334 -14.51 8.85 14.96
N PHE C 335 -13.34 8.19 14.84
CA PHE C 335 -12.08 8.93 14.77
C PHE C 335 -11.15 8.40 13.67
N THR C 336 -10.85 7.11 13.70
CA THR C 336 -9.79 6.56 12.85
C THR C 336 -10.11 6.71 11.37
N PHE C 337 -11.23 6.13 10.95
CA PHE C 337 -11.58 6.06 9.55
C PHE C 337 -11.92 7.42 8.96
N PRO C 338 -12.56 8.33 9.71
CA PRO C 338 -12.64 9.72 9.22
C PRO C 338 -11.26 10.30 8.88
N LEU C 339 -10.25 10.05 9.72
CA LEU C 339 -8.91 10.57 9.45
C LEU C 339 -8.25 9.83 8.30
N TRP C 340 -8.40 8.51 8.24
CA TRP C 340 -7.96 7.76 7.07
C TRP C 340 -8.56 8.35 5.80
N GLY C 341 -9.82 8.77 5.87
CA GLY C 341 -10.44 9.38 4.71
C GLY C 341 -9.88 10.76 4.42
N PHE C 342 -9.90 11.63 5.44
CA PHE C 342 -9.56 13.02 5.24
C PHE C 342 -8.07 13.19 4.96
N LEU C 343 -7.21 12.42 5.63
CA LEU C 343 -5.76 12.62 5.44
C LEU C 343 -5.12 11.63 4.46
N ALA C 344 -5.59 10.38 4.37
CA ALA C 344 -4.94 9.35 3.57
C ALA C 344 -5.82 8.82 2.45
N ASN C 345 -6.99 9.43 2.21
CA ASN C 345 -7.83 9.14 1.04
C ASN C 345 -8.26 7.67 0.93
N THR C 346 -8.30 6.94 2.04
CA THR C 346 -8.61 5.52 1.97
C THR C 346 -9.46 5.12 3.17
N ASP C 347 -9.81 3.84 3.22
CA ASP C 347 -10.65 3.30 4.28
C ASP C 347 -10.13 1.90 4.60
N ILE C 348 -10.85 1.15 5.44
CA ILE C 348 -10.33 -0.13 5.90
C ILE C 348 -10.23 -1.15 4.76
N SER C 349 -11.10 -1.04 3.76
CA SER C 349 -11.04 -1.93 2.59
C SER C 349 -10.02 -1.48 1.57
N TYR C 350 -9.31 -0.38 1.83
CA TYR C 350 -8.40 0.27 0.89
C TYR C 350 -9.13 0.74 -0.38
N ASP C 351 -10.43 1.05 -0.25
CA ASP C 351 -11.15 1.75 -1.29
C ASP C 351 -10.83 3.24 -1.24
N PRO C 352 -10.82 3.92 -2.38
CA PRO C 352 -10.46 5.33 -2.38
C PRO C 352 -11.50 6.18 -1.65
N GLN C 353 -11.01 7.22 -1.01
CA GLN C 353 -11.82 8.14 -0.24
C GLN C 353 -11.47 9.55 -0.70
N LYS C 354 -12.48 10.34 -1.03
CA LYS C 354 -12.34 11.75 -1.38
C LYS C 354 -13.23 12.52 -0.41
N ILE C 355 -12.68 12.84 0.76
CA ILE C 355 -13.43 13.39 1.87
C ILE C 355 -12.82 14.75 2.20
N ASP C 356 -13.62 15.81 2.06
CA ASP C 356 -13.16 17.14 2.44
C ASP C 356 -13.49 17.40 3.91
N ALA C 357 -13.08 18.57 4.41
CA ALA C 357 -13.22 18.84 5.83
C ALA C 357 -14.69 18.83 6.27
N GLN C 358 -15.59 19.40 5.46
CA GLN C 358 -17.01 19.39 5.82
C GLN C 358 -17.53 17.99 6.07
N THR C 359 -17.22 17.05 5.17
CA THR C 359 -17.72 15.70 5.31
C THR C 359 -17.06 14.99 6.48
N CYS C 360 -15.77 15.19 6.67
CA CYS C 360 -15.08 14.60 7.81
C CYS C 360 -15.68 15.04 9.14
N MET C 361 -15.99 16.34 9.28
CA MET C 361 -16.51 16.83 10.54
C MET C 361 -17.97 16.48 10.74
N ALA C 362 -18.75 16.46 9.65
CA ALA C 362 -20.11 15.96 9.74
C ALA C 362 -20.09 14.49 10.18
N TRP C 363 -19.17 13.72 9.60
CA TRP C 363 -18.98 12.33 9.97
C TRP C 363 -18.60 12.19 11.44
N MET C 364 -17.55 12.92 11.88
CA MET C 364 -17.13 12.79 13.28
C MET C 364 -18.19 13.34 14.24
N ASP C 365 -18.86 14.45 13.90
CA ASP C 365 -19.89 14.98 14.80
C ASP C 365 -21.12 14.09 14.80
N ASN C 366 -21.44 13.46 13.68
CA ASN C 366 -22.59 12.56 13.67
C ASN C 366 -22.38 11.37 14.61
N TYR C 367 -21.16 10.83 14.67
CA TYR C 367 -20.90 9.68 15.52
C TYR C 367 -21.01 10.02 16.99
N ARG C 368 -20.33 11.10 17.43
CA ARG C 368 -20.34 11.55 18.82
C ARG C 368 -21.75 11.86 19.35
N ALA C 369 -22.64 12.39 18.51
CA ALA C 369 -23.95 12.81 19.03
C ALA C 369 -24.73 11.64 19.63
N GLY C 370 -24.39 10.40 19.28
CA GLY C 370 -25.01 9.23 19.85
C GLY C 370 -24.42 8.82 21.17
N LEU C 371 -23.55 9.65 21.74
CA LEU C 371 -22.78 9.37 22.96
C LEU C 371 -22.94 10.50 23.96
N SER C 372 -23.05 10.12 25.23
CA SER C 372 -23.01 11.12 26.29
C SER C 372 -21.61 11.74 26.37
N HIS C 373 -21.54 12.90 27.01
CA HIS C 373 -20.24 13.56 27.17
C HIS C 373 -19.21 12.66 27.86
N GLN C 374 -19.62 11.96 28.93
CA GLN C 374 -18.67 11.10 29.63
C GLN C 374 -18.22 9.95 28.73
N GLN C 375 -19.13 9.38 27.96
CA GLN C 375 -18.74 8.37 26.99
C GLN C 375 -17.74 8.93 25.99
N GLN C 376 -18.01 10.13 25.47
CA GLN C 376 -17.08 10.72 24.51
C GLN C 376 -15.67 10.83 25.07
N LEU C 377 -15.54 11.20 26.36
CA LEU C 377 -14.22 11.40 26.96
C LEU C 377 -13.43 10.10 27.14
N ARG C 378 -14.10 8.95 27.12
CA ARG C 378 -13.46 7.64 27.27
C ARG C 378 -13.22 6.93 25.95
N MET C 379 -13.71 7.47 24.84
CA MET C 379 -13.55 6.79 23.56
C MET C 379 -12.07 6.61 23.25
N PHE C 380 -11.75 5.42 22.75
CA PHE C 380 -10.38 4.98 22.53
C PHE C 380 -9.94 5.47 21.16
N ASN C 381 -9.20 6.58 21.09
CA ASN C 381 -8.82 7.12 19.80
C ASN C 381 -7.44 6.62 19.37
N GLN C 382 -7.35 6.26 18.10
CA GLN C 382 -6.11 5.71 17.60
C GLN C 382 -6.04 5.96 16.10
N LEU C 383 -4.80 6.11 15.60
CA LEU C 383 -4.53 6.22 14.17
C LEU C 383 -4.35 4.87 13.52
N ASP C 384 -3.99 3.84 14.30
CA ASP C 384 -3.77 2.50 13.77
C ASP C 384 -3.74 1.56 14.97
N SER C 385 -3.59 0.28 14.70
CA SER C 385 -3.69 -0.71 15.76
C SER C 385 -3.18 -2.04 15.23
N HIS C 386 -3.32 -3.08 16.07
CA HIS C 386 -2.95 -4.44 15.72
C HIS C 386 -3.57 -4.87 14.39
N ALA C 387 -4.80 -4.48 14.15
CA ALA C 387 -5.57 -4.98 13.02
C ALA C 387 -5.36 -4.18 11.74
N THR C 388 -4.57 -3.12 11.77
CA THR C 388 -4.46 -2.24 10.63
C THR C 388 -3.01 -2.11 10.20
N ALA C 389 -2.81 -1.62 8.98
CA ALA C 389 -1.48 -1.18 8.62
C ALA C 389 -1.14 0.09 9.41
N ARG C 390 0.16 0.42 9.47
CA ARG C 390 0.60 1.64 10.14
C ARG C 390 0.13 2.88 9.38
N PHE C 391 -0.34 3.88 10.13
CA PHE C 391 -0.88 5.08 9.50
C PHE C 391 0.17 5.80 8.67
N LYS C 392 1.43 5.79 9.13
CA LYS C 392 2.50 6.44 8.40
C LYS C 392 2.64 5.92 6.98
N SER C 393 2.56 4.60 6.78
CA SER C 393 2.65 4.05 5.43
C SER C 393 1.35 4.27 4.64
N LEU C 394 0.19 4.20 5.31
CA LEU C 394 -1.09 4.49 4.63
C LEU C 394 -1.13 5.89 4.02
N LEU C 395 -0.43 6.86 4.64
CA LEU C 395 -0.33 8.20 4.06
C LEU C 395 0.41 8.20 2.74
N GLY C 396 1.26 7.20 2.49
CA GLY C 396 1.97 7.08 1.21
C GLY C 396 2.77 8.34 0.92
N LYS C 397 2.58 8.91 -0.27
CA LYS C 397 3.30 10.14 -0.61
C LYS C 397 2.88 11.33 0.24
N ASP C 398 1.77 11.24 0.97
CA ASP C 398 1.29 12.35 1.81
C ASP C 398 1.72 12.19 3.26
N VAL C 399 2.95 11.69 3.45
CA VAL C 399 3.50 11.38 4.75
C VAL C 399 3.74 12.63 5.58
N ALA C 400 3.79 13.81 4.94
CA ALA C 400 3.97 15.05 5.70
C ALA C 400 2.76 15.35 6.58
N ARG C 401 1.63 14.72 6.33
CA ARG C 401 0.44 14.95 7.14
C ARG C 401 0.50 14.22 8.49
N LEU C 402 1.50 13.36 8.71
CA LEU C 402 1.53 12.56 9.94
C LEU C 402 1.46 13.43 11.20
N PRO C 403 2.24 14.52 11.33
CA PRO C 403 2.13 15.34 12.56
C PRO C 403 0.77 15.95 12.77
N LEU C 404 0.05 16.25 11.68
CA LEU C 404 -1.33 16.71 11.83
C LEU C 404 -2.17 15.71 12.56
N ALA C 405 -2.01 14.43 12.20
CA ALA C 405 -2.84 13.40 12.80
C ALA C 405 -2.44 13.17 14.25
N VAL C 406 -1.19 13.44 14.59
CA VAL C 406 -0.77 13.27 15.97
C VAL C 406 -1.36 14.38 16.83
N VAL C 407 -1.35 15.62 16.33
CA VAL C 407 -1.97 16.71 17.08
C VAL C 407 -3.46 16.42 17.29
N TRP C 408 -4.13 15.95 16.24
CA TRP C 408 -5.55 15.64 16.30
C TRP C 408 -5.84 14.49 17.27
N LEU C 409 -5.03 13.43 17.24
CA LEU C 409 -5.17 12.31 18.17
C LEU C 409 -5.21 12.76 19.64
N PHE C 410 -4.39 13.75 20.00
CA PHE C 410 -4.31 14.20 21.38
C PHE C 410 -5.30 15.32 21.73
N SER C 411 -5.95 15.96 20.75
CA SER C 411 -6.80 17.10 21.06
C SER C 411 -8.28 16.83 20.84
N TRP C 412 -8.65 15.73 20.16
CA TRP C 412 -10.03 15.32 19.98
C TRP C 412 -10.58 14.63 21.24
N PRO C 413 -11.88 14.78 21.53
CA PRO C 413 -12.42 14.08 22.70
C PRO C 413 -12.18 12.58 22.59
N GLY C 414 -11.74 12.01 23.70
CA GLY C 414 -11.39 10.62 23.81
C GLY C 414 -9.99 10.50 24.39
N VAL C 415 -9.53 9.25 24.52
CA VAL C 415 -8.20 9.00 25.07
C VAL C 415 -7.29 8.57 23.93
N PRO C 416 -6.11 9.17 23.80
CA PRO C 416 -5.18 8.71 22.77
C PRO C 416 -4.62 7.34 23.13
N CYS C 417 -4.51 6.49 22.12
CA CYS C 417 -3.82 5.22 22.23
C CYS C 417 -2.72 5.20 21.18
N ILE C 418 -1.47 5.12 21.63
CA ILE C 418 -0.30 5.07 20.77
C ILE C 418 0.03 3.61 20.49
N TYR C 419 0.07 3.24 19.20
CA TYR C 419 0.48 1.89 18.85
C TYR C 419 2.00 1.86 18.89
N TYR C 420 2.56 0.91 19.64
CA TYR C 420 4.02 0.87 19.90
C TYR C 420 4.79 1.09 18.61
N GLY C 421 5.75 2.02 18.65
CA GLY C 421 6.55 2.35 17.51
C GLY C 421 6.04 3.53 16.68
N ASP C 422 4.76 3.92 16.80
CA ASP C 422 4.28 5.08 16.05
C ASP C 422 5.06 6.34 16.40
N GLU C 423 5.46 6.48 17.66
CA GLU C 423 6.08 7.71 18.13
C GLU C 423 7.48 7.94 17.57
N VAL C 424 8.11 6.88 17.06
CA VAL C 424 9.45 6.95 16.49
C VAL C 424 9.45 6.66 15.00
N GLY C 425 8.27 6.60 14.38
CA GLY C 425 8.17 6.56 12.94
C GLY C 425 8.27 5.20 12.30
N VAL C 426 7.95 4.13 13.04
CA VAL C 426 7.86 2.80 12.44
C VAL C 426 6.77 2.78 11.38
N ASP C 427 7.06 2.15 10.25
CA ASP C 427 6.10 2.07 9.17
C ASP C 427 5.99 0.60 8.71
N GLY C 428 5.24 0.38 7.64
CA GLY C 428 4.96 -0.97 7.19
C GLY C 428 3.48 -1.33 7.30
N ARG C 435 4.68 -6.05 12.36
CA ARG C 435 5.79 -6.78 11.75
C ARG C 435 7.19 -6.29 12.19
N LYS C 436 7.44 -4.98 12.08
CA LYS C 436 8.78 -4.45 12.31
C LYS C 436 9.09 -4.34 13.80
N PRO C 437 10.25 -4.83 14.24
CA PRO C 437 10.63 -4.69 15.65
C PRO C 437 10.88 -3.22 16.00
N PHE C 438 10.67 -2.89 17.25
CA PHE C 438 10.86 -1.52 17.68
C PHE C 438 12.32 -1.11 17.54
N PRO C 439 12.61 0.03 16.90
CA PRO C 439 13.99 0.51 16.78
C PRO C 439 14.49 1.24 18.04
N TRP C 440 15.27 0.55 18.87
CA TRP C 440 15.79 1.17 20.10
C TRP C 440 17.03 2.02 19.87
N ASP C 441 17.69 1.83 18.74
CA ASP C 441 18.84 2.67 18.37
C ASP C 441 18.32 4.05 18.00
N PRO C 442 18.69 5.12 18.73
CA PRO C 442 18.15 6.45 18.40
C PRO C 442 18.45 6.88 16.97
N ALA C 443 19.28 6.13 16.23
CA ALA C 443 19.59 6.42 14.84
C ALA C 443 18.52 5.97 13.86
N LEU C 444 17.67 5.03 14.26
CA LEU C 444 16.51 4.64 13.46
C LEU C 444 15.20 5.24 13.97
N GLN C 445 15.26 6.18 14.91
CA GLN C 445 14.04 6.76 15.43
C GLN C 445 13.80 8.12 14.78
N ASP C 446 12.55 8.42 14.46
CA ASP C 446 12.20 9.76 14.04
C ASP C 446 12.16 10.61 15.31
N GLY C 447 13.27 11.32 15.58
CA GLY C 447 13.35 12.10 16.80
C GLY C 447 12.38 13.27 16.83
N ASP C 448 12.15 13.91 15.67
CA ASP C 448 11.21 15.02 15.60
C ASP C 448 9.78 14.55 15.86
N LEU C 449 9.40 13.40 15.30
CA LEU C 449 8.09 12.85 15.61
C LEU C 449 7.99 12.50 17.10
N LEU C 450 9.08 12.01 17.71
CA LEU C 450 9.04 11.65 19.13
C LEU C 450 8.83 12.88 20.00
N ASP C 451 9.52 13.98 19.67
CA ASP C 451 9.34 15.22 20.40
C ASP C 451 7.90 15.72 20.29
N LEU C 452 7.28 15.54 19.13
CA LEU C 452 5.89 15.96 18.98
C LEU C 452 4.98 15.18 19.95
N TYR C 453 5.12 13.85 19.98
CA TYR C 453 4.32 13.04 20.90
C TYR C 453 4.53 13.45 22.33
N LYS C 454 5.78 13.74 22.71
CA LYS C 454 6.07 14.21 24.06
C LYS C 454 5.40 15.54 24.35
N ARG C 455 5.45 16.47 23.39
CA ARG C 455 4.85 17.78 23.60
C ARG C 455 3.33 17.69 23.72
N MET C 456 2.69 16.85 22.92
CA MET C 456 1.23 16.74 22.99
C MET C 456 0.77 16.11 24.30
N SER C 457 1.44 15.05 24.76
CA SER C 457 1.01 14.43 26.02
C SER C 457 1.21 15.39 27.20
N LYS C 458 2.24 16.24 27.12
CA LYS C 458 2.46 17.26 28.13
C LYS C 458 1.37 18.32 28.09
N LEU C 459 0.95 18.74 26.89
CA LEU C 459 -0.19 19.66 26.78
C LEU C 459 -1.47 19.07 27.37
N ARG C 460 -1.73 17.80 27.08
CA ARG C 460 -2.96 17.19 27.57
C ARG C 460 -2.93 17.03 29.07
N LYS C 461 -1.77 16.66 29.61
CA LYS C 461 -1.63 16.49 31.04
C LYS C 461 -1.75 17.83 31.76
N ALA C 462 -1.42 18.91 31.06
CA ALA C 462 -1.38 20.21 31.71
C ALA C 462 -2.66 21.00 31.57
N HIS C 463 -3.58 20.61 30.67
CA HIS C 463 -4.74 21.44 30.36
C HIS C 463 -6.01 20.61 30.44
N GLN C 464 -6.88 20.94 31.39
CA GLN C 464 -8.07 20.13 31.62
C GLN C 464 -9.05 20.11 30.45
N ALA C 465 -9.11 21.17 29.64
CA ALA C 465 -10.03 21.14 28.52
C ALA C 465 -9.67 20.04 27.53
N LEU C 466 -8.40 19.68 27.43
CA LEU C 466 -8.08 18.56 26.54
C LEU C 466 -8.47 17.22 27.13
N ARG C 467 -8.84 17.15 28.41
CA ARG C 467 -9.22 15.89 28.99
C ARG C 467 -10.70 15.83 29.37
N TYR C 468 -11.29 16.93 29.81
CA TYR C 468 -12.68 16.95 30.23
C TYR C 468 -13.56 17.86 29.39
N GLY C 469 -13.02 18.52 28.37
CA GLY C 469 -13.73 19.58 27.71
C GLY C 469 -14.69 19.06 26.65
N GLY C 470 -15.76 19.81 26.45
CA GLY C 470 -16.58 19.64 25.26
C GLY C 470 -15.81 20.01 24.02
N CYS C 471 -16.43 19.77 22.87
CA CYS C 471 -15.80 20.05 21.58
C CYS C 471 -16.84 20.63 20.63
N GLN C 472 -16.49 21.77 20.05
CA GLN C 472 -17.32 22.47 19.07
C GLN C 472 -16.45 22.71 17.85
N VAL C 473 -16.87 22.22 16.68
CA VAL C 473 -16.17 22.54 15.45
C VAL C 473 -16.48 23.97 15.09
N ILE C 474 -15.43 24.77 14.89
CA ILE C 474 -15.63 26.18 14.59
C ILE C 474 -15.71 26.40 13.09
N TYR C 475 -14.88 25.66 12.34
CA TYR C 475 -14.67 25.85 10.91
C TYR C 475 -14.25 24.51 10.30
N ALA C 476 -14.92 24.13 9.20
CA ALA C 476 -14.61 22.89 8.49
C ALA C 476 -14.98 23.11 7.03
N GLU C 477 -14.00 23.47 6.21
CA GLU C 477 -14.23 23.65 4.79
C GLU C 477 -12.97 23.23 4.02
N ASP C 478 -13.13 22.33 3.05
CA ASP C 478 -12.04 21.87 2.20
C ASP C 478 -10.84 21.29 2.95
N ASN C 479 -9.71 21.99 2.98
CA ASN C 479 -8.51 21.47 3.61
C ASN C 479 -8.40 21.80 5.10
N VAL C 480 -9.24 22.67 5.65
CA VAL C 480 -9.01 23.23 6.98
C VAL C 480 -10.09 22.75 7.95
N VAL C 481 -9.65 22.28 9.11
CA VAL C 481 -10.53 21.96 10.24
C VAL C 481 -10.06 22.81 11.40
N VAL C 482 -11.00 23.44 12.10
CA VAL C 482 -10.76 24.27 13.28
C VAL C 482 -11.82 23.92 14.30
N PHE C 483 -11.40 23.47 15.48
CA PHE C 483 -12.33 23.22 16.57
C PHE C 483 -11.74 23.77 17.86
N VAL C 484 -12.58 23.83 18.90
CA VAL C 484 -12.21 24.33 20.21
C VAL C 484 -12.67 23.33 21.26
N ARG C 485 -11.80 23.03 22.23
CA ARG C 485 -12.20 22.31 23.43
C ARG C 485 -12.57 23.33 24.50
N VAL C 486 -13.63 23.03 25.24
CA VAL C 486 -14.33 23.98 26.10
C VAL C 486 -14.50 23.38 27.48
N TYR C 487 -13.95 24.03 28.51
CA TYR C 487 -14.12 23.52 29.88
C TYR C 487 -13.98 24.65 30.90
N LYS C 488 -15.09 25.01 31.56
CA LYS C 488 -15.16 26.12 32.53
C LYS C 488 -14.73 27.39 31.80
N GLN C 489 -13.66 28.08 32.24
CA GLN C 489 -13.12 29.26 31.56
C GLN C 489 -12.10 28.93 30.47
N GLN C 490 -11.65 27.68 30.39
CA GLN C 490 -10.54 27.31 29.52
C GLN C 490 -11.01 26.98 28.10
N ARG C 491 -10.25 27.44 27.11
CA ARG C 491 -10.48 27.10 25.70
C ARG C 491 -9.17 26.62 25.08
N VAL C 492 -9.25 25.58 24.26
CA VAL C 492 -8.12 25.15 23.46
C VAL C 492 -8.55 25.17 22.00
N LEU C 493 -7.92 26.00 21.22
CA LEU C 493 -8.24 26.17 19.81
C LEU C 493 -7.26 25.34 18.99
N VAL C 494 -7.80 24.51 18.10
CA VAL C 494 -7.00 23.59 17.30
C VAL C 494 -7.30 23.84 15.83
N ALA C 495 -6.24 24.08 15.06
CA ALA C 495 -6.38 24.36 13.63
C ALA C 495 -5.49 23.39 12.84
N ILE C 496 -6.13 22.65 11.94
CA ILE C 496 -5.52 21.63 11.09
C ILE C 496 -5.70 22.03 9.62
N ASN C 497 -4.61 21.99 8.86
CA ASN C 497 -4.63 22.29 7.43
C ASN C 497 -3.89 21.19 6.70
N ARG C 498 -4.62 20.37 5.93
CA ARG C 498 -3.99 19.25 5.23
C ARG C 498 -3.33 19.64 3.92
N GLY C 499 -3.55 20.85 3.41
CA GLY C 499 -3.05 21.24 2.10
C GLY C 499 -2.12 22.44 2.09
N GLU C 500 -2.12 23.17 0.97
CA GLU C 500 -1.24 24.33 0.82
C GLU C 500 -1.49 25.36 1.92
N ALA C 501 -0.49 26.18 2.20
CA ALA C 501 -0.68 27.23 3.19
C ALA C 501 -1.84 28.09 2.75
N CYS C 502 -2.59 28.57 3.72
CA CYS C 502 -3.81 29.30 3.42
C CYS C 502 -4.09 30.21 4.60
N GLU C 503 -5.07 31.09 4.39
CA GLU C 503 -5.61 31.97 5.42
C GLU C 503 -7.11 31.74 5.51
N VAL C 504 -7.66 31.93 6.71
CA VAL C 504 -9.05 31.57 6.99
C VAL C 504 -9.70 32.63 7.88
N VAL C 505 -10.93 32.99 7.57
CA VAL C 505 -11.71 33.92 8.38
C VAL C 505 -12.52 33.14 9.41
N ILE C 506 -12.33 33.47 10.67
CA ILE C 506 -13.07 32.87 11.76
C ILE C 506 -14.09 33.90 12.24
N GLU C 507 -15.38 33.58 12.09
CA GLU C 507 -16.43 34.43 12.62
C GLU C 507 -16.28 34.60 14.13
N ASP C 508 -16.75 35.76 14.62
CA ASP C 508 -16.87 35.96 16.06
C ASP C 508 -17.77 34.89 16.64
N SER C 509 -17.32 34.28 17.74
CA SER C 509 -18.01 33.15 18.37
C SER C 509 -17.88 33.39 19.87
N PRO C 510 -18.97 33.31 20.64
CA PRO C 510 -18.85 33.55 22.08
C PRO C 510 -17.97 32.51 22.76
N LEU C 511 -17.76 31.37 22.10
CA LEU C 511 -16.88 30.32 22.61
C LEU C 511 -15.42 30.72 22.53
N LEU C 512 -15.07 31.64 21.64
CA LEU C 512 -13.71 32.12 21.45
C LEU C 512 -13.52 33.53 22.00
N ASP C 513 -14.45 34.01 22.82
CA ASP C 513 -14.39 35.35 23.41
C ASP C 513 -13.55 35.29 24.69
N VAL C 514 -12.24 35.44 24.52
CA VAL C 514 -11.29 35.15 25.58
C VAL C 514 -10.37 36.35 25.82
N ASN C 515 -9.64 36.30 26.94
CA ASN C 515 -8.65 37.33 27.22
C ASN C 515 -7.63 37.42 26.08
N GLY C 516 -7.01 36.29 25.73
CA GLY C 516 -6.12 36.21 24.59
C GLY C 516 -5.77 34.75 24.34
N TRP C 517 -4.92 34.52 23.33
CA TRP C 517 -4.55 33.18 22.92
C TRP C 517 -3.03 33.02 22.97
N GLN C 518 -2.57 31.90 23.48
CA GLN C 518 -1.14 31.59 23.48
C GLN C 518 -0.87 30.39 22.59
N LEU C 519 -0.08 30.60 21.54
CA LEU C 519 0.34 29.49 20.68
C LEU C 519 1.26 28.56 21.44
N LYS C 520 0.88 27.29 21.54
CA LYS C 520 1.66 26.31 22.28
C LYS C 520 2.17 25.17 21.41
N GLU C 521 1.70 25.05 20.17
CA GLU C 521 2.16 24.03 19.25
C GLU C 521 1.86 24.49 17.83
N GLY C 522 2.83 24.27 16.94
CA GLY C 522 2.64 24.64 15.55
C GLY C 522 3.05 26.09 15.31
N ALA C 523 2.92 26.51 14.05
CA ALA C 523 3.37 27.84 13.65
C ALA C 523 2.26 28.66 13.02
N GLY C 524 1.01 28.41 13.39
CA GLY C 524 -0.09 29.22 12.88
C GLY C 524 -0.18 30.56 13.60
N ALA C 525 -0.99 31.44 13.03
CA ALA C 525 -1.17 32.78 13.56
C ALA C 525 -2.63 33.20 13.47
N LEU C 526 -3.16 33.72 14.56
CA LEU C 526 -4.53 34.23 14.66
C LEU C 526 -4.47 35.73 14.91
N HIS C 527 -5.15 36.52 14.08
CA HIS C 527 -5.01 37.98 14.11
C HIS C 527 -6.27 38.62 13.56
N ASP C 528 -7.08 39.20 14.44
CA ASP C 528 -8.23 40.04 14.09
C ASP C 528 -9.16 39.31 13.13
N GLY C 529 -9.62 38.15 13.57
CA GLY C 529 -10.51 37.34 12.76
C GLY C 529 -9.87 36.59 11.61
N VAL C 530 -8.55 36.64 11.44
CA VAL C 530 -7.87 35.93 10.36
C VAL C 530 -6.98 34.86 10.98
N LEU C 531 -7.14 33.63 10.49
CA LEU C 531 -6.30 32.50 10.85
C LEU C 531 -5.36 32.20 9.69
N THR C 532 -4.04 32.35 9.93
CA THR C 532 -2.99 32.08 8.95
C THR C 532 -2.36 30.71 9.24
N LEU C 533 -2.56 29.76 8.33
CA LEU C 533 -2.17 28.38 8.57
C LEU C 533 -1.06 27.99 7.61
N PRO C 534 0.11 27.58 8.10
CA PRO C 534 1.15 27.07 7.19
C PRO C 534 0.69 25.78 6.52
N ALA C 535 1.36 25.43 5.42
CA ALA C 535 1.01 24.23 4.67
C ALA C 535 1.19 22.96 5.50
N ILE C 536 0.22 22.04 5.36
CA ILE C 536 0.27 20.70 5.95
C ILE C 536 0.67 20.83 7.41
N SER C 537 -0.16 21.50 8.18
CA SER C 537 0.22 21.91 9.52
C SER C 537 -0.93 21.72 10.48
N ALA C 538 -0.60 21.75 11.76
CA ALA C 538 -1.57 21.74 12.83
C ALA C 538 -1.09 22.69 13.90
N SER C 539 -2.01 23.48 14.46
CA SER C 539 -1.65 24.50 15.45
C SER C 539 -2.64 24.47 16.61
N VAL C 540 -2.12 24.70 17.81
CA VAL C 540 -2.92 24.64 19.03
C VAL C 540 -2.64 25.91 19.83
N TRP C 541 -3.70 26.63 20.16
CA TRP C 541 -3.65 27.80 21.02
C TRP C 541 -4.38 27.50 22.31
N PHE C 542 -3.94 28.13 23.39
CA PHE C 542 -4.60 28.01 24.69
C PHE C 542 -5.03 29.39 25.15
N SER C 543 -6.23 29.46 25.73
CA SER C 543 -6.75 30.75 26.16
C SER C 543 -5.91 31.31 27.30
N ARG C 544 -5.72 32.62 27.28
CA ARG C 544 -4.91 33.31 28.27
C ARG C 544 -5.82 33.79 29.39
N MET D 1 -27.03 13.58 -13.89
CA MET D 1 -26.99 13.50 -12.43
C MET D 1 -27.15 12.06 -11.97
N LEU D 2 -26.48 11.65 -10.89
CA LEU D 2 -26.58 10.26 -10.45
C LEU D 2 -27.90 10.02 -9.69
N LYS D 3 -28.63 8.99 -10.09
CA LYS D 3 -29.83 8.58 -9.38
C LYS D 3 -29.72 7.11 -9.04
N ALA D 4 -30.42 6.71 -7.99
CA ALA D 4 -30.35 5.34 -7.54
C ALA D 4 -31.72 4.97 -6.98
N TRP D 5 -32.04 3.69 -7.08
CA TRP D 5 -33.28 3.17 -6.55
C TRP D 5 -33.01 1.84 -5.88
N HIS D 6 -33.56 1.67 -4.68
CA HIS D 6 -33.62 0.36 -4.06
C HIS D 6 -34.64 0.38 -2.92
N LEU D 7 -35.51 -0.61 -2.92
CA LEU D 7 -36.46 -0.86 -1.85
C LEU D 7 -36.29 -2.30 -1.37
N PRO D 8 -36.36 -2.55 -0.07
CA PRO D 8 -36.11 -3.92 0.42
C PRO D 8 -37.31 -4.84 0.18
N VAL D 9 -37.73 -4.94 -1.08
CA VAL D 9 -38.88 -5.73 -1.50
C VAL D 9 -38.68 -6.11 -2.95
N ALA D 10 -39.38 -7.15 -3.38
CA ALA D 10 -39.45 -7.42 -4.80
C ALA D 10 -40.02 -6.19 -5.49
N PRO D 11 -39.51 -5.80 -6.67
CA PRO D 11 -38.58 -6.57 -7.51
C PRO D 11 -37.09 -6.36 -7.20
N PHE D 12 -36.74 -5.71 -6.10
CA PHE D 12 -35.34 -5.48 -5.77
C PHE D 12 -34.69 -6.60 -4.99
N ILE D 13 -35.45 -7.44 -4.31
CA ILE D 13 -34.86 -8.52 -3.53
C ILE D 13 -35.60 -9.81 -3.86
N LYS D 14 -34.91 -10.92 -3.62
CA LYS D 14 -35.44 -12.24 -3.94
C LYS D 14 -34.62 -13.33 -3.24
N GLU D 15 -35.31 -14.23 -2.53
CA GLU D 15 -34.67 -15.39 -1.92
C GLU D 15 -34.68 -16.55 -2.91
N GLN D 16 -33.56 -17.27 -2.97
CA GLN D 16 -33.42 -18.35 -3.93
C GLN D 16 -32.49 -19.37 -3.28
N GLN D 17 -33.07 -20.44 -2.75
CA GLN D 17 -32.39 -21.40 -1.89
C GLN D 17 -31.96 -20.71 -0.60
N GLU D 18 -30.66 -20.70 -0.30
CA GLU D 18 -30.14 -20.02 0.88
C GLU D 18 -29.43 -18.71 0.53
N ARG D 19 -29.87 -18.03 -0.54
CA ARG D 19 -29.25 -16.81 -1.03
C ARG D 19 -30.30 -15.71 -1.22
N LEU D 20 -29.95 -14.52 -0.76
CA LEU D 20 -30.78 -13.33 -0.94
C LEU D 20 -30.17 -12.50 -2.05
N MET D 21 -30.89 -12.40 -3.16
CA MET D 21 -30.46 -11.64 -4.32
C MET D 21 -30.84 -10.17 -4.14
N ILE D 22 -29.88 -9.27 -4.25
CA ILE D 22 -30.14 -7.86 -4.04
C ILE D 22 -29.80 -7.14 -5.33
N THR D 23 -30.69 -6.25 -5.76
CA THR D 23 -30.53 -5.53 -7.00
C THR D 23 -30.62 -4.04 -6.73
N LEU D 24 -29.73 -3.28 -7.35
CA LEU D 24 -29.68 -1.83 -7.24
C LEU D 24 -29.84 -1.24 -8.64
N TRP D 25 -30.65 -0.20 -8.77
CA TRP D 25 -30.81 0.51 -10.03
C TRP D 25 -30.06 1.85 -9.96
N LEU D 26 -29.32 2.17 -11.00
CA LEU D 26 -28.58 3.43 -11.10
C LEU D 26 -28.84 4.10 -12.45
N SER D 27 -28.64 5.41 -12.52
CA SER D 27 -28.76 6.11 -13.80
C SER D 27 -28.04 7.45 -13.72
N GLY D 28 -27.40 7.84 -14.81
CA GLY D 28 -26.70 9.12 -14.81
C GLY D 28 -25.49 9.07 -15.70
N ASP D 29 -24.71 10.16 -15.66
CA ASP D 29 -23.66 10.37 -16.65
C ASP D 29 -22.31 9.78 -16.27
N ASP D 30 -22.02 9.63 -14.97
CA ASP D 30 -20.72 9.13 -14.50
C ASP D 30 -20.95 7.97 -13.54
N LEU D 31 -21.39 6.83 -14.09
CA LEU D 31 -21.78 5.70 -13.27
C LEU D 31 -20.56 5.08 -12.59
N PRO D 32 -20.74 4.54 -11.38
CA PRO D 32 -19.63 3.86 -10.73
C PRO D 32 -19.25 2.62 -11.53
N PRO D 33 -17.98 2.46 -11.87
CA PRO D 33 -17.57 1.21 -12.54
C PRO D 33 -17.58 0.02 -11.61
N ARG D 34 -17.63 0.24 -10.30
CA ARG D 34 -17.74 -0.84 -9.32
C ARG D 34 -18.80 -0.47 -8.29
N VAL D 35 -19.49 -1.48 -7.78
CA VAL D 35 -20.38 -1.32 -6.64
C VAL D 35 -20.18 -2.51 -5.71
N THR D 36 -20.12 -2.23 -4.42
CA THR D 36 -19.98 -3.26 -3.40
C THR D 36 -21.25 -3.32 -2.58
N LEU D 37 -21.68 -4.51 -2.25
CA LEU D 37 -22.80 -4.71 -1.36
C LEU D 37 -22.17 -4.84 0.01
N ARG D 38 -22.42 -3.86 0.86
CA ARG D 38 -21.86 -3.83 2.20
C ARG D 38 -22.89 -4.45 3.13
N ALA D 39 -22.63 -5.65 3.62
CA ALA D 39 -23.65 -6.41 4.34
C ALA D 39 -23.08 -7.13 5.56
N GLU D 40 -23.69 -8.25 5.96
CA GLU D 40 -23.24 -9.00 7.13
C GLU D 40 -23.38 -10.51 6.86
N GLU D 41 -22.42 -11.28 7.38
CA GLU D 41 -22.36 -12.72 7.19
C GLU D 41 -21.67 -13.34 8.39
N ASP D 42 -22.35 -14.31 9.02
CA ASP D 42 -21.96 -14.83 10.35
C ASP D 42 -21.61 -13.69 11.31
N ASN D 43 -22.44 -12.63 11.31
CA ASN D 43 -22.32 -11.51 12.25
C ASN D 43 -20.97 -10.78 12.11
N GLU D 44 -20.64 -10.35 10.89
CA GLU D 44 -19.39 -9.65 10.57
C GLU D 44 -19.54 -8.91 9.24
N GLU D 45 -19.07 -7.67 9.20
CA GLU D 45 -19.24 -6.84 8.00
C GLU D 45 -18.46 -7.38 6.81
N LEU D 46 -19.17 -7.57 5.71
CA LEU D 46 -18.61 -8.16 4.50
C LEU D 46 -18.67 -7.18 3.34
N SER D 47 -17.64 -7.22 2.51
CA SER D 47 -17.64 -6.49 1.25
C SER D 47 -17.95 -7.52 0.17
N LEU D 48 -19.18 -7.52 -0.31
CA LEU D 48 -19.64 -8.48 -1.30
C LEU D 48 -19.64 -7.79 -2.65
N PRO D 49 -19.02 -8.35 -3.67
CA PRO D 49 -18.97 -7.67 -4.98
C PRO D 49 -20.30 -7.77 -5.71
N MET D 50 -20.66 -6.71 -6.40
CA MET D 50 -21.84 -6.72 -7.26
C MET D 50 -21.41 -6.76 -8.71
N HIS D 51 -22.25 -7.38 -9.55
CA HIS D 51 -21.98 -7.38 -10.98
C HIS D 51 -23.11 -6.67 -11.71
N ARG D 52 -22.77 -6.11 -12.86
CA ARG D 52 -23.71 -5.37 -13.68
C ARG D 52 -24.44 -6.32 -14.62
N LEU D 53 -25.76 -6.19 -14.70
CA LEU D 53 -26.57 -7.00 -15.61
C LEU D 53 -26.61 -6.38 -17.00
N ARG D 54 -26.68 -7.25 -18.02
CA ARG D 54 -26.72 -6.76 -19.40
C ARG D 54 -28.06 -6.12 -19.73
N GLN D 55 -29.14 -6.65 -19.16
CA GLN D 55 -30.49 -6.19 -19.45
C GLN D 55 -30.88 -5.00 -18.58
N ALA D 56 -31.23 -3.91 -19.21
CA ALA D 56 -31.77 -2.75 -18.51
C ALA D 56 -33.15 -3.07 -17.97
N PRO D 57 -33.40 -2.93 -16.66
CA PRO D 57 -34.75 -3.16 -16.15
C PRO D 57 -35.73 -2.08 -16.60
N HIS D 58 -35.23 -0.87 -16.86
CA HIS D 58 -36.05 0.23 -17.32
C HIS D 58 -35.18 1.10 -18.20
N PRO D 59 -35.77 1.87 -19.11
CA PRO D 59 -34.96 2.65 -20.04
C PRO D 59 -34.02 3.58 -19.31
N GLY D 60 -32.75 3.57 -19.72
CA GLY D 60 -31.77 4.46 -19.12
C GLY D 60 -31.34 4.11 -17.72
N VAL D 61 -31.63 2.90 -17.24
CA VAL D 61 -31.28 2.48 -15.90
C VAL D 61 -30.42 1.23 -16.00
N VAL D 62 -29.27 1.23 -15.33
CA VAL D 62 -28.45 0.02 -15.26
C VAL D 62 -28.66 -0.61 -13.89
N ALA D 63 -28.66 -1.93 -13.85
CA ALA D 63 -28.91 -2.70 -12.64
C ALA D 63 -27.66 -3.43 -12.22
N TRP D 64 -27.42 -3.45 -10.91
CA TRP D 64 -26.32 -4.16 -10.28
C TRP D 64 -26.90 -5.21 -9.34
N ARG D 65 -26.28 -6.38 -9.32
CA ARG D 65 -26.76 -7.48 -8.49
C ARG D 65 -25.63 -8.07 -7.65
N GLY D 66 -25.94 -8.28 -6.36
CA GLY D 66 -25.09 -9.06 -5.49
C GLY D 66 -25.95 -10.09 -4.79
N GLU D 67 -25.40 -10.77 -3.79
CA GLU D 67 -26.20 -11.75 -3.07
C GLU D 67 -25.58 -11.96 -1.71
N ILE D 68 -26.44 -12.18 -0.72
CA ILE D 68 -26.06 -12.46 0.65
C ILE D 68 -26.35 -13.93 0.91
N ASN D 69 -25.42 -14.63 1.57
CA ASN D 69 -25.64 -16.02 1.97
C ASN D 69 -26.39 -16.07 3.29
N LEU D 70 -27.58 -16.69 3.29
CA LEU D 70 -28.49 -16.70 4.44
C LEU D 70 -28.19 -17.79 5.47
N VAL D 71 -27.15 -18.61 5.25
CA VAL D 71 -26.92 -19.78 6.11
C VAL D 71 -26.44 -19.38 7.50
N ASN D 72 -25.46 -18.48 7.60
CA ASN D 72 -24.76 -18.34 8.87
C ASN D 72 -25.17 -17.15 9.72
N GLY D 73 -25.70 -16.07 9.12
CA GLY D 73 -26.03 -14.86 9.84
C GLY D 73 -27.30 -14.88 10.68
N GLN D 74 -27.42 -13.84 11.50
CA GLN D 74 -28.61 -13.56 12.28
C GLN D 74 -29.76 -13.19 11.34
N PRO D 75 -31.02 -13.35 11.79
CA PRO D 75 -32.17 -13.17 10.87
C PRO D 75 -32.32 -11.78 10.26
N ARG D 76 -31.97 -10.71 10.96
CA ARG D 76 -32.08 -9.37 10.40
C ARG D 76 -30.89 -9.12 9.47
N ARG D 77 -31.17 -9.02 8.17
CA ARG D 77 -30.14 -8.85 7.15
C ARG D 77 -29.98 -7.35 6.85
N ARG D 78 -28.92 -6.74 7.38
CA ARG D 78 -28.64 -5.33 7.13
C ARG D 78 -27.70 -5.18 5.95
N TYR D 79 -27.94 -4.17 5.12
CA TYR D 79 -27.03 -3.94 4.01
C TYR D 79 -27.15 -2.50 3.52
N SER D 80 -26.10 -2.07 2.82
CA SER D 80 -26.14 -0.81 2.10
C SER D 80 -25.23 -0.95 0.90
N PHE D 81 -25.24 0.09 0.05
CA PHE D 81 -24.55 0.04 -1.22
C PHE D 81 -23.40 1.03 -1.21
N LYS D 82 -22.20 0.52 -1.54
CA LYS D 82 -20.96 1.29 -1.59
C LYS D 82 -20.57 1.42 -3.06
N LEU D 83 -20.85 2.60 -3.63
CA LEU D 83 -20.51 2.91 -5.01
C LEU D 83 -19.05 3.36 -5.07
N LEU D 84 -18.29 2.83 -6.02
CA LEU D 84 -16.84 3.03 -6.06
C LEU D 84 -16.41 3.61 -7.38
N TRP D 85 -15.75 4.77 -7.34
CA TRP D 85 -15.01 5.28 -8.48
C TRP D 85 -13.53 5.08 -8.21
N ALA D 86 -12.70 5.42 -9.20
CA ALA D 86 -11.27 5.23 -9.03
C ALA D 86 -10.70 6.05 -7.87
N ASP D 87 -11.35 7.18 -7.54
CA ASP D 87 -10.83 8.11 -6.56
C ASP D 87 -11.78 8.45 -5.42
N ARG D 88 -12.99 7.88 -5.39
CA ARG D 88 -13.97 8.31 -4.41
C ARG D 88 -15.04 7.24 -4.28
N GLN D 89 -15.89 7.42 -3.29
CA GLN D 89 -16.97 6.51 -2.99
C GLN D 89 -18.18 7.32 -2.57
N LEU D 90 -19.35 6.69 -2.70
CA LEU D 90 -20.62 7.26 -2.33
C LEU D 90 -21.47 6.12 -1.81
N TRP D 91 -22.23 6.35 -0.73
CA TRP D 91 -23.05 5.31 -0.14
C TRP D 91 -24.52 5.51 -0.52
N PHE D 92 -25.20 4.42 -0.83
CA PHE D 92 -26.63 4.47 -1.05
C PHE D 92 -27.35 3.70 0.04
N THR D 93 -28.35 4.35 0.68
CA THR D 93 -28.98 3.97 1.94
C THR D 93 -30.50 4.23 1.87
N PRO D 94 -31.29 3.84 2.89
CA PRO D 94 -32.72 4.23 2.91
C PRO D 94 -32.95 5.71 2.88
N GLN D 95 -31.94 6.52 3.18
CA GLN D 95 -32.08 7.97 3.12
C GLN D 95 -31.24 8.58 2.00
N GLU D 96 -31.31 8.00 0.80
CA GLU D 96 -30.65 8.52 -0.39
C GLU D 96 -29.13 8.42 -0.28
N PHE D 97 -28.40 9.31 -0.93
CA PHE D 97 -26.94 9.18 -0.93
C PHE D 97 -26.34 9.74 0.36
N ASN D 98 -25.23 9.12 0.79
CA ASN D 98 -24.47 9.57 1.94
C ASN D 98 -23.02 9.61 1.54
N ARG D 99 -22.33 10.69 1.94
CA ARG D 99 -20.91 10.83 1.63
C ARG D 99 -20.03 10.09 2.61
N PHE D 100 -20.53 9.81 3.81
CA PHE D 100 -19.80 9.02 4.77
C PHE D 100 -20.67 7.84 5.17
N PRO D 101 -20.09 6.79 5.75
CA PRO D 101 -20.82 5.52 5.94
C PRO D 101 -22.08 5.71 6.77
N PRO D 102 -23.17 5.05 6.40
CA PRO D 102 -24.39 5.15 7.21
C PRO D 102 -24.26 4.45 8.55
N ALA D 103 -25.06 4.91 9.51
CA ALA D 103 -25.22 4.20 10.76
C ALA D 103 -25.67 2.76 10.49
N ARG D 104 -25.12 1.82 11.27
CA ARG D 104 -25.48 0.42 11.10
C ARG D 104 -26.99 0.20 11.19
N LEU D 105 -27.64 0.86 12.14
CA LEU D 105 -29.08 0.75 12.33
C LEU D 105 -29.89 1.65 11.40
N GLU D 106 -29.24 2.28 10.41
CA GLU D 106 -29.96 3.02 9.38
C GLU D 106 -29.67 2.46 8.00
N GLN D 107 -29.36 1.17 7.91
CA GLN D 107 -29.22 0.51 6.64
C GLN D 107 -30.56 -0.04 6.15
N PHE D 108 -30.56 -0.53 4.92
CA PHE D 108 -31.64 -1.38 4.49
C PHE D 108 -31.64 -2.63 5.37
N ALA D 109 -32.83 -3.13 5.68
CA ALA D 109 -32.90 -4.32 6.50
C ALA D 109 -34.16 -5.09 6.14
N VAL D 110 -33.99 -6.41 6.02
CA VAL D 110 -35.08 -7.35 5.82
C VAL D 110 -34.92 -8.47 6.83
N ASP D 111 -36.05 -8.96 7.33
CA ASP D 111 -36.05 -10.04 8.30
C ASP D 111 -36.29 -11.34 7.53
N LEU D 112 -35.22 -12.15 7.39
CA LEU D 112 -35.19 -13.41 6.65
C LEU D 112 -34.34 -14.43 7.40
N PRO D 113 -34.95 -15.44 8.03
CA PRO D 113 -36.39 -15.70 8.10
C PRO D 113 -37.12 -14.73 9.01
N ASP D 114 -38.40 -14.48 8.74
CA ASP D 114 -39.20 -13.53 9.52
C ASP D 114 -39.95 -14.30 10.60
N SER D 115 -39.57 -14.05 11.85
CA SER D 115 -40.24 -14.67 12.99
C SER D 115 -41.31 -13.78 13.63
N GLY D 116 -41.57 -12.59 13.08
CA GLY D 116 -42.58 -11.71 13.62
C GLY D 116 -43.98 -12.23 13.34
N PRO D 117 -44.99 -11.59 13.94
CA PRO D 117 -46.38 -12.02 13.75
C PRO D 117 -46.88 -11.65 12.35
N GLN D 118 -46.86 -12.64 11.45
CA GLN D 118 -47.10 -12.39 10.03
C GLN D 118 -48.51 -11.91 9.73
N TRP D 119 -49.46 -12.18 10.61
CA TRP D 119 -50.82 -11.79 10.33
C TRP D 119 -51.07 -10.29 10.55
N VAL D 120 -50.18 -9.58 11.25
CA VAL D 120 -50.49 -8.21 11.64
C VAL D 120 -50.62 -7.32 10.40
N ALA D 121 -49.77 -7.54 9.39
CA ALA D 121 -49.82 -6.71 8.18
C ALA D 121 -51.17 -6.80 7.45
N ASP D 122 -51.92 -7.88 7.63
CA ASP D 122 -53.20 -8.03 6.93
C ASP D 122 -54.38 -7.45 7.70
N GLN D 123 -54.11 -6.71 8.77
CA GLN D 123 -55.16 -6.30 9.67
C GLN D 123 -55.56 -4.84 9.47
N VAL D 124 -56.76 -4.52 9.93
CA VAL D 124 -57.17 -3.16 10.20
C VAL D 124 -57.63 -3.18 11.63
N PHE D 125 -56.92 -2.47 12.50
CA PHE D 125 -57.23 -2.48 13.91
C PHE D 125 -58.25 -1.40 14.25
N TYR D 126 -59.03 -1.68 15.28
CA TYR D 126 -60.03 -0.78 15.82
C TYR D 126 -59.85 -0.76 17.33
N GLN D 127 -59.53 0.41 17.90
CA GLN D 127 -59.28 0.56 19.32
C GLN D 127 -60.55 1.06 20.00
N ILE D 128 -60.99 0.36 21.05
CA ILE D 128 -62.23 0.66 21.75
C ILE D 128 -61.95 1.07 23.19
N PHE D 129 -62.60 2.16 23.63
CA PHE D 129 -62.76 2.53 25.03
C PHE D 129 -64.12 2.02 25.51
N PRO D 130 -64.19 0.87 26.21
CA PRO D 130 -65.45 0.14 26.27
C PRO D 130 -66.62 0.93 26.82
N ASP D 131 -66.37 1.83 27.77
CA ASP D 131 -67.48 2.49 28.45
C ASP D 131 -68.29 3.38 27.52
N ARG D 132 -67.69 3.90 26.44
CA ARG D 132 -68.35 4.87 25.57
C ARG D 132 -68.72 4.32 24.19
N PHE D 133 -68.61 3.03 23.95
CA PHE D 133 -68.86 2.51 22.61
C PHE D 133 -70.28 1.97 22.45
N ALA D 134 -70.64 0.92 23.18
CA ALA D 134 -71.94 0.30 22.97
C ALA D 134 -72.42 -0.38 24.24
N ARG D 135 -73.64 -0.07 24.67
CA ARG D 135 -74.32 -0.82 25.73
C ARG D 135 -74.97 -2.07 25.15
N SER D 136 -74.95 -3.15 25.91
CA SER D 136 -75.59 -4.39 25.47
C SER D 136 -77.12 -4.33 25.60
N PHE D 159 -69.67 7.54 33.70
CA PHE D 159 -69.80 6.23 33.06
C PHE D 159 -71.09 6.13 32.25
N TYR D 160 -70.94 6.02 30.92
CA TYR D 160 -72.07 5.83 30.02
C TYR D 160 -72.66 4.42 30.10
N GLY D 161 -71.89 3.43 30.55
CA GLY D 161 -72.40 2.10 30.74
C GLY D 161 -72.19 1.12 29.62
N GLY D 162 -71.32 1.42 28.66
CA GLY D 162 -70.99 0.44 27.63
C GLY D 162 -70.19 -0.72 28.19
N ASP D 163 -70.29 -1.86 27.53
CA ASP D 163 -69.65 -3.07 28.04
C ASP D 163 -69.22 -3.94 26.86
N LEU D 164 -68.61 -5.09 27.18
CA LEU D 164 -68.08 -5.96 26.14
C LEU D 164 -69.17 -6.63 25.32
N ASP D 165 -70.33 -6.91 25.92
CA ASP D 165 -71.43 -7.49 25.15
C ASP D 165 -72.02 -6.51 24.15
N GLY D 166 -71.95 -5.21 24.43
CA GLY D 166 -72.26 -4.24 23.41
C GLY D 166 -71.32 -4.36 22.23
N ILE D 167 -70.03 -4.58 22.51
CA ILE D 167 -69.05 -4.75 21.43
C ILE D 167 -69.39 -5.97 20.59
N SER D 168 -69.74 -7.09 21.24
CA SER D 168 -70.14 -8.28 20.49
C SER D 168 -71.33 -7.99 19.58
N GLU D 169 -72.33 -7.26 20.09
CA GLU D 169 -73.49 -6.93 19.27
C GLU D 169 -73.11 -6.07 18.08
N LYS D 170 -72.02 -5.30 18.19
CA LYS D 170 -71.60 -4.39 17.14
C LYS D 170 -70.55 -4.99 16.21
N LEU D 171 -70.24 -6.27 16.35
CA LEU D 171 -69.32 -6.91 15.42
C LEU D 171 -69.77 -6.83 13.97
N PRO D 172 -71.07 -6.91 13.63
CA PRO D 172 -71.45 -6.66 12.22
C PRO D 172 -71.05 -5.28 11.72
N TYR D 173 -71.26 -4.23 12.52
CA TYR D 173 -70.88 -2.88 12.12
C TYR D 173 -69.40 -2.78 11.82
N LEU D 174 -68.56 -3.35 12.69
CA LEU D 174 -67.12 -3.27 12.50
C LEU D 174 -66.67 -4.08 11.30
N LYS D 175 -67.32 -5.23 11.06
CA LYS D 175 -67.04 -6.00 9.85
C LYS D 175 -67.37 -5.19 8.61
N GLN D 176 -68.52 -4.48 8.61
CA GLN D 176 -68.87 -3.63 7.48
C GLN D 176 -67.87 -2.50 7.30
N LEU D 177 -67.26 -2.05 8.39
CA LEU D 177 -66.26 -0.99 8.34
C LEU D 177 -64.95 -1.47 7.71
N GLY D 178 -64.66 -2.77 7.77
CA GLY D 178 -63.40 -3.30 7.35
C GLY D 178 -62.52 -3.74 8.49
N VAL D 179 -63.02 -3.65 9.72
CA VAL D 179 -62.27 -4.04 10.91
C VAL D 179 -62.01 -5.53 10.88
N THR D 180 -60.79 -5.94 11.21
CA THR D 180 -60.44 -7.34 11.33
C THR D 180 -59.76 -7.65 12.66
N ALA D 181 -59.54 -6.65 13.50
CA ALA D 181 -58.85 -6.86 14.76
C ALA D 181 -59.30 -5.77 15.74
N LEU D 182 -59.51 -6.16 16.99
CA LEU D 182 -59.91 -5.24 18.04
C LEU D 182 -58.80 -5.09 19.05
N TYR D 183 -58.65 -3.85 19.54
CA TYR D 183 -57.70 -3.49 20.58
C TYR D 183 -58.51 -2.83 21.69
N LEU D 184 -58.66 -3.54 22.82
CA LEU D 184 -59.49 -3.09 23.94
C LEU D 184 -58.62 -2.35 24.97
N ASN D 185 -59.01 -1.12 25.29
CA ASN D 185 -58.22 -0.33 26.24
C ASN D 185 -59.10 0.67 26.96
N PRO D 186 -59.35 0.50 28.28
CA PRO D 186 -58.86 -0.54 29.19
C PRO D 186 -59.75 -1.79 29.26
N VAL D 187 -59.35 -2.78 30.06
CA VAL D 187 -60.09 -4.04 30.16
C VAL D 187 -60.13 -4.49 31.61
N PHE D 188 -58.98 -4.45 32.27
CA PHE D 188 -58.76 -5.01 33.58
C PHE D 188 -59.00 -3.95 34.66
N VAL D 189 -59.25 -4.44 35.87
CA VAL D 189 -59.29 -3.58 37.05
C VAL D 189 -57.85 -3.32 37.49
N ALA D 190 -57.46 -2.06 37.54
CA ALA D 190 -56.22 -1.63 38.19
C ALA D 190 -56.25 -0.12 38.33
N ARG D 202 -54.90 -10.83 36.37
CA ARG D 202 -55.83 -9.98 37.09
C ARG D 202 -57.27 -10.33 36.70
N ARG D 203 -58.17 -9.34 36.73
CA ARG D 203 -59.58 -9.58 36.48
C ARG D 203 -60.17 -8.50 35.59
N VAL D 204 -61.04 -8.94 34.67
CA VAL D 204 -61.79 -8.01 33.85
C VAL D 204 -62.68 -7.15 34.71
N ASP D 205 -62.74 -5.86 34.38
CA ASP D 205 -63.54 -4.91 35.13
C ASP D 205 -65.00 -5.37 35.17
N PRO D 206 -65.61 -5.46 36.36
CA PRO D 206 -67.02 -5.89 36.44
C PRO D 206 -67.97 -4.95 35.74
N GLN D 207 -67.61 -3.67 35.65
CA GLN D 207 -68.45 -2.70 34.97
C GLN D 207 -68.53 -2.92 33.47
N PHE D 208 -67.62 -3.72 32.88
CA PHE D 208 -67.64 -4.06 31.46
C PHE D 208 -68.29 -5.41 31.17
N GLY D 209 -68.82 -6.09 32.18
CA GLY D 209 -69.35 -7.43 32.04
C GLY D 209 -68.48 -8.51 32.66
N GLY D 210 -67.29 -8.18 33.16
CA GLY D 210 -66.45 -9.16 33.82
C GLY D 210 -65.81 -10.16 32.86
N ASP D 211 -65.17 -11.15 33.49
CA ASP D 211 -64.48 -12.21 32.73
C ASP D 211 -65.42 -12.95 31.81
N ALA D 212 -66.68 -13.09 32.21
CA ALA D 212 -67.61 -13.87 31.40
C ALA D 212 -67.88 -13.16 30.08
N ALA D 213 -68.00 -11.83 30.10
CA ALA D 213 -68.25 -11.08 28.88
C ALA D 213 -67.04 -11.10 27.96
N LEU D 214 -65.84 -11.10 28.52
CA LEU D 214 -64.64 -11.19 27.68
C LEU D 214 -64.57 -12.56 27.00
N LEU D 215 -64.88 -13.64 27.71
CA LEU D 215 -64.94 -14.96 27.07
C LEU D 215 -65.94 -14.95 25.92
N ARG D 216 -67.09 -14.29 26.12
CA ARG D 216 -68.06 -14.18 25.03
C ARG D 216 -67.52 -13.36 23.86
N LEU D 217 -66.77 -12.29 24.14
CA LEU D 217 -66.22 -11.46 23.08
C LEU D 217 -65.14 -12.21 22.28
N ARG D 218 -64.31 -12.99 22.97
CA ARG D 218 -63.32 -13.82 22.27
C ARG D 218 -64.01 -14.81 21.35
N HIS D 219 -65.01 -15.52 21.88
CA HIS D 219 -65.73 -16.50 21.07
C HIS D 219 -66.36 -15.84 19.86
N ASN D 220 -66.97 -14.67 20.04
CA ASN D 220 -67.66 -14.03 18.94
C ASN D 220 -66.68 -13.46 17.91
N THR D 221 -65.52 -12.96 18.35
CA THR D 221 -64.55 -12.48 17.37
C THR D 221 -63.89 -13.64 16.63
N GLN D 222 -63.61 -14.75 17.32
CA GLN D 222 -63.10 -15.94 16.62
C GLN D 222 -64.08 -16.40 15.55
N LYS D 223 -65.37 -16.47 15.89
CA LYS D 223 -66.38 -16.85 14.91
C LYS D 223 -66.44 -15.87 13.74
N GLU D 224 -66.12 -14.59 13.96
CA GLU D 224 -66.08 -13.58 12.90
C GLU D 224 -64.72 -13.43 12.24
N GLY D 225 -63.73 -14.22 12.63
CA GLY D 225 -62.40 -14.05 12.07
C GLY D 225 -61.66 -12.79 12.46
N MET D 226 -62.02 -12.16 13.57
CA MET D 226 -61.34 -10.95 14.03
C MET D 226 -60.33 -11.26 15.13
N ARG D 227 -59.21 -10.55 15.10
CA ARG D 227 -58.22 -10.66 16.16
C ARG D 227 -58.61 -9.79 17.36
N LEU D 228 -58.04 -10.11 18.52
CA LEU D 228 -58.40 -9.42 19.74
C LEU D 228 -57.15 -9.20 20.56
N ILE D 229 -56.88 -7.92 20.89
CA ILE D 229 -55.68 -7.48 21.59
C ILE D 229 -56.10 -6.71 22.85
N LEU D 230 -55.48 -7.04 23.97
CA LEU D 230 -55.84 -6.45 25.25
C LEU D 230 -54.75 -5.52 25.75
N ASP D 231 -55.16 -4.49 26.49
CA ASP D 231 -54.18 -3.68 27.22
C ASP D 231 -53.81 -4.38 28.52
N GLY D 232 -52.53 -4.37 28.84
CA GLY D 232 -52.04 -5.03 30.05
C GLY D 232 -51.49 -4.13 31.15
N SER D 257 -46.40 -15.49 32.81
CA SER D 257 -47.31 -15.80 33.91
C SER D 257 -48.66 -15.14 33.66
N VAL D 258 -48.80 -13.89 34.10
CA VAL D 258 -49.99 -13.11 33.75
C VAL D 258 -50.04 -12.88 32.24
N VAL D 259 -48.89 -12.62 31.64
CA VAL D 259 -48.83 -12.45 30.19
C VAL D 259 -49.24 -13.73 29.48
N ARG D 260 -48.69 -14.87 29.94
CA ARG D 260 -49.00 -16.16 29.33
C ARG D 260 -50.43 -16.61 29.61
N HIS D 261 -50.97 -16.26 30.78
CA HIS D 261 -52.29 -16.77 31.17
C HIS D 261 -53.37 -16.37 30.18
N TRP D 262 -53.36 -15.11 29.72
CA TRP D 262 -54.41 -14.59 28.84
C TRP D 262 -54.18 -14.93 27.37
N LEU D 263 -52.99 -15.42 27.03
CA LEU D 263 -52.71 -15.98 25.70
C LEU D 263 -53.01 -17.47 25.63
N LYS D 264 -53.18 -18.15 26.76
CA LYS D 264 -53.64 -19.53 26.75
C LYS D 264 -55.13 -19.62 26.38
N ALA D 265 -55.51 -20.81 25.92
CA ALA D 265 -56.93 -21.12 25.95
C ALA D 265 -57.36 -21.18 27.42
N PRO D 266 -58.61 -20.85 27.73
CA PRO D 266 -59.69 -20.51 26.79
C PRO D 266 -59.66 -19.05 26.40
N TRP D 267 -58.70 -18.29 26.92
CA TRP D 267 -58.68 -16.86 26.63
C TRP D 267 -58.10 -16.60 25.24
N SER D 268 -56.96 -17.22 24.94
CA SER D 268 -56.36 -17.22 23.60
C SER D 268 -56.44 -15.86 22.93
N MET D 269 -56.05 -14.84 23.68
CA MET D 269 -55.92 -13.50 23.12
C MET D 269 -54.76 -13.50 22.13
N ASP D 270 -54.83 -12.57 21.18
CA ASP D 270 -53.86 -12.52 20.10
C ASP D 270 -52.61 -11.70 20.44
N GLY D 271 -52.61 -10.95 21.55
CA GLY D 271 -51.41 -10.23 21.93
C GLY D 271 -51.70 -9.20 23.00
N TRP D 272 -50.66 -8.42 23.32
CA TRP D 272 -50.66 -7.48 24.42
C TRP D 272 -50.18 -6.12 23.94
N ARG D 273 -50.72 -5.06 24.54
CA ARG D 273 -50.10 -3.75 24.49
C ARG D 273 -49.43 -3.50 25.83
N LEU D 274 -48.11 -3.31 25.82
CA LEU D 274 -47.33 -3.02 27.02
C LEU D 274 -47.15 -1.52 27.25
N ARG D 291 -34.43 -4.69 28.18
CA ARG D 291 -33.77 -5.75 28.94
C ARG D 291 -34.77 -6.83 29.31
N HIS D 292 -35.29 -6.74 30.54
CA HIS D 292 -36.37 -7.62 30.97
C HIS D 292 -37.72 -7.30 30.31
N ILE D 293 -37.82 -6.17 29.60
CA ILE D 293 -38.96 -5.96 28.70
C ILE D 293 -39.03 -7.10 27.70
N ALA D 294 -37.88 -7.56 27.21
CA ALA D 294 -37.85 -8.72 26.32
C ALA D 294 -38.39 -9.97 27.02
N GLY D 295 -38.24 -10.07 28.35
CA GLY D 295 -38.75 -11.23 29.05
C GLY D 295 -40.23 -11.44 28.87
N ILE D 296 -41.02 -10.36 28.95
CA ILE D 296 -42.46 -10.48 28.70
C ILE D 296 -42.71 -10.94 27.27
N THR D 297 -42.03 -10.30 26.31
CA THR D 297 -42.20 -10.69 24.92
C THR D 297 -41.77 -12.14 24.70
N GLN D 298 -40.63 -12.54 25.26
CA GLN D 298 -40.18 -13.93 25.09
C GLN D 298 -41.14 -14.92 25.76
N ALA D 299 -41.67 -14.56 26.92
CA ALA D 299 -42.67 -15.42 27.55
C ALA D 299 -43.93 -15.50 26.70
N ALA D 300 -44.38 -14.37 26.13
CA ALA D 300 -45.55 -14.39 25.27
C ALA D 300 -45.33 -15.27 24.04
N LYS D 301 -44.12 -15.25 23.47
CA LYS D 301 -43.88 -16.06 22.27
C LYS D 301 -43.90 -17.55 22.61
N LEU D 302 -43.44 -17.92 23.81
CA LEU D 302 -43.48 -19.33 24.21
C LEU D 302 -44.91 -19.83 24.25
N GLU D 303 -45.81 -19.07 24.86
CA GLU D 303 -47.20 -19.49 24.95
C GLU D 303 -47.90 -19.50 23.59
N ARG D 304 -47.66 -18.49 22.76
CA ARG D 304 -48.34 -18.34 21.48
C ARG D 304 -47.37 -17.72 20.48
N PRO D 305 -46.82 -18.52 19.56
CA PRO D 305 -45.71 -18.03 18.72
C PRO D 305 -46.07 -16.83 17.86
N ASP D 306 -47.32 -16.69 17.45
CA ASP D 306 -47.73 -15.52 16.66
C ASP D 306 -48.43 -14.48 17.54
N ALA D 307 -48.06 -14.39 18.81
CA ALA D 307 -48.55 -13.32 19.65
C ALA D 307 -47.97 -11.99 19.16
N PHE D 308 -48.80 -10.95 19.18
CA PHE D 308 -48.41 -9.60 18.80
C PHE D 308 -48.15 -8.79 20.08
N VAL D 309 -46.89 -8.44 20.33
CA VAL D 309 -46.52 -7.66 21.51
C VAL D 309 -46.00 -6.30 21.05
N PHE D 310 -46.73 -5.24 21.40
CA PHE D 310 -46.35 -3.90 20.97
C PHE D 310 -46.47 -2.90 22.12
N GLY D 311 -45.75 -1.80 21.99
CA GLY D 311 -45.68 -0.80 23.04
C GLY D 311 -46.29 0.53 22.60
N GLU D 312 -46.83 1.25 23.57
CA GLU D 312 -47.35 2.60 23.36
C GLU D 312 -46.21 3.55 23.71
N HIS D 313 -45.50 4.02 22.70
CA HIS D 313 -44.39 4.97 22.86
C HIS D 313 -44.80 6.31 22.26
N PHE D 314 -44.82 7.35 23.08
CA PHE D 314 -45.00 8.69 22.54
C PHE D 314 -43.71 9.27 21.96
N GLY D 315 -42.56 8.81 22.39
CA GLY D 315 -41.32 9.30 21.89
C GLY D 315 -40.72 8.36 20.87
N ASP D 316 -39.39 8.37 20.80
CA ASP D 316 -38.66 7.58 19.83
C ASP D 316 -38.55 6.15 20.34
N ALA D 317 -39.31 5.24 19.74
CA ALA D 317 -39.30 3.85 20.15
C ALA D 317 -38.17 3.03 19.53
N ARG D 318 -37.32 3.62 18.69
CA ARG D 318 -36.44 2.84 17.82
C ARG D 318 -35.45 1.99 18.61
N GLN D 319 -34.93 2.49 19.73
CA GLN D 319 -33.98 1.68 20.49
C GLN D 319 -34.63 0.38 20.93
N TRP D 320 -35.92 0.43 21.27
CA TRP D 320 -36.65 -0.76 21.67
C TRP D 320 -36.88 -1.68 20.48
N LEU D 321 -37.19 -1.11 19.31
CA LEU D 321 -37.48 -1.92 18.14
C LEU D 321 -36.22 -2.54 17.55
N GLN D 322 -35.10 -1.83 17.59
CA GLN D 322 -33.85 -2.29 17.00
C GLN D 322 -33.18 -3.37 17.83
N ALA D 323 -33.66 -3.59 19.05
CA ALA D 323 -33.22 -4.69 19.89
C ALA D 323 -34.25 -5.81 19.94
N ASP D 324 -35.36 -5.66 19.20
CA ASP D 324 -36.38 -6.70 19.02
C ASP D 324 -37.08 -7.08 20.31
N VAL D 325 -37.16 -6.18 21.30
CA VAL D 325 -37.89 -6.52 22.51
C VAL D 325 -39.41 -6.34 22.34
N GLU D 326 -39.86 -5.61 21.32
CA GLU D 326 -41.27 -5.54 20.97
C GLU D 326 -41.39 -5.79 19.47
N ASP D 327 -42.57 -6.24 19.05
CA ASP D 327 -42.82 -6.45 17.62
C ASP D 327 -43.07 -5.15 16.87
N SER D 328 -43.64 -4.16 17.56
CA SER D 328 -44.08 -2.95 16.91
C SER D 328 -44.36 -1.94 17.99
N ALA D 329 -44.65 -0.73 17.56
CA ALA D 329 -45.02 0.32 18.49
C ALA D 329 -46.10 1.17 17.85
N MET D 330 -46.93 1.76 18.70
CA MET D 330 -47.84 2.80 18.25
C MET D 330 -47.00 3.95 17.69
N ASN D 331 -47.14 4.21 16.39
CA ASN D 331 -46.14 4.95 15.63
C ASN D 331 -46.40 6.46 15.74
N TYR D 332 -46.31 6.99 16.96
CA TYR D 332 -46.54 8.42 17.15
C TYR D 332 -45.43 9.24 16.51
N ARG D 333 -44.17 8.86 16.78
CA ARG D 333 -43.03 9.62 16.26
C ARG D 333 -42.92 9.47 14.75
N GLY D 334 -43.29 8.31 14.20
CA GLY D 334 -43.09 8.02 12.80
C GLY D 334 -44.25 8.31 11.87
N PHE D 335 -45.44 8.49 12.43
CA PHE D 335 -46.59 8.76 11.59
C PHE D 335 -47.50 9.84 12.19
N THR D 336 -47.95 9.65 13.43
CA THR D 336 -48.98 10.51 13.99
C THR D 336 -48.50 11.95 14.08
N PHE D 337 -47.37 12.18 14.76
CA PHE D 337 -46.96 13.56 14.97
C PHE D 337 -46.48 14.26 13.71
N PRO D 338 -45.82 13.58 12.76
CA PRO D 338 -45.60 14.25 11.46
C PRO D 338 -46.89 14.75 10.81
N LEU D 339 -47.97 13.97 10.87
CA LEU D 339 -49.23 14.43 10.27
C LEU D 339 -49.84 15.58 11.08
N TRP D 340 -49.80 15.50 12.41
CA TRP D 340 -50.23 16.67 13.19
C TRP D 340 -49.46 17.90 12.79
N GLY D 341 -48.15 17.76 12.57
CA GLY D 341 -47.36 18.90 12.16
C GLY D 341 -47.75 19.38 10.78
N PHE D 342 -47.80 18.46 9.82
CA PHE D 342 -48.05 18.82 8.43
C PHE D 342 -49.52 19.18 8.18
N LEU D 343 -50.46 18.47 8.80
CA LEU D 343 -51.87 18.74 8.53
C LEU D 343 -52.52 19.69 9.52
N ALA D 344 -52.09 19.68 10.79
CA ALA D 344 -52.79 20.43 11.84
C ALA D 344 -51.93 21.46 12.55
N ASN D 345 -50.68 21.67 12.13
CA ASN D 345 -49.82 22.72 12.69
C ASN D 345 -49.57 22.55 14.18
N THR D 346 -49.59 21.33 14.72
CA THR D 346 -49.47 21.19 16.16
C THR D 346 -48.70 19.90 16.50
N ASP D 347 -48.52 19.67 17.81
CA ASP D 347 -47.74 18.53 18.29
C ASP D 347 -48.34 18.05 19.62
N ILE D 348 -47.65 17.11 20.28
CA ILE D 348 -48.17 16.50 21.50
C ILE D 348 -48.30 17.52 22.63
N SER D 349 -47.44 18.53 22.65
CA SER D 349 -47.52 19.60 23.65
C SER D 349 -48.50 20.68 23.24
N TYR D 350 -49.15 20.53 22.10
CA TYR D 350 -50.01 21.54 21.50
C TYR D 350 -49.22 22.84 21.25
N ASP D 351 -47.90 22.70 21.03
CA ASP D 351 -47.02 23.73 20.51
C ASP D 351 -47.19 23.87 19.01
N PRO D 352 -47.01 25.09 18.48
CA PRO D 352 -47.24 25.31 17.04
C PRO D 352 -46.18 24.66 16.17
N GLN D 353 -46.63 24.22 14.99
CA GLN D 353 -45.78 23.61 13.99
C GLN D 353 -46.02 24.26 12.65
N LYS D 354 -44.95 24.59 11.95
CA LYS D 354 -45.04 25.07 10.57
C LYS D 354 -44.11 24.16 9.77
N ILE D 355 -44.66 23.05 9.27
CA ILE D 355 -43.89 21.97 8.65
C ILE D 355 -44.41 21.77 7.23
N ASP D 356 -43.53 21.92 6.25
CA ASP D 356 -43.91 21.70 4.86
C ASP D 356 -43.67 20.23 4.48
N ALA D 357 -43.97 19.91 3.22
CA ALA D 357 -43.91 18.52 2.77
C ALA D 357 -42.49 17.95 2.85
N GLN D 358 -41.49 18.72 2.41
CA GLN D 358 -40.13 18.24 2.46
C GLN D 358 -39.72 17.86 3.89
N THR D 359 -40.09 18.69 4.86
CA THR D 359 -39.73 18.37 6.24
C THR D 359 -40.55 17.19 6.76
N CYS D 360 -41.84 17.13 6.43
CA CYS D 360 -42.66 16.00 6.91
C CYS D 360 -42.10 14.65 6.41
N MET D 361 -41.70 14.58 5.14
CA MET D 361 -41.23 13.30 4.58
C MET D 361 -39.82 12.94 5.01
N ALA D 362 -38.94 13.92 5.18
CA ALA D 362 -37.63 13.64 5.79
C ALA D 362 -37.79 13.06 7.19
N TRP D 363 -38.70 13.66 7.97
CA TRP D 363 -39.01 13.17 9.31
C TRP D 363 -39.48 11.73 9.27
N MET D 364 -40.50 11.43 8.45
CA MET D 364 -41.06 10.07 8.39
C MET D 364 -40.08 9.08 7.78
N ASP D 365 -39.32 9.49 6.77
CA ASP D 365 -38.34 8.56 6.20
C ASP D 365 -37.17 8.33 7.13
N ASN D 366 -36.77 9.36 7.88
CA ASN D 366 -35.69 9.18 8.84
C ASN D 366 -36.09 8.16 9.90
N TYR D 367 -37.35 8.19 10.32
CA TYR D 367 -37.78 7.25 11.34
C TYR D 367 -37.80 5.81 10.82
N ARG D 368 -38.40 5.61 9.61
CA ARG D 368 -38.51 4.28 8.99
C ARG D 368 -37.16 3.62 8.78
N ALA D 369 -36.13 4.41 8.46
CA ALA D 369 -34.83 3.87 8.09
C ALA D 369 -34.22 3.04 9.21
N GLY D 370 -34.65 3.25 10.45
CA GLY D 370 -34.20 2.48 11.58
C GLY D 370 -34.94 1.19 11.80
N LEU D 371 -35.78 0.82 10.85
CA LEU D 371 -36.67 -0.33 10.98
C LEU D 371 -36.49 -1.22 9.77
N SER D 372 -36.50 -2.53 9.98
CA SER D 372 -36.52 -3.45 8.86
C SER D 372 -37.86 -3.34 8.17
N HIS D 373 -37.89 -3.76 6.90
CA HIS D 373 -39.14 -3.70 6.15
C HIS D 373 -40.27 -4.46 6.87
N GLN D 374 -39.97 -5.63 7.43
CA GLN D 374 -41.01 -6.40 8.13
C GLN D 374 -41.53 -5.64 9.35
N GLN D 375 -40.63 -4.95 10.06
CA GLN D 375 -41.03 -4.09 11.17
C GLN D 375 -41.92 -2.94 10.71
N GLN D 376 -41.53 -2.27 9.62
CA GLN D 376 -42.33 -1.17 9.09
C GLN D 376 -43.76 -1.60 8.78
N LEU D 377 -43.94 -2.80 8.23
CA LEU D 377 -45.27 -3.28 7.88
C LEU D 377 -46.13 -3.54 9.11
N ARG D 378 -45.54 -3.63 10.30
CA ARG D 378 -46.26 -3.89 11.55
C ARG D 378 -46.49 -2.65 12.40
N MET D 379 -45.89 -1.51 12.06
CA MET D 379 -46.02 -0.32 12.89
C MET D 379 -47.47 0.07 13.01
N PHE D 380 -47.88 0.44 14.22
CA PHE D 380 -49.27 0.74 14.55
C PHE D 380 -49.49 2.21 14.20
N ASN D 381 -50.16 2.47 13.08
CA ASN D 381 -50.39 3.84 12.64
C ASN D 381 -51.75 4.34 13.08
N GLN D 382 -51.80 5.59 13.55
CA GLN D 382 -53.06 6.14 14.05
C GLN D 382 -53.00 7.66 13.97
N LEU D 383 -54.19 8.26 13.79
CA LEU D 383 -54.37 9.70 13.81
C LEU D 383 -54.60 10.24 15.22
N ASP D 384 -55.08 9.41 16.13
CA ASP D 384 -55.32 9.81 17.52
C ASP D 384 -55.58 8.52 18.30
N SER D 385 -55.75 8.67 19.61
CA SER D 385 -55.96 7.53 20.50
C SER D 385 -56.51 8.08 21.80
N HIS D 386 -56.70 7.17 22.77
N HIS D 386 -56.70 7.18 22.78
CA HIS D 386 -57.28 7.56 24.05
CA HIS D 386 -57.29 7.59 24.05
C HIS D 386 -56.41 8.56 24.79
C HIS D 386 -56.41 8.59 24.79
N ALA D 387 -55.12 8.58 24.49
CA ALA D 387 -54.17 9.46 25.15
C ALA D 387 -54.03 10.82 24.48
N THR D 388 -54.74 11.06 23.38
CA THR D 388 -54.63 12.31 22.63
C THR D 388 -56.02 12.91 22.47
N ALA D 389 -56.05 14.17 22.04
CA ALA D 389 -57.27 14.77 21.54
C ALA D 389 -57.68 14.13 20.21
N ARG D 390 -58.94 14.31 19.85
CA ARG D 390 -59.40 13.85 18.54
C ARG D 390 -58.75 14.67 17.44
N PHE D 391 -58.27 13.98 16.40
CA PHE D 391 -57.59 14.66 15.30
C PHE D 391 -58.52 15.63 14.60
N LYS D 392 -59.81 15.27 14.50
CA LYS D 392 -60.79 16.15 13.89
C LYS D 392 -60.82 17.49 14.61
N SER D 393 -60.78 17.48 15.96
CA SER D 393 -60.77 18.73 16.72
C SER D 393 -59.45 19.48 16.56
N LEU D 394 -58.33 18.75 16.53
CA LEU D 394 -57.02 19.36 16.35
C LEU D 394 -56.92 20.10 15.02
N LEU D 395 -57.64 19.63 14.01
CA LEU D 395 -57.63 20.32 12.72
C LEU D 395 -58.28 21.70 12.84
N GLY D 396 -59.16 21.88 13.81
CA GLY D 396 -59.75 23.20 14.03
C GLY D 396 -60.47 23.70 12.80
N LYS D 397 -60.06 24.89 12.34
CA LYS D 397 -60.64 25.50 11.15
C LYS D 397 -60.30 24.75 9.87
N ASP D 398 -59.26 23.91 9.89
CA ASP D 398 -58.84 23.18 8.68
C ASP D 398 -59.39 21.76 8.67
N VAL D 399 -60.61 21.56 9.16
CA VAL D 399 -61.18 20.22 9.23
C VAL D 399 -61.41 19.62 7.85
N ALA D 400 -61.39 20.43 6.79
CA ALA D 400 -61.50 19.84 5.46
C ALA D 400 -60.31 18.95 5.11
N ARG D 401 -59.20 19.07 5.85
CA ARG D 401 -58.06 18.20 5.64
C ARG D 401 -58.23 16.79 6.21
N LEU D 402 -59.30 16.53 6.97
CA LEU D 402 -59.44 15.22 7.61
C LEU D 402 -59.43 14.03 6.64
N PRO D 403 -60.10 14.05 5.48
CA PRO D 403 -60.01 12.90 4.57
C PRO D 403 -58.62 12.62 4.02
N LEU D 404 -57.78 13.65 3.86
CA LEU D 404 -56.39 13.46 3.47
C LEU D 404 -55.66 12.55 4.45
N ALA D 405 -55.94 12.74 5.75
CA ALA D 405 -55.29 11.93 6.75
C ALA D 405 -55.80 10.50 6.75
N VAL D 406 -57.06 10.29 6.36
CA VAL D 406 -57.62 8.94 6.30
C VAL D 406 -57.03 8.14 5.16
N VAL D 407 -56.88 8.75 3.97
CA VAL D 407 -56.18 8.07 2.87
C VAL D 407 -54.77 7.70 3.29
N TRP D 408 -54.07 8.66 3.91
CA TRP D 408 -52.69 8.48 4.30
C TRP D 408 -52.56 7.39 5.35
N LEU D 409 -53.46 7.40 6.34
CA LEU D 409 -53.51 6.37 7.36
C LEU D 409 -53.52 4.97 6.77
N PHE D 410 -54.20 4.77 5.64
CA PHE D 410 -54.35 3.45 5.06
C PHE D 410 -53.29 3.11 4.01
N SER D 411 -52.50 4.08 3.54
CA SER D 411 -51.58 3.80 2.44
C SER D 411 -50.10 3.89 2.82
N TRP D 412 -49.77 4.45 3.99
CA TRP D 412 -48.42 4.48 4.51
C TRP D 412 -48.05 3.10 5.07
N PRO D 413 -46.77 2.72 5.00
CA PRO D 413 -46.37 1.42 5.58
C PRO D 413 -46.80 1.32 7.03
N GLY D 414 -47.37 0.18 7.39
CA GLY D 414 -47.87 -0.09 8.72
C GLY D 414 -49.34 -0.47 8.69
N VAL D 415 -49.87 -0.77 9.87
CA VAL D 415 -51.24 -1.24 10.00
C VAL D 415 -52.09 -0.11 10.54
N PRO D 416 -53.18 0.26 9.87
CA PRO D 416 -54.02 1.34 10.39
C PRO D 416 -54.74 0.87 11.65
N CYS D 417 -54.83 1.79 12.61
CA CYS D 417 -55.63 1.61 13.81
C CYS D 417 -56.60 2.78 13.90
N ILE D 418 -57.91 2.48 13.81
CA ILE D 418 -58.96 3.47 13.91
C ILE D 418 -59.35 3.63 15.37
N TYR D 419 -59.34 4.86 15.86
CA TYR D 419 -59.84 5.11 17.20
C TYR D 419 -61.36 5.18 17.13
N TYR D 420 -62.03 4.40 17.99
CA TYR D 420 -63.49 4.25 17.88
C TYR D 420 -64.14 5.61 17.72
N GLY D 421 -65.02 5.73 16.72
CA GLY D 421 -65.72 6.97 16.46
C GLY D 421 -65.10 7.89 15.43
N ASP D 422 -63.82 7.73 15.09
CA ASP D 422 -63.24 8.57 14.05
C ASP D 422 -64.00 8.39 12.73
N GLU D 423 -64.47 7.17 12.44
CA GLU D 423 -65.11 6.90 11.15
C GLU D 423 -66.45 7.62 10.98
N VAL D 424 -67.07 8.11 12.06
CA VAL D 424 -68.32 8.87 11.96
C VAL D 424 -68.16 10.31 12.43
N GLY D 425 -66.93 10.76 12.68
CA GLY D 425 -66.69 12.18 12.91
C GLY D 425 -66.83 12.67 14.34
N VAL D 426 -66.72 11.81 15.35
CA VAL D 426 -66.65 12.27 16.73
C VAL D 426 -65.47 13.24 16.91
N ASP D 427 -65.66 14.27 17.72
CA ASP D 427 -64.62 15.28 17.92
C ASP D 427 -64.31 15.63 19.39
N LYS D 436 -66.92 10.89 25.40
CA LYS D 436 -68.14 11.18 24.64
C LYS D 436 -68.67 9.92 23.95
N PRO D 437 -69.94 9.57 24.19
CA PRO D 437 -70.47 8.30 23.66
C PRO D 437 -70.55 8.27 22.14
N PHE D 438 -70.40 7.07 21.60
CA PHE D 438 -70.48 6.84 20.17
C PHE D 438 -71.87 7.19 19.66
N PRO D 439 -72.00 7.98 18.58
CA PRO D 439 -73.32 8.30 18.02
C PRO D 439 -73.83 7.20 17.09
N TRP D 440 -74.72 6.33 17.57
CA TRP D 440 -75.24 5.24 16.75
C TRP D 440 -76.38 5.64 15.83
N ASP D 441 -76.99 6.80 16.06
CA ASP D 441 -78.00 7.36 15.17
C ASP D 441 -77.34 7.91 13.90
N PRO D 442 -77.69 7.40 12.71
CA PRO D 442 -77.03 7.86 11.47
C PRO D 442 -77.21 9.34 11.16
N ALA D 443 -78.14 10.02 11.84
CA ALA D 443 -78.32 11.45 11.63
C ALA D 443 -77.26 12.28 12.36
N LEU D 444 -76.61 11.69 13.35
CA LEU D 444 -75.52 12.31 14.09
C LEU D 444 -74.16 11.80 13.61
N GLN D 445 -74.11 11.06 12.50
CA GLN D 445 -72.88 10.55 11.90
C GLN D 445 -72.53 11.31 10.63
N ASP D 446 -71.22 11.50 10.41
CA ASP D 446 -70.71 11.95 9.12
C ASP D 446 -70.64 10.73 8.21
N GLY D 447 -71.68 10.56 7.39
CA GLY D 447 -71.74 9.40 6.52
C GLY D 447 -70.69 9.41 5.42
N ASP D 448 -70.31 10.60 4.96
CA ASP D 448 -69.29 10.69 3.91
C ASP D 448 -67.93 10.26 4.42
N LEU D 449 -67.59 10.63 5.65
CA LEU D 449 -66.35 10.17 6.23
C LEU D 449 -66.37 8.65 6.42
N LEU D 450 -67.52 8.11 6.85
CA LEU D 450 -67.63 6.66 7.06
C LEU D 450 -67.48 5.91 5.74
N ASP D 451 -68.04 6.45 4.65
CA ASP D 451 -67.86 5.82 3.34
C ASP D 451 -66.38 5.82 2.93
N LEU D 452 -65.66 6.91 3.22
CA LEU D 452 -64.24 6.98 2.89
C LEU D 452 -63.45 5.91 3.64
N TYR D 453 -63.74 5.74 4.92
CA TYR D 453 -63.12 4.64 5.67
C TYR D 453 -63.43 3.32 5.02
N LYS D 454 -64.67 3.13 4.56
CA LYS D 454 -65.04 1.87 3.91
C LYS D 454 -64.25 1.68 2.62
N ARG D 455 -64.11 2.75 1.82
CA ARG D 455 -63.35 2.64 0.58
C ARG D 455 -61.88 2.35 0.84
N MET D 456 -61.27 2.98 1.87
CA MET D 456 -59.84 2.76 2.06
C MET D 456 -59.54 1.36 2.57
N SER D 457 -60.36 0.84 3.49
CA SER D 457 -60.09 -0.52 3.97
C SER D 457 -60.29 -1.56 2.86
N LYS D 458 -61.23 -1.32 1.94
CA LYS D 458 -61.42 -2.24 0.82
C LYS D 458 -60.25 -2.18 -0.16
N LEU D 459 -59.76 -0.96 -0.45
CA LEU D 459 -58.58 -0.82 -1.30
C LEU D 459 -57.38 -1.55 -0.69
N ARG D 460 -57.19 -1.40 0.62
CA ARG D 460 -56.07 -2.07 1.26
C ARG D 460 -56.25 -3.58 1.25
N LYS D 461 -57.48 -4.06 1.44
CA LYS D 461 -57.70 -5.50 1.41
C LYS D 461 -57.51 -6.08 0.01
N ALA D 462 -57.73 -5.29 -1.03
CA ALA D 462 -57.68 -5.79 -2.40
C ALA D 462 -56.30 -5.65 -3.07
N HIS D 463 -55.36 -4.90 -2.48
CA HIS D 463 -54.11 -4.60 -3.17
C HIS D 463 -52.94 -4.87 -2.25
N GLN D 464 -52.12 -5.86 -2.65
CA GLN D 464 -51.02 -6.31 -1.80
C GLN D 464 -49.98 -5.21 -1.58
N ALA D 465 -49.86 -4.27 -2.52
CA ALA D 465 -48.88 -3.20 -2.36
C ALA D 465 -49.23 -2.30 -1.18
N LEU D 466 -50.51 -2.18 -0.83
CA LEU D 466 -50.87 -1.41 0.34
C LEU D 466 -50.58 -2.13 1.65
N ARG D 467 -50.32 -3.44 1.63
CA ARG D 467 -50.04 -4.22 2.83
C ARG D 467 -48.61 -4.75 2.95
N TYR D 468 -47.95 -5.09 1.83
CA TYR D 468 -46.62 -5.68 1.85
C TYR D 468 -45.56 -4.84 1.16
N GLY D 469 -45.94 -3.69 0.63
CA GLY D 469 -45.07 -2.97 -0.26
C GLY D 469 -44.03 -2.13 0.45
N GLY D 470 -42.92 -1.94 -0.25
CA GLY D 470 -42.04 -0.85 0.07
C GLY D 470 -42.75 0.46 -0.19
N CYS D 471 -42.08 1.54 0.20
CA CYS D 471 -42.62 2.88 0.08
C CYS D 471 -41.49 3.80 -0.33
N GLN D 472 -41.71 4.57 -1.37
CA GLN D 472 -40.73 5.50 -1.91
C GLN D 472 -41.40 6.84 -2.09
N VAL D 473 -40.85 7.88 -1.46
CA VAL D 473 -41.32 9.23 -1.72
C VAL D 473 -40.83 9.70 -3.07
N ILE D 474 -41.76 10.12 -3.92
CA ILE D 474 -41.49 10.60 -5.26
C ILE D 474 -41.34 12.13 -5.28
N TYR D 475 -42.11 12.83 -4.44
CA TYR D 475 -42.19 14.28 -4.49
C TYR D 475 -42.63 14.81 -3.13
N ALA D 476 -41.95 15.85 -2.64
CA ALA D 476 -42.32 16.45 -1.34
C ALA D 476 -41.92 17.93 -1.35
N GLU D 477 -42.85 18.80 -1.73
CA GLU D 477 -42.57 20.22 -1.77
C GLU D 477 -43.78 21.00 -1.27
N ASP D 478 -43.54 21.91 -0.32
CA ASP D 478 -44.58 22.80 0.17
C ASP D 478 -45.80 22.00 0.63
N ASN D 479 -46.89 22.08 -0.13
CA ASN D 479 -48.15 21.47 0.25
C ASN D 479 -48.34 20.04 -0.25
N VAL D 480 -47.52 19.54 -1.16
CA VAL D 480 -47.82 18.31 -1.88
C VAL D 480 -46.84 17.20 -1.48
N VAL D 481 -47.39 16.04 -1.16
CA VAL D 481 -46.61 14.82 -0.94
C VAL D 481 -47.05 13.81 -1.98
N VAL D 482 -46.08 13.15 -2.62
CA VAL D 482 -46.37 12.09 -3.57
C VAL D 482 -45.42 10.95 -3.26
N PHE D 483 -45.96 9.78 -2.88
CA PHE D 483 -45.16 8.58 -2.71
C PHE D 483 -45.82 7.41 -3.43
N VAL D 484 -45.05 6.35 -3.62
CA VAL D 484 -45.53 5.16 -4.31
C VAL D 484 -45.19 3.96 -3.45
N ARG D 485 -46.14 3.04 -3.33
CA ARG D 485 -45.92 1.72 -2.76
C ARG D 485 -45.60 0.73 -3.87
N VAL D 486 -44.63 -0.15 -3.61
CA VAL D 486 -44.01 -1.01 -4.62
C VAL D 486 -44.02 -2.45 -4.13
N TYR D 487 -44.57 -3.37 -4.94
CA TYR D 487 -44.56 -4.80 -4.57
C TYR D 487 -44.65 -5.63 -5.84
N LYS D 488 -43.57 -6.33 -6.18
CA LYS D 488 -43.49 -7.13 -7.41
C LYS D 488 -43.78 -6.20 -8.57
N GLN D 489 -44.78 -6.47 -9.41
CA GLN D 489 -45.13 -5.60 -10.52
C GLN D 489 -46.08 -4.49 -10.14
N GLN D 490 -46.67 -4.54 -8.95
CA GLN D 490 -47.75 -3.64 -8.59
C GLN D 490 -47.21 -2.31 -8.06
N ARG D 491 -47.87 -1.22 -8.45
CA ARG D 491 -47.58 0.12 -7.96
C ARG D 491 -48.86 0.79 -7.48
N VAL D 492 -48.77 1.46 -6.33
CA VAL D 492 -49.84 2.29 -5.80
C VAL D 492 -49.28 3.68 -5.63
N LEU D 493 -49.81 4.64 -6.38
CA LEU D 493 -49.37 6.03 -6.31
C LEU D 493 -50.33 6.85 -5.44
N VAL D 494 -49.81 7.61 -4.49
CA VAL D 494 -50.61 8.41 -3.56
C VAL D 494 -50.15 9.86 -3.63
N ALA D 495 -51.10 10.77 -3.85
CA ALA D 495 -50.80 12.20 -3.97
C ALA D 495 -51.65 12.96 -2.97
N ILE D 496 -51.00 13.74 -2.11
CA ILE D 496 -51.67 14.51 -1.07
C ILE D 496 -51.34 15.98 -1.25
N ASN D 497 -52.37 16.81 -1.30
CA ASN D 497 -52.23 18.25 -1.48
C ASN D 497 -53.00 18.90 -0.33
N ARG D 498 -52.28 19.54 0.59
CA ARG D 498 -52.93 20.14 1.74
C ARG D 498 -53.47 21.55 1.47
N GLY D 499 -53.05 22.17 0.37
CA GLY D 499 -53.37 23.55 0.08
C GLY D 499 -54.17 23.78 -1.19
N GLU D 500 -53.91 24.93 -1.84
CA GLU D 500 -54.64 25.30 -3.04
C GLU D 500 -54.48 24.25 -4.15
N ALA D 501 -55.44 24.25 -5.07
CA ALA D 501 -55.35 23.40 -6.25
C ALA D 501 -54.09 23.73 -7.02
N CYS D 502 -53.44 22.71 -7.56
CA CYS D 502 -52.16 22.94 -8.21
C CYS D 502 -51.88 21.81 -9.19
N GLU D 503 -50.85 22.02 -10.00
CA GLU D 503 -50.28 21.02 -10.87
C GLU D 503 -48.86 20.77 -10.40
N VAL D 504 -48.41 19.53 -10.55
CA VAL D 504 -47.12 19.09 -10.04
C VAL D 504 -46.47 18.28 -11.13
N VAL D 505 -45.24 18.63 -11.48
CA VAL D 505 -44.47 17.91 -12.48
C VAL D 505 -43.72 16.77 -11.78
N ILE D 506 -43.94 15.55 -12.25
CA ILE D 506 -43.29 14.38 -11.67
C ILE D 506 -42.20 13.96 -12.64
N GLU D 507 -40.94 14.01 -12.20
CA GLU D 507 -39.86 13.54 -13.06
C GLU D 507 -40.07 12.08 -13.44
N ASP D 508 -39.59 11.72 -14.63
CA ASP D 508 -39.62 10.33 -15.01
C ASP D 508 -38.90 9.50 -13.96
N SER D 509 -39.53 8.38 -13.57
CA SER D 509 -39.03 7.51 -12.52
C SER D 509 -39.24 6.06 -12.95
N PRO D 510 -38.21 5.22 -12.86
CA PRO D 510 -38.39 3.80 -13.23
C PRO D 510 -39.35 3.06 -12.31
N LEU D 511 -39.60 3.59 -11.12
CA LEU D 511 -40.61 3.02 -10.24
C LEU D 511 -42.00 3.28 -10.76
N LEU D 512 -42.17 4.32 -11.60
CA LEU D 512 -43.44 4.73 -12.15
C LEU D 512 -43.60 4.34 -13.61
N ASP D 513 -42.74 3.45 -14.10
CA ASP D 513 -42.77 3.01 -15.49
C ASP D 513 -43.77 1.87 -15.61
N VAL D 514 -45.04 2.21 -15.82
CA VAL D 514 -46.11 1.23 -15.83
C VAL D 514 -46.90 1.40 -17.12
N ASN D 515 -47.65 0.37 -17.47
CA ASN D 515 -48.55 0.45 -18.63
C ASN D 515 -49.49 1.63 -18.50
N GLY D 516 -50.21 1.70 -17.39
CA GLY D 516 -51.07 2.83 -17.16
C GLY D 516 -51.52 2.81 -15.72
N TRP D 517 -52.33 3.81 -15.40
CA TRP D 517 -52.80 4.02 -14.05
C TRP D 517 -54.32 4.10 -14.02
N GLN D 518 -54.91 3.46 -13.02
CA GLN D 518 -56.34 3.53 -12.75
C GLN D 518 -56.55 4.32 -11.47
N LEU D 519 -57.23 5.46 -11.58
CA LEU D 519 -57.64 6.25 -10.43
C LEU D 519 -58.72 5.52 -9.63
N LYS D 520 -58.48 5.29 -8.33
CA LYS D 520 -59.46 4.60 -7.49
C LYS D 520 -59.96 5.40 -6.28
N GLU D 521 -59.36 6.55 -5.98
CA GLU D 521 -59.80 7.40 -4.88
C GLU D 521 -59.38 8.82 -5.22
N GLY D 522 -60.30 9.78 -5.02
CA GLY D 522 -60.01 11.17 -5.28
C GLY D 522 -60.31 11.58 -6.70
N ALA D 523 -60.06 12.86 -6.98
CA ALA D 523 -60.38 13.46 -8.26
C ALA D 523 -59.15 14.07 -8.93
N GLY D 524 -57.98 13.50 -8.64
CA GLY D 524 -56.75 13.93 -9.28
C GLY D 524 -56.63 13.36 -10.66
N ALA D 525 -55.69 13.91 -11.43
CA ALA D 525 -55.51 13.53 -12.82
C ALA D 525 -54.03 13.31 -13.09
N LEU D 526 -53.69 12.18 -13.67
CA LEU D 526 -52.31 11.88 -14.04
C LEU D 526 -52.21 11.80 -15.56
N HIS D 527 -51.36 12.64 -16.15
CA HIS D 527 -51.30 12.79 -17.60
C HIS D 527 -50.00 13.46 -17.99
N ASP D 528 -49.13 12.72 -18.68
CA ASP D 528 -47.87 13.22 -19.24
C ASP D 528 -46.95 13.78 -18.16
N GLY D 529 -46.70 12.96 -17.15
CA GLY D 529 -45.78 13.34 -16.09
C GLY D 529 -46.30 14.43 -15.18
N VAL D 530 -47.54 14.86 -15.38
CA VAL D 530 -48.12 15.97 -14.65
C VAL D 530 -49.25 15.41 -13.79
N LEU D 531 -49.25 15.81 -12.53
CA LEU D 531 -50.32 15.51 -11.61
C LEU D 531 -51.16 16.77 -11.45
N THR D 532 -52.45 16.68 -11.74
CA THR D 532 -53.36 17.78 -11.49
C THR D 532 -54.14 17.45 -10.22
N LEU D 533 -53.90 18.23 -9.16
CA LEU D 533 -54.39 17.92 -7.82
C LEU D 533 -55.42 18.95 -7.36
N PRO D 534 -56.66 18.57 -7.08
CA PRO D 534 -57.61 19.53 -6.51
C PRO D 534 -57.12 20.03 -5.16
N ALA D 535 -57.71 21.16 -4.75
CA ALA D 535 -57.38 21.71 -3.45
C ALA D 535 -57.81 20.74 -2.34
N ILE D 536 -56.96 20.63 -1.31
CA ILE D 536 -57.28 19.86 -0.11
C ILE D 536 -57.78 18.47 -0.50
N SER D 537 -56.93 17.67 -1.13
CA SER D 537 -57.34 16.42 -1.74
C SER D 537 -56.27 15.35 -1.51
N ALA D 538 -56.69 14.09 -1.70
CA ALA D 538 -55.80 12.94 -1.71
C ALA D 538 -56.25 12.01 -2.82
N SER D 539 -55.31 11.50 -3.60
CA SER D 539 -55.62 10.68 -4.76
C SER D 539 -54.79 9.41 -4.73
N VAL D 540 -55.43 8.30 -5.10
CA VAL D 540 -54.77 7.01 -5.10
C VAL D 540 -54.98 6.43 -6.48
N TRP D 541 -53.88 6.10 -7.15
CA TRP D 541 -53.87 5.37 -8.41
C TRP D 541 -53.27 3.98 -8.19
N PHE D 542 -53.79 3.02 -8.93
CA PHE D 542 -53.27 1.66 -8.93
C PHE D 542 -52.79 1.34 -10.34
N SER D 543 -51.66 0.66 -10.43
CA SER D 543 -51.13 0.31 -11.73
C SER D 543 -52.03 -0.76 -12.35
N ARG D 544 -52.27 -0.64 -13.65
CA ARG D 544 -53.15 -1.62 -14.31
C ARG D 544 -52.35 -2.75 -14.97
#